data_3MPS
#
_entry.id   3MPS
#
_cell.length_a   80.398
_cell.length_b   105.164
_cell.length_c   105.220
_cell.angle_alpha   90.00
_cell.angle_beta   90.13
_cell.angle_gamma   90.00
#
_symmetry.space_group_name_H-M   'P 1 21 1'
#
loop_
_entity.id
_entity.type
_entity.pdbx_description
1 polymer Rubrerythrin
2 non-polymer 'FE (III) ION'
3 non-polymer MU-OXO-DIIRON
4 non-polymer 'HYDROGEN PEROXIDE'
5 water water
#
_entity_poly.entity_id   1
_entity_poly.type   'polypeptide(L)'
_entity_poly.pdbx_seq_one_letter_code
;VVKRTMTKKFLEEAFAGESMAHMRYLIFAEKAEQEGFPNIAKLFRAIAYAEFVHAKNHFIALGKLGKTPENLQMGIEGET
FEVEEMYPVYNKAAEFQGEKEAVRTTHYALEAEKIHAELYRKAKEKAEKGEDIEIKKVYICPICGYTAVDEAPEYCPVCG
APKEKFVVFE
;
_entity_poly.pdbx_strand_id   A,B,D,F,G,H,I,K
#
loop_
_chem_comp.id
_chem_comp.type
_chem_comp.name
_chem_comp.formula
FE non-polymer 'FE (III) ION' 'Fe 3'
FEO non-polymer MU-OXO-DIIRON 'Fe2 O'
PEO non-polymer 'HYDROGEN PEROXIDE' 'H2 O2'
#
# COMPACT_ATOMS: atom_id res chain seq x y z
N VAL A 1 -4.17 -4.22 17.27
CA VAL A 1 -3.34 -3.40 16.33
C VAL A 1 -3.72 -1.93 16.44
N VAL A 2 -2.71 -1.07 16.63
CA VAL A 2 -2.91 0.35 16.64
C VAL A 2 -3.13 0.83 15.21
N LYS A 3 -4.18 1.60 15.01
CA LYS A 3 -4.65 2.02 13.69
C LYS A 3 -4.47 3.52 13.39
N ARG A 4 -4.69 4.39 14.39
CA ARG A 4 -4.59 5.85 14.18
C ARG A 4 -3.17 6.33 13.84
N THR A 5 -3.08 7.22 12.85
CA THR A 5 -1.81 7.59 12.21
C THR A 5 -0.77 8.16 13.19
N MET A 6 -1.17 9.16 13.97
CA MET A 6 -0.23 9.83 14.89
C MET A 6 0.30 8.87 15.94
N THR A 7 -0.64 8.14 16.56
CA THR A 7 -0.32 7.14 17.57
C THR A 7 0.57 6.03 17.02
N LYS A 8 0.23 5.56 15.82
CA LYS A 8 1.07 4.61 15.11
C LYS A 8 2.47 5.18 14.89
N LYS A 9 2.55 6.40 14.33
CA LYS A 9 3.84 7.10 14.19
C LYS A 9 4.59 7.18 15.51
N PHE A 10 3.87 7.52 16.57
CA PHE A 10 4.50 7.68 17.89
C PHE A 10 5.05 6.36 18.44
N LEU A 11 4.30 5.26 18.26
CA LEU A 11 4.78 3.94 18.65
C LEU A 11 5.97 3.48 17.85
N GLU A 12 6.03 3.87 16.58
CA GLU A 12 7.15 3.54 15.70
C GLU A 12 8.42 4.28 16.17
N GLU A 13 8.25 5.55 16.55
CA GLU A 13 9.32 6.37 17.13
C GLU A 13 9.85 5.80 18.44
N ALA A 14 8.92 5.55 19.36
CA ALA A 14 9.22 4.90 20.63
C ALA A 14 9.88 3.53 20.46
N PHE A 15 9.50 2.77 19.42
CA PHE A 15 10.18 1.50 19.11
C PHE A 15 11.67 1.71 18.75
N ALA A 16 11.92 2.70 17.90
CA ALA A 16 13.26 3.01 17.43
C ALA A 16 14.09 3.56 18.58
N GLY A 17 13.45 4.33 19.44
CA GLY A 17 14.09 4.99 20.59
C GLY A 17 14.46 4.01 21.69
N GLU A 18 13.60 3.00 21.89
CA GLU A 18 13.89 1.93 22.85
C GLU A 18 14.87 0.92 22.29
N SER A 19 14.83 0.73 20.97
CA SER A 19 15.83 -0.08 20.31
C SER A 19 17.22 0.52 20.53
N MET A 20 17.34 1.82 20.37
CA MET A 20 18.63 2.49 20.49
C MET A 20 19.13 2.56 21.93
N ALA A 21 18.22 2.69 22.90
CA ALA A 21 18.59 2.72 24.32
C ALA A 21 19.05 1.33 24.74
N HIS A 22 18.27 0.32 24.37
CA HIS A 22 18.67 -1.07 24.61
C HIS A 22 20.07 -1.33 24.08
N MET A 23 20.33 -0.88 22.85
CA MET A 23 21.63 -1.08 22.20
C MET A 23 22.76 -0.34 22.91
N ARG A 24 22.57 0.96 23.14
CA ARG A 24 23.54 1.75 23.90
C ARG A 24 23.93 1.00 25.17
N TYR A 25 22.93 0.62 25.97
CA TYR A 25 23.17 -0.04 27.27
C TYR A 25 23.94 -1.34 27.15
N LEU A 26 23.73 -2.07 26.05
CA LEU A 26 24.50 -3.28 25.75
C LEU A 26 25.96 -2.94 25.48
N ILE A 27 26.17 -1.90 24.68
CA ILE A 27 27.50 -1.39 24.36
C ILE A 27 28.17 -0.84 25.64
N PHE A 28 27.40 -0.12 26.46
CA PHE A 28 27.87 0.40 27.76
C PHE A 28 28.19 -0.71 28.77
N ALA A 29 27.51 -1.86 28.67
CA ALA A 29 27.74 -2.99 29.58
C ALA A 29 29.11 -3.61 29.31
N GLU A 30 29.40 -3.82 28.04
CA GLU A 30 30.69 -4.28 27.59
C GLU A 30 31.83 -3.38 28.06
N LYS A 31 31.65 -2.06 27.91
CA LYS A 31 32.64 -1.09 28.38
C LYS A 31 32.83 -1.12 29.90
N ALA A 32 31.75 -1.23 30.65
CA ALA A 32 31.80 -1.34 32.11
C ALA A 32 32.58 -2.58 32.57
N GLU A 33 32.25 -3.73 31.99
CA GLU A 33 32.99 -4.99 32.24
C GLU A 33 34.49 -4.85 31.96
N GLN A 34 34.83 -4.21 30.84
CA GLN A 34 36.22 -3.94 30.48
C GLN A 34 36.95 -3.03 31.47
N GLU A 35 36.25 -2.00 31.96
CA GLU A 35 36.86 -1.04 32.89
C GLU A 35 36.84 -1.54 34.33
N GLY A 36 36.35 -2.76 34.53
CA GLY A 36 36.41 -3.44 35.85
C GLY A 36 35.25 -3.12 36.78
N PHE A 37 34.10 -2.84 36.21
CA PHE A 37 32.89 -2.57 36.98
C PHE A 37 31.83 -3.60 36.59
N PRO A 38 31.90 -4.82 37.16
CA PRO A 38 30.96 -5.87 36.73
C PRO A 38 29.51 -5.70 37.22
N ASN A 39 29.30 -5.10 38.38
CA ASN A 39 27.92 -4.87 38.84
C ASN A 39 27.22 -3.78 38.03
N ILE A 40 27.99 -2.78 37.60
CA ILE A 40 27.48 -1.76 36.68
C ILE A 40 27.12 -2.39 35.32
N ALA A 41 27.95 -3.32 34.83
CA ALA A 41 27.66 -4.02 33.58
C ALA A 41 26.34 -4.80 33.66
N LYS A 42 26.16 -5.52 34.78
CA LYS A 42 24.92 -6.24 35.08
C LYS A 42 23.71 -5.31 35.13
N LEU A 43 23.88 -4.13 35.74
CA LEU A 43 22.87 -3.05 35.73
C LEU A 43 22.44 -2.64 34.33
N PHE A 44 23.43 -2.37 33.48
CA PHE A 44 23.18 -1.97 32.11
C PHE A 44 22.40 -3.06 31.38
N ARG A 45 22.79 -4.32 31.59
CA ARG A 45 22.17 -5.45 30.87
C ARG A 45 20.75 -5.72 31.32
N ALA A 46 20.50 -5.51 32.61
CA ALA A 46 19.17 -5.64 33.18
C ALA A 46 18.22 -4.55 32.64
N ILE A 47 18.72 -3.31 32.62
CA ILE A 47 17.95 -2.20 32.08
C ILE A 47 17.86 -2.33 30.58
N ALA A 48 18.88 -2.90 29.93
CA ALA A 48 18.78 -3.18 28.50
C ALA A 48 17.58 -4.11 28.22
N TYR A 49 17.41 -5.14 29.07
CA TYR A 49 16.23 -6.03 28.96
C TYR A 49 14.90 -5.31 29.26
N ALA A 50 14.90 -4.37 30.20
CA ALA A 50 13.73 -3.56 30.45
C ALA A 50 13.28 -2.87 29.16
N GLU A 51 14.23 -2.28 28.44
CA GLU A 51 13.94 -1.57 27.17
C GLU A 51 13.53 -2.53 26.04
N PHE A 52 14.03 -3.76 26.09
CA PHE A 52 13.58 -4.79 25.16
C PHE A 52 12.07 -5.00 25.36
N VAL A 53 11.64 -5.07 26.62
CA VAL A 53 10.22 -5.30 26.94
C VAL A 53 9.36 -4.13 26.40
N HIS A 54 9.83 -2.91 26.63
CA HIS A 54 9.14 -1.72 26.10
C HIS A 54 9.06 -1.69 24.57
N ALA A 55 10.18 -1.91 23.90
CA ALA A 55 10.21 -1.97 22.43
C ALA A 55 9.29 -3.09 21.94
N LYS A 56 9.41 -4.27 22.53
CA LYS A 56 8.55 -5.42 22.18
C LYS A 56 7.07 -5.11 22.38
N ASN A 57 6.72 -4.46 23.48
CA ASN A 57 5.34 -4.06 23.74
C ASN A 57 4.81 -3.15 22.62
N HIS A 58 5.58 -2.11 22.29
CA HIS A 58 5.25 -1.21 21.18
C HIS A 58 5.12 -1.96 19.83
N PHE A 59 6.08 -2.83 19.55
CA PHE A 59 6.12 -3.65 18.33
C PHE A 59 4.85 -4.47 18.17
N ILE A 60 4.48 -5.21 19.22
CA ILE A 60 3.27 -6.05 19.25
C ILE A 60 1.99 -5.19 19.13
N ALA A 61 2.00 -4.02 19.77
CA ALA A 61 0.90 -3.06 19.65
C ALA A 61 0.70 -2.58 18.22
N LEU A 62 1.79 -2.39 17.47
CA LEU A 62 1.70 -2.01 16.04
C LEU A 62 1.25 -3.20 15.16
N GLY A 63 1.22 -4.40 15.74
CA GLY A 63 0.80 -5.61 15.00
C GLY A 63 1.90 -6.18 14.12
N LYS A 64 3.15 -5.98 14.55
CA LYS A 64 4.30 -6.37 13.72
C LYS A 64 4.89 -7.76 14.03
N LEU A 65 4.44 -8.35 15.14
CA LEU A 65 4.89 -9.69 15.53
C LEU A 65 3.95 -10.74 14.96
N GLY A 66 4.47 -11.62 14.12
CA GLY A 66 3.67 -12.67 13.50
C GLY A 66 4.22 -14.03 13.89
N LYS A 67 3.86 -15.05 13.11
CA LYS A 67 4.46 -16.39 13.20
C LYS A 67 5.87 -16.37 12.59
N THR A 68 6.64 -17.41 12.88
CA THR A 68 8.05 -17.47 12.49
C THR A 68 8.30 -17.30 10.98
N PRO A 69 7.55 -18.03 10.10
CA PRO A 69 7.81 -17.79 8.67
C PRO A 69 7.56 -16.32 8.24
N GLU A 70 6.50 -15.70 8.77
CA GLU A 70 6.22 -14.27 8.54
C GLU A 70 7.31 -13.37 9.15
N ASN A 71 7.78 -13.71 10.34
CA ASN A 71 8.88 -12.98 11.01
C ASN A 71 10.22 -13.14 10.28
N LEU A 72 10.43 -14.31 9.71
CA LEU A 72 11.61 -14.54 8.90
C LEU A 72 11.58 -13.67 7.63
N GLN A 73 10.39 -13.52 7.04
CA GLN A 73 10.17 -12.71 5.83
C GLN A 73 10.38 -11.19 6.05
N MET A 74 9.97 -10.67 7.21
CA MET A 74 10.21 -9.28 7.57
C MET A 74 11.72 -9.06 7.63
N GLY A 75 12.42 -10.04 8.21
CA GLY A 75 13.87 -10.10 8.26
C GLY A 75 14.57 -10.19 6.91
N ILE A 76 13.98 -10.93 5.98
CA ILE A 76 14.49 -11.03 4.61
C ILE A 76 14.39 -9.67 3.94
N GLU A 77 13.24 -9.02 4.13
CA GLU A 77 13.02 -7.72 3.56
C GLU A 77 13.96 -6.68 4.18
N GLY A 78 14.09 -6.68 5.49
CA GLY A 78 15.04 -5.81 6.21
C GLY A 78 16.48 -5.99 5.77
N GLU A 79 16.93 -7.24 5.67
CA GLU A 79 18.34 -7.51 5.32
C GLU A 79 18.64 -7.05 3.88
N THR A 80 17.72 -7.37 2.97
CA THR A 80 17.79 -6.95 1.57
C THR A 80 17.97 -5.44 1.46
N PHE A 81 17.06 -4.69 2.06
CA PHE A 81 17.22 -3.24 2.13
C PHE A 81 18.59 -2.80 2.65
N GLU A 82 19.03 -3.34 3.77
CA GLU A 82 20.34 -2.95 4.31
C GLU A 82 21.50 -3.19 3.34
N VAL A 83 21.49 -4.35 2.68
CA VAL A 83 22.64 -4.77 1.88
C VAL A 83 22.58 -4.34 0.40
N GLU A 84 21.36 -4.14 -0.11
CA GLU A 84 21.15 -3.74 -1.49
C GLU A 84 21.03 -2.23 -1.69
N GLU A 85 20.55 -1.55 -0.64
CA GLU A 85 20.26 -0.12 -0.77
C GLU A 85 21.11 0.74 0.18
N MET A 86 20.94 0.52 1.46
CA MET A 86 21.43 1.46 2.49
C MET A 86 22.95 1.47 2.63
N TYR A 87 23.55 0.29 2.82
CA TYR A 87 24.99 0.21 3.02
C TYR A 87 25.82 0.60 1.77
N PRO A 88 25.46 0.10 0.58
CA PRO A 88 26.18 0.54 -0.62
C PRO A 88 26.24 2.07 -0.79
N VAL A 89 25.12 2.75 -0.54
CA VAL A 89 25.04 4.21 -0.69
C VAL A 89 25.83 4.93 0.41
N TYR A 90 25.63 4.50 1.66
CA TYR A 90 26.31 5.02 2.82
C TYR A 90 27.83 4.84 2.68
N ASN A 91 28.25 3.66 2.24
CA ASN A 91 29.67 3.39 2.00
C ASN A 91 30.25 4.37 0.98
N LYS A 92 29.55 4.50 -0.13
CA LYS A 92 29.93 5.40 -1.21
C LYS A 92 30.01 6.86 -0.73
N ALA A 93 29.04 7.27 0.08
CA ALA A 93 28.99 8.65 0.60
C ALA A 93 30.13 8.93 1.58
N ALA A 94 30.46 7.96 2.42
CA ALA A 94 31.61 8.02 3.32
C ALA A 94 32.93 8.14 2.56
N GLU A 95 33.02 7.43 1.45
CA GLU A 95 34.24 7.44 0.61
C GLU A 95 34.38 8.79 -0.08
N PHE A 96 33.30 9.23 -0.69
CA PHE A 96 33.19 10.54 -1.31
C PHE A 96 33.50 11.71 -0.35
N GLN A 97 33.14 11.55 0.92
CA GLN A 97 33.35 12.58 1.92
C GLN A 97 34.66 12.39 2.68
N GLY A 98 35.36 11.32 2.38
CA GLY A 98 36.67 11.04 2.98
C GLY A 98 36.60 10.67 4.44
N GLU A 99 35.52 9.99 4.83
CA GLU A 99 35.32 9.62 6.23
C GLU A 99 35.74 8.18 6.53
N LYS A 100 37.01 8.02 6.87
CA LYS A 100 37.66 6.70 6.86
C LYS A 100 37.06 5.66 7.81
N GLU A 101 36.74 6.06 9.03
CA GLU A 101 36.10 5.16 9.99
C GLU A 101 34.76 4.67 9.49
N ALA A 102 34.00 5.58 8.88
CA ALA A 102 32.69 5.29 8.32
C ALA A 102 32.80 4.43 7.06
N VAL A 103 33.91 4.58 6.34
CA VAL A 103 34.21 3.68 5.22
C VAL A 103 34.41 2.26 5.78
N ARG A 104 35.17 2.17 6.87
CA ARG A 104 35.40 0.90 7.57
C ARG A 104 34.10 0.22 8.05
N THR A 105 33.25 0.96 8.77
CA THR A 105 32.10 0.33 9.45
C THR A 105 31.05 -0.12 8.43
N THR A 106 30.93 0.65 7.35
CA THR A 106 29.96 0.34 6.31
C THR A 106 30.51 -0.71 5.40
N HIS A 107 31.83 -0.71 5.17
CA HIS A 107 32.49 -1.78 4.40
C HIS A 107 32.32 -3.15 5.07
N TYR A 108 32.59 -3.19 6.37
CA TYR A 108 32.38 -4.41 7.18
C TYR A 108 30.96 -4.93 7.03
N ALA A 109 29.99 -4.03 7.18
CA ALA A 109 28.59 -4.38 7.06
C ALA A 109 28.24 -4.84 5.64
N LEU A 110 28.71 -4.11 4.64
CA LEU A 110 28.43 -4.45 3.26
C LEU A 110 28.89 -5.87 2.90
N GLU A 111 30.02 -6.31 3.47
CA GLU A 111 30.53 -7.65 3.19
C GLU A 111 30.01 -8.73 4.16
N ALA A 112 29.52 -8.31 5.32
CA ALA A 112 29.06 -9.23 6.36
C ALA A 112 27.55 -9.51 6.37
N GLU A 113 26.77 -8.63 5.73
CA GLU A 113 25.31 -8.66 5.76
C GLU A 113 24.66 -9.62 4.76
N LYS A 114 25.31 -9.82 3.61
CA LYS A 114 24.73 -10.60 2.50
C LYS A 114 24.13 -11.94 2.94
N ILE A 115 24.95 -12.77 3.59
CA ILE A 115 24.53 -14.09 4.08
C ILE A 115 23.25 -14.12 4.92
N HIS A 116 22.98 -13.05 5.68
CA HIS A 116 21.81 -12.98 6.58
C HIS A 116 20.52 -13.31 5.84
N ALA A 117 20.24 -12.55 4.79
CA ALA A 117 18.99 -12.65 4.04
C ALA A 117 18.83 -14.08 3.50
N GLU A 118 19.94 -14.62 3.01
CA GLU A 118 20.04 -16.00 2.55
C GLU A 118 19.69 -17.02 3.63
N LEU A 119 20.27 -16.86 4.82
CA LEU A 119 20.01 -17.75 5.96
C LEU A 119 18.56 -17.66 6.42
N TYR A 120 17.96 -16.47 6.36
CA TYR A 120 16.55 -16.30 6.71
C TYR A 120 15.64 -16.92 5.66
N ARG A 121 16.03 -16.82 4.40
CA ARG A 121 15.35 -17.48 3.30
C ARG A 121 15.24 -18.99 3.55
N LYS A 122 16.38 -19.64 3.78
CA LYS A 122 16.43 -21.09 4.05
C LYS A 122 15.54 -21.43 5.22
N ALA A 123 15.69 -20.68 6.31
CA ALA A 123 14.94 -20.92 7.53
C ALA A 123 13.44 -20.93 7.30
N LYS A 124 12.97 -19.95 6.52
CA LYS A 124 11.55 -19.76 6.20
C LYS A 124 11.00 -20.92 5.38
N GLU A 125 11.82 -21.48 4.50
CA GLU A 125 11.40 -22.63 3.70
C GLU A 125 11.14 -23.83 4.60
N LYS A 126 12.02 -24.05 5.56
CA LYS A 126 11.84 -25.18 6.47
C LYS A 126 10.76 -24.92 7.53
N ALA A 127 10.66 -23.68 8.00
CA ALA A 127 9.64 -23.28 9.01
C ALA A 127 8.20 -23.24 8.47
N GLU A 128 8.06 -23.03 7.17
CA GLU A 128 6.75 -23.06 6.51
C GLU A 128 6.33 -24.50 6.18
N LYS A 129 7.31 -25.41 6.10
CA LYS A 129 7.03 -26.85 6.01
C LYS A 129 6.75 -27.44 7.39
N GLY A 130 6.68 -26.57 8.40
CA GLY A 130 6.46 -26.98 9.79
C GLY A 130 7.64 -27.70 10.41
N GLU A 131 8.85 -27.27 10.05
CA GLU A 131 10.05 -27.90 10.58
C GLU A 131 11.05 -26.86 11.06
N ASP A 132 11.96 -27.27 11.93
CA ASP A 132 13.05 -26.41 12.37
C ASP A 132 14.22 -26.58 11.39
N ILE A 133 15.11 -25.61 11.36
CA ILE A 133 16.35 -25.76 10.60
C ILE A 133 17.27 -26.72 11.35
N GLU A 134 18.22 -27.32 10.62
CA GLU A 134 19.15 -28.27 11.20
C GLU A 134 20.57 -27.70 11.31
N ILE A 135 20.74 -26.72 12.22
CA ILE A 135 22.04 -26.09 12.41
C ILE A 135 22.62 -26.41 13.79
N LYS A 136 23.94 -26.47 13.89
CA LYS A 136 24.57 -26.79 15.16
C LYS A 136 24.98 -25.52 15.92
N LYS A 137 25.91 -24.76 15.33
CA LYS A 137 26.37 -23.51 15.94
C LYS A 137 26.46 -22.41 14.88
N VAL A 138 26.57 -21.17 15.34
CA VAL A 138 26.79 -20.04 14.45
C VAL A 138 27.97 -19.25 15.03
N TYR A 139 28.92 -18.91 14.15
CA TYR A 139 30.08 -18.09 14.47
C TYR A 139 29.79 -16.65 14.06
N ILE A 140 30.05 -15.71 14.95
CA ILE A 140 30.03 -14.28 14.60
C ILE A 140 31.35 -13.62 14.96
N CYS A 141 31.96 -12.98 13.97
CA CYS A 141 33.13 -12.15 14.20
C CYS A 141 32.80 -10.91 15.07
N PRO A 142 33.47 -10.79 16.23
CA PRO A 142 33.23 -9.64 17.12
C PRO A 142 33.70 -8.28 16.55
N ILE A 143 34.48 -8.32 15.47
CA ILE A 143 35.10 -7.10 14.92
C ILE A 143 34.22 -6.49 13.85
N CYS A 144 33.80 -7.33 12.92
CA CYS A 144 33.15 -6.88 11.70
C CYS A 144 31.82 -7.58 11.43
N GLY A 145 31.39 -8.47 12.32
CA GLY A 145 30.04 -9.06 12.23
C GLY A 145 29.88 -10.20 11.24
N TYR A 146 30.96 -10.55 10.53
CA TYR A 146 30.95 -11.70 9.60
C TYR A 146 30.29 -12.91 10.27
N THR A 147 29.47 -13.63 9.50
CA THR A 147 28.54 -14.62 10.01
C THR A 147 28.64 -15.92 9.25
N ALA A 148 28.82 -17.01 10.00
CA ALA A 148 28.90 -18.35 9.42
C ALA A 148 28.18 -19.37 10.28
N VAL A 149 27.36 -20.21 9.63
CA VAL A 149 26.74 -21.36 10.30
C VAL A 149 27.50 -22.69 10.06
N ASP A 150 27.67 -23.41 11.16
CA ASP A 150 28.14 -24.81 11.19
C ASP A 150 29.64 -24.95 10.99
N GLU A 151 30.15 -24.35 9.92
CA GLU A 151 31.58 -24.36 9.60
C GLU A 151 32.01 -22.92 9.38
N ALA A 152 33.29 -22.65 9.61
CA ALA A 152 33.79 -21.29 9.44
C ALA A 152 35.25 -21.30 9.00
N PRO A 153 35.65 -20.27 8.24
CA PRO A 153 37.04 -20.08 7.84
C PRO A 153 38.00 -19.83 8.99
N GLU A 154 39.23 -20.27 8.78
CA GLU A 154 40.32 -20.12 9.73
C GLU A 154 40.61 -18.65 10.07
N TYR A 155 40.41 -17.77 9.10
CA TYR A 155 40.45 -16.32 9.33
C TYR A 155 39.20 -15.67 8.76
N CYS A 156 38.70 -14.64 9.43
CA CYS A 156 37.55 -13.88 8.94
C CYS A 156 37.89 -13.26 7.60
N PRO A 157 37.06 -13.52 6.57
CA PRO A 157 37.33 -13.07 5.19
C PRO A 157 37.23 -11.56 5.05
N VAL A 158 36.58 -10.94 6.02
CA VAL A 158 36.27 -9.52 6.03
C VAL A 158 37.39 -8.75 6.72
N CYS A 159 37.72 -9.12 7.96
CA CYS A 159 38.68 -8.35 8.74
C CYS A 159 40.00 -9.04 9.07
N GLY A 160 40.08 -10.35 8.80
CA GLY A 160 41.29 -11.11 9.08
C GLY A 160 41.40 -11.70 10.46
N ALA A 161 40.41 -11.47 11.32
CA ALA A 161 40.45 -12.00 12.69
C ALA A 161 40.44 -13.53 12.73
N PRO A 162 41.34 -14.14 13.54
CA PRO A 162 41.32 -15.59 13.67
C PRO A 162 40.01 -16.13 14.25
N LYS A 163 39.63 -17.32 13.79
CA LYS A 163 38.39 -18.01 14.18
C LYS A 163 38.22 -18.17 15.69
N GLU A 164 39.33 -18.20 16.43
CA GLU A 164 39.28 -18.33 17.87
C GLU A 164 38.67 -17.07 18.51
N LYS A 165 38.72 -15.95 17.79
CA LYS A 165 38.08 -14.68 18.19
C LYS A 165 36.55 -14.72 18.08
N PHE A 166 36.06 -15.52 17.14
CA PHE A 166 34.62 -15.63 16.85
C PHE A 166 33.77 -15.99 18.05
N VAL A 167 32.64 -15.30 18.17
CA VAL A 167 31.61 -15.56 19.16
C VAL A 167 30.76 -16.72 18.65
N VAL A 168 30.58 -17.75 19.46
CA VAL A 168 29.83 -18.94 19.04
C VAL A 168 28.44 -19.02 19.69
N PHE A 169 27.43 -19.21 18.87
CA PHE A 169 26.08 -19.41 19.36
C PHE A 169 25.73 -20.86 19.12
N GLU A 170 25.50 -21.59 20.21
CA GLU A 170 25.14 -23.01 20.11
C GLU A 170 24.03 -23.43 21.08
N VAL B 1 36.79 10.20 14.88
CA VAL B 1 35.34 10.55 14.97
C VAL B 1 34.87 11.19 13.67
N VAL B 2 33.78 10.67 13.10
CA VAL B 2 33.18 11.19 11.89
C VAL B 2 32.66 12.62 12.09
N LYS B 3 33.07 13.54 11.21
CA LYS B 3 32.74 14.97 11.36
C LYS B 3 31.73 15.47 10.34
N ARG B 4 31.95 15.12 9.07
CA ARG B 4 31.17 15.65 7.96
C ARG B 4 29.70 15.30 8.11
N THR B 5 28.86 16.31 7.88
CA THR B 5 27.45 16.30 8.25
C THR B 5 26.64 15.14 7.66
N MET B 6 26.82 14.85 6.37
CA MET B 6 26.03 13.77 5.76
C MET B 6 26.45 12.38 6.25
N THR B 7 27.76 12.14 6.37
CA THR B 7 28.26 10.83 6.83
C THR B 7 27.87 10.58 8.30
N LYS B 8 27.84 11.65 9.10
CA LYS B 8 27.31 11.61 10.47
C LYS B 8 25.83 11.19 10.54
N LYS B 9 24.98 11.91 9.80
CA LYS B 9 23.54 11.63 9.73
C LYS B 9 23.29 10.20 9.26
N PHE B 10 24.08 9.74 8.29
CA PHE B 10 23.91 8.38 7.75
C PHE B 10 24.31 7.34 8.78
N LEU B 11 25.38 7.61 9.53
CA LEU B 11 25.83 6.70 10.58
C LEU B 11 24.85 6.66 11.72
N GLU B 12 24.19 7.79 11.99
CA GLU B 12 23.15 7.86 13.02
C GLU B 12 21.96 7.03 12.59
N GLU B 13 21.63 7.10 11.29
CA GLU B 13 20.53 6.31 10.69
C GLU B 13 20.85 4.83 10.68
N ALA B 14 22.12 4.49 10.45
CA ALA B 14 22.58 3.10 10.42
C ALA B 14 22.49 2.55 11.83
N PHE B 15 22.91 3.37 12.80
CA PHE B 15 22.83 2.99 14.20
C PHE B 15 21.39 2.69 14.60
N ALA B 16 20.45 3.53 14.18
CA ALA B 16 19.04 3.36 14.54
C ALA B 16 18.46 2.13 13.84
N GLY B 17 18.86 1.96 12.57
CA GLY B 17 18.42 0.82 11.77
C GLY B 17 18.94 -0.50 12.31
N GLU B 18 20.20 -0.50 12.74
CA GLU B 18 20.80 -1.75 13.26
C GLU B 18 20.34 -2.07 14.66
N SER B 19 20.01 -1.03 15.43
CA SER B 19 19.34 -1.19 16.72
C SER B 19 17.96 -1.86 16.57
N MET B 20 17.16 -1.36 15.64
CA MET B 20 15.82 -1.93 15.39
C MET B 20 15.89 -3.36 14.86
N ALA B 21 16.80 -3.63 13.94
CA ALA B 21 17.06 -5.01 13.46
C ALA B 21 17.43 -5.97 14.60
N HIS B 22 18.46 -5.62 15.38
CA HIS B 22 18.87 -6.37 16.57
C HIS B 22 17.65 -6.66 17.44
N MET B 23 16.89 -5.59 17.73
CA MET B 23 15.69 -5.69 18.57
C MET B 23 14.61 -6.62 17.99
N ARG B 24 14.26 -6.43 16.72
CA ARG B 24 13.30 -7.31 16.02
C ARG B 24 13.71 -8.79 16.11
N TYR B 25 15.00 -9.06 15.93
CA TYR B 25 15.51 -10.42 15.95
C TYR B 25 15.51 -11.09 17.33
N LEU B 26 15.78 -10.31 18.39
CA LEU B 26 15.54 -10.79 19.75
C LEU B 26 14.07 -11.17 20.00
N ILE B 27 13.16 -10.32 19.49
CA ILE B 27 11.72 -10.52 19.66
C ILE B 27 11.28 -11.75 18.85
N PHE B 28 11.80 -11.88 17.64
CA PHE B 28 11.57 -13.05 16.79
C PHE B 28 12.21 -14.34 17.33
N ALA B 29 13.32 -14.22 18.07
CA ALA B 29 13.96 -15.40 18.70
C ALA B 29 13.01 -16.03 19.72
N GLU B 30 12.44 -15.16 20.56
CA GLU B 30 11.45 -15.54 21.55
C GLU B 30 10.27 -16.28 20.93
N LYS B 31 9.74 -15.76 19.83
CA LYS B 31 8.56 -16.33 19.18
C LYS B 31 8.88 -17.68 18.51
N ALA B 32 10.08 -17.80 17.98
CA ALA B 32 10.56 -19.05 17.41
C ALA B 32 10.66 -20.13 18.49
N GLU B 33 11.33 -19.83 19.61
CA GLU B 33 11.40 -20.72 20.77
C GLU B 33 10.01 -21.21 21.17
N GLN B 34 9.06 -20.27 21.28
CA GLN B 34 7.67 -20.54 21.70
C GLN B 34 6.84 -21.37 20.72
N GLU B 35 7.25 -21.38 19.46
CA GLU B 35 6.57 -22.14 18.40
C GLU B 35 7.27 -23.48 18.12
N GLY B 36 8.32 -23.77 18.86
CA GLY B 36 9.06 -25.02 18.70
C GLY B 36 10.13 -25.00 17.63
N PHE B 37 10.76 -23.83 17.44
CA PHE B 37 11.90 -23.69 16.53
C PHE B 37 13.12 -23.15 17.28
N PRO B 38 13.75 -23.99 18.16
CA PRO B 38 14.91 -23.54 18.92
C PRO B 38 16.16 -23.25 18.07
N ASN B 39 16.29 -23.91 16.92
CA ASN B 39 17.41 -23.65 16.03
C ASN B 39 17.26 -22.37 15.19
N ILE B 40 16.02 -22.03 14.84
CA ILE B 40 15.76 -20.76 14.16
C ILE B 40 15.96 -19.60 15.14
N ALA B 41 15.48 -19.81 16.36
CA ALA B 41 15.73 -18.89 17.45
C ALA B 41 17.24 -18.67 17.65
N LYS B 42 17.99 -19.77 17.73
CA LYS B 42 19.44 -19.72 17.84
C LYS B 42 20.03 -18.82 16.76
N LEU B 43 19.59 -19.04 15.51
CA LEU B 43 19.97 -18.20 14.37
C LEU B 43 19.62 -16.71 14.59
N PHE B 44 18.39 -16.43 15.00
CA PHE B 44 17.96 -15.04 15.26
C PHE B 44 18.88 -14.35 16.29
N ARG B 45 19.15 -15.04 17.41
CA ARG B 45 20.02 -14.55 18.48
C ARG B 45 21.45 -14.35 18.05
N ALA B 46 21.93 -15.23 17.19
CA ALA B 46 23.26 -15.10 16.61
C ALA B 46 23.33 -13.86 15.72
N ILE B 47 22.42 -13.77 14.76
CA ILE B 47 22.36 -12.63 13.82
C ILE B 47 22.13 -11.30 14.55
N ALA B 48 21.28 -11.33 15.58
CA ALA B 48 21.04 -10.19 16.45
C ALA B 48 22.36 -9.62 16.98
N TYR B 49 23.20 -10.50 17.53
CA TYR B 49 24.56 -10.13 17.97
C TYR B 49 25.41 -9.55 16.85
N ALA B 50 25.29 -10.08 15.62
CA ALA B 50 26.03 -9.47 14.47
C ALA B 50 25.56 -8.02 14.24
N GLU B 51 24.27 -7.78 14.40
CA GLU B 51 23.73 -6.42 14.32
C GLU B 51 24.25 -5.48 15.42
N PHE B 52 24.36 -5.99 16.65
CA PHE B 52 25.03 -5.27 17.75
C PHE B 52 26.48 -4.86 17.40
N VAL B 53 27.17 -5.73 16.66
CA VAL B 53 28.52 -5.44 16.19
C VAL B 53 28.55 -4.22 15.26
N HIS B 54 27.63 -4.19 14.29
CA HIS B 54 27.55 -3.09 13.31
C HIS B 54 27.12 -1.80 13.97
N ALA B 55 26.07 -1.88 14.78
CA ALA B 55 25.59 -0.77 15.59
C ALA B 55 26.71 -0.19 16.43
N LYS B 56 27.41 -1.05 17.19
CA LYS B 56 28.55 -0.65 18.04
C LYS B 56 29.60 0.07 17.22
N ASN B 57 29.88 -0.50 16.05
CA ASN B 57 30.88 0.05 15.16
C ASN B 57 30.52 1.47 14.71
N HIS B 58 29.27 1.67 14.30
CA HIS B 58 28.80 3.02 13.91
C HIS B 58 28.78 3.97 15.12
N PHE B 59 28.35 3.49 16.29
CA PHE B 59 28.32 4.24 17.56
C PHE B 59 29.69 4.78 17.95
N ILE B 60 30.70 3.90 17.85
CA ILE B 60 32.08 4.25 18.14
C ILE B 60 32.63 5.23 17.09
N ALA B 61 32.38 4.97 15.80
CA ALA B 61 32.79 5.90 14.72
C ALA B 61 32.28 7.33 14.97
N LEU B 62 31.06 7.43 15.48
CA LEU B 62 30.44 8.71 15.80
C LEU B 62 31.03 9.35 17.05
N GLY B 63 31.91 8.63 17.75
CA GLY B 63 32.59 9.13 18.94
C GLY B 63 31.73 9.09 20.19
N LYS B 64 30.70 8.25 20.18
CA LYS B 64 29.67 8.24 21.24
C LYS B 64 29.95 7.30 22.42
N LEU B 65 30.99 6.48 22.32
CA LEU B 65 31.41 5.64 23.44
C LEU B 65 32.57 6.29 24.20
N GLY B 66 32.49 6.28 25.52
CA GLY B 66 33.52 6.84 26.38
C GLY B 66 33.66 5.97 27.63
N LYS B 67 34.06 6.61 28.73
CA LYS B 67 34.21 5.92 30.00
C LYS B 67 32.84 5.67 30.64
N THR B 68 32.77 4.68 31.51
CA THR B 68 31.53 4.32 32.22
C THR B 68 30.75 5.49 32.88
N PRO B 69 31.45 6.40 33.60
CA PRO B 69 30.70 7.48 34.21
C PRO B 69 30.08 8.42 33.16
N GLU B 70 30.75 8.52 32.02
CA GLU B 70 30.32 9.34 30.89
C GLU B 70 29.16 8.66 30.17
N ASN B 71 29.23 7.33 30.05
CA ASN B 71 28.13 6.55 29.49
C ASN B 71 26.89 6.55 30.41
N LEU B 72 27.14 6.55 31.72
CA LEU B 72 26.06 6.63 32.69
C LEU B 72 25.32 7.96 32.62
N GLN B 73 26.05 9.05 32.41
CA GLN B 73 25.45 10.35 32.14
C GLN B 73 24.60 10.35 30.86
N MET B 74 25.08 9.70 29.79
CA MET B 74 24.31 9.59 28.54
C MET B 74 23.00 8.83 28.78
N GLY B 75 23.05 7.84 29.67
CA GLY B 75 21.87 7.08 30.07
C GLY B 75 20.91 7.92 30.89
N ILE B 76 21.45 8.70 31.83
CA ILE B 76 20.64 9.60 32.65
C ILE B 76 19.86 10.58 31.79
N GLU B 77 20.49 11.11 30.75
CA GLU B 77 19.89 12.06 29.81
C GLU B 77 18.79 11.42 28.95
N GLY B 78 19.12 10.32 28.26
CA GLY B 78 18.13 9.48 27.57
C GLY B 78 16.90 9.16 28.41
N GLU B 79 17.13 8.54 29.57
CA GLU B 79 16.07 8.15 30.50
C GLU B 79 15.17 9.31 30.91
N THR B 80 15.77 10.44 31.26
CA THR B 80 15.09 11.66 31.60
C THR B 80 14.18 12.19 30.47
N PHE B 81 14.67 12.14 29.24
CA PHE B 81 13.89 12.51 28.06
C PHE B 81 12.67 11.61 27.96
N GLU B 82 12.88 10.32 28.17
CA GLU B 82 11.78 9.35 28.06
C GLU B 82 10.71 9.58 29.15
N VAL B 83 11.14 9.76 30.41
CA VAL B 83 10.25 10.00 31.57
C VAL B 83 9.41 11.25 31.40
N GLU B 84 10.09 12.34 31.07
CA GLU B 84 9.53 13.67 31.21
C GLU B 84 8.98 14.29 29.94
N GLU B 85 9.49 13.84 28.78
CA GLU B 85 9.07 14.40 27.49
C GLU B 85 8.32 13.38 26.64
N MET B 86 9.02 12.35 26.19
CA MET B 86 8.49 11.45 25.14
C MET B 86 7.23 10.70 25.59
N TYR B 87 7.35 9.90 26.63
CA TYR B 87 6.24 9.03 27.04
C TYR B 87 5.01 9.76 27.58
N PRO B 88 5.17 10.82 28.40
CA PRO B 88 3.98 11.58 28.84
C PRO B 88 3.17 12.13 27.69
N VAL B 89 3.86 12.61 26.65
CA VAL B 89 3.16 13.15 25.50
C VAL B 89 2.53 12.03 24.66
N TYR B 90 3.30 10.99 24.37
CA TYR B 90 2.78 9.89 23.57
C TYR B 90 1.55 9.23 24.26
N ASN B 91 1.63 9.04 25.57
CA ASN B 91 0.53 8.45 26.33
C ASN B 91 -0.74 9.28 26.26
N LYS B 92 -0.64 10.60 26.42
CA LYS B 92 -1.80 11.50 26.30
C LYS B 92 -2.36 11.49 24.85
N ALA B 93 -1.47 11.41 23.88
CA ALA B 93 -1.82 11.36 22.46
C ALA B 93 -2.63 10.09 22.14
N ALA B 94 -2.09 8.94 22.56
CA ALA B 94 -2.77 7.63 22.51
C ALA B 94 -4.14 7.68 23.19
N GLU B 95 -4.16 8.28 24.38
CA GLU B 95 -5.38 8.51 25.15
C GLU B 95 -6.35 9.27 24.26
N PHE B 96 -5.92 10.47 23.87
CA PHE B 96 -6.70 11.39 23.02
C PHE B 96 -7.23 10.69 21.79
N GLN B 97 -6.44 9.77 21.24
CA GLN B 97 -6.80 9.08 20.01
C GLN B 97 -7.59 7.80 20.27
N GLY B 98 -7.73 7.44 21.54
CA GLY B 98 -8.59 6.31 21.94
C GLY B 98 -7.96 4.96 21.72
N GLU B 99 -6.64 4.94 21.58
CA GLU B 99 -5.93 3.70 21.22
C GLU B 99 -5.43 3.05 22.51
N LYS B 100 -6.19 2.07 22.98
CA LYS B 100 -6.03 1.51 24.34
C LYS B 100 -4.76 0.67 24.52
N GLU B 101 -4.37 -0.01 23.44
CA GLU B 101 -3.16 -0.77 23.39
C GLU B 101 -1.93 0.16 23.50
N ALA B 102 -1.97 1.29 22.80
CA ALA B 102 -0.91 2.32 22.92
C ALA B 102 -0.92 2.97 24.29
N VAL B 103 -2.12 3.20 24.84
CA VAL B 103 -2.23 3.74 26.18
C VAL B 103 -1.53 2.82 27.20
N ARG B 104 -1.74 1.51 27.08
CA ARG B 104 -1.09 0.54 27.97
C ARG B 104 0.44 0.55 27.90
N THR B 105 0.99 0.47 26.69
CA THR B 105 2.43 0.28 26.55
C THR B 105 3.16 1.55 26.95
N THR B 106 2.53 2.70 26.73
CA THR B 106 3.14 3.96 27.14
C THR B 106 2.96 4.20 28.63
N HIS B 107 1.84 3.74 29.18
CA HIS B 107 1.64 3.78 30.64
C HIS B 107 2.65 2.86 31.32
N TYR B 108 2.80 1.65 30.79
CA TYR B 108 3.79 0.71 31.34
C TYR B 108 5.17 1.37 31.47
N ALA B 109 5.62 2.03 30.40
CA ALA B 109 6.92 2.70 30.43
C ALA B 109 6.90 3.95 31.28
N LEU B 110 5.84 4.73 31.16
CA LEU B 110 5.70 5.90 32.03
C LEU B 110 6.01 5.52 33.48
N GLU B 111 5.42 4.44 33.95
CA GLU B 111 5.61 4.05 35.35
C GLU B 111 6.94 3.33 35.58
N ALA B 112 7.24 2.34 34.74
CA ALA B 112 8.42 1.48 34.91
C ALA B 112 9.78 2.14 34.62
N GLU B 113 9.76 3.24 33.88
CA GLU B 113 10.99 3.92 33.42
C GLU B 113 11.63 4.82 34.48
N LYS B 114 10.81 5.29 35.43
CA LYS B 114 11.24 6.40 36.31
C LYS B 114 12.42 6.00 37.16
N ILE B 115 12.37 4.73 37.60
CA ILE B 115 13.48 3.95 38.14
C ILE B 115 14.89 4.20 37.55
N HIS B 116 15.05 4.07 36.24
CA HIS B 116 16.37 3.95 35.60
C HIS B 116 17.33 5.13 35.83
N ALA B 117 16.84 6.36 35.68
CA ALA B 117 17.70 7.53 35.81
C ALA B 117 18.37 7.57 37.18
N GLU B 118 17.61 7.23 38.23
CA GLU B 118 18.11 7.21 39.61
C GLU B 118 19.17 6.13 39.82
N LEU B 119 18.93 4.95 39.24
CA LEU B 119 19.87 3.82 39.32
C LEU B 119 21.17 4.16 38.63
N TYR B 120 21.08 4.81 37.48
CA TYR B 120 22.25 5.29 36.76
C TYR B 120 23.00 6.41 37.53
N ARG B 121 22.27 7.21 38.32
CA ARG B 121 22.90 8.27 39.13
C ARG B 121 23.68 7.67 40.30
N LYS B 122 23.05 6.74 41.01
CA LYS B 122 23.72 6.04 42.11
C LYS B 122 24.93 5.27 41.60
N ALA B 123 24.83 4.78 40.36
CA ALA B 123 25.94 4.10 39.70
C ALA B 123 27.06 5.06 39.29
N LYS B 124 26.69 6.27 38.90
CA LYS B 124 27.66 7.25 38.46
C LYS B 124 28.50 7.77 39.63
N GLU B 125 27.86 8.08 40.76
CA GLU B 125 28.61 8.55 41.94
C GLU B 125 29.68 7.54 42.43
N LYS B 126 29.43 6.25 42.19
CA LYS B 126 30.40 5.22 42.56
C LYS B 126 31.51 5.15 41.53
N ALA B 127 31.14 5.02 40.26
CA ALA B 127 32.12 4.93 39.16
C ALA B 127 33.01 6.18 39.06
N GLU B 128 32.43 7.36 39.32
CA GLU B 128 33.22 8.58 39.51
C GLU B 128 34.45 8.29 40.36
N LYS B 129 34.20 7.79 41.57
CA LYS B 129 35.25 7.57 42.57
C LYS B 129 36.01 6.26 42.40
N GLY B 130 35.79 5.57 41.27
CA GLY B 130 36.57 4.41 40.87
C GLY B 130 36.06 3.11 41.49
N GLU B 131 34.81 3.15 41.91
CA GLU B 131 34.19 2.04 42.62
C GLU B 131 33.01 1.49 41.84
N ASP B 132 32.75 0.20 42.05
CA ASP B 132 31.63 -0.47 41.42
C ASP B 132 30.42 -0.26 42.32
N ILE B 133 29.25 -0.64 41.82
CA ILE B 133 28.05 -0.62 42.65
C ILE B 133 27.94 -1.93 43.44
N GLU B 134 27.23 -1.89 44.56
CA GLU B 134 27.13 -3.03 45.47
C GLU B 134 25.95 -3.95 45.17
N ILE B 135 25.00 -3.46 44.36
CA ILE B 135 23.77 -4.20 44.04
C ILE B 135 24.06 -5.64 43.55
N LYS B 136 23.40 -6.61 44.18
CA LYS B 136 23.62 -8.02 43.88
C LYS B 136 22.71 -8.51 42.74
N LYS B 137 21.42 -8.20 42.86
CA LYS B 137 20.41 -8.71 41.93
C LYS B 137 19.54 -7.60 41.33
N VAL B 138 19.20 -7.74 40.05
CA VAL B 138 18.19 -6.86 39.42
C VAL B 138 17.06 -7.72 38.82
N TYR B 139 15.83 -7.33 39.12
CA TYR B 139 14.64 -8.04 38.66
C TYR B 139 13.91 -7.18 37.67
N ILE B 140 13.54 -7.73 36.52
CA ILE B 140 12.72 -7.03 35.55
C ILE B 140 11.44 -7.80 35.30
N CYS B 141 10.31 -7.11 35.40
CA CYS B 141 9.05 -7.69 34.94
C CYS B 141 9.10 -7.82 33.43
N PRO B 142 8.87 -9.06 32.92
CA PRO B 142 8.84 -9.37 31.48
C PRO B 142 7.62 -8.79 30.72
N ILE B 143 6.56 -8.41 31.44
CA ILE B 143 5.34 -7.85 30.83
C ILE B 143 5.37 -6.31 30.69
N CYS B 144 5.90 -5.61 31.70
CA CYS B 144 5.88 -4.14 31.68
C CYS B 144 7.25 -3.49 31.89
N GLY B 145 8.25 -4.31 32.17
CA GLY B 145 9.59 -3.80 32.36
C GLY B 145 9.88 -3.16 33.70
N TYR B 146 8.94 -3.28 34.67
CA TYR B 146 9.16 -2.78 36.05
C TYR B 146 10.50 -3.26 36.57
N THR B 147 11.24 -2.37 37.23
CA THR B 147 12.65 -2.62 37.54
C THR B 147 12.90 -2.51 39.05
N ALA B 148 13.47 -3.57 39.64
CA ALA B 148 13.70 -3.60 41.09
C ALA B 148 15.06 -4.21 41.41
N VAL B 149 15.85 -3.54 42.24
CA VAL B 149 17.15 -4.07 42.64
C VAL B 149 17.07 -4.89 43.93
N ASP B 150 17.79 -6.03 43.96
CA ASP B 150 18.03 -6.85 45.17
C ASP B 150 16.89 -7.77 45.63
N GLU B 151 15.67 -7.27 45.56
CA GLU B 151 14.49 -8.09 45.82
C GLU B 151 13.32 -7.70 44.93
N ALA B 152 12.67 -8.71 44.35
CA ALA B 152 11.49 -8.52 43.54
C ALA B 152 10.33 -8.18 44.48
N PRO B 153 9.34 -7.41 43.99
CA PRO B 153 8.15 -7.20 44.82
C PRO B 153 7.19 -8.40 44.74
N GLU B 154 6.39 -8.58 45.78
CA GLU B 154 5.40 -9.66 45.88
C GLU B 154 4.45 -9.73 44.67
N TYR B 155 4.15 -8.57 44.10
CA TYR B 155 3.53 -8.47 42.79
C TYR B 155 4.04 -7.20 42.12
N CYS B 156 3.95 -7.16 40.79
CA CYS B 156 4.39 -5.98 40.02
C CYS B 156 3.36 -4.87 40.17
N PRO B 157 3.76 -3.75 40.82
CA PRO B 157 2.81 -2.67 41.05
C PRO B 157 2.12 -2.15 39.80
N VAL B 158 2.77 -2.31 38.65
CA VAL B 158 2.34 -1.73 37.37
C VAL B 158 1.38 -2.61 36.54
N CYS B 159 1.72 -3.88 36.39
CA CYS B 159 0.90 -4.83 35.61
C CYS B 159 0.25 -5.91 36.49
N GLY B 160 0.69 -6.02 37.74
CA GLY B 160 0.15 -7.00 38.67
C GLY B 160 0.70 -8.41 38.57
N ALA B 161 1.73 -8.61 37.74
CA ALA B 161 2.41 -9.91 37.61
C ALA B 161 2.91 -10.42 38.96
N PRO B 162 2.74 -11.74 39.24
CA PRO B 162 3.32 -12.30 40.45
C PRO B 162 4.86 -12.23 40.50
N LYS B 163 5.39 -12.21 41.71
CA LYS B 163 6.83 -12.18 42.01
C LYS B 163 7.68 -13.17 41.20
N GLU B 164 7.14 -14.37 41.01
CA GLU B 164 7.83 -15.45 40.33
C GLU B 164 8.00 -15.15 38.83
N LYS B 165 7.33 -14.12 38.33
CA LYS B 165 7.41 -13.77 36.91
C LYS B 165 8.66 -12.94 36.55
N PHE B 166 9.10 -12.10 37.49
CA PHE B 166 10.31 -11.28 37.33
C PHE B 166 11.53 -12.06 36.85
N VAL B 167 12.21 -11.52 35.83
CA VAL B 167 13.46 -12.07 35.28
C VAL B 167 14.64 -11.58 36.12
N VAL B 168 15.57 -12.50 36.44
CA VAL B 168 16.66 -12.20 37.35
C VAL B 168 18.00 -12.03 36.65
N PHE B 169 18.67 -10.93 36.99
CA PHE B 169 20.00 -10.63 36.50
C PHE B 169 20.94 -10.67 37.70
N GLU B 170 21.71 -11.75 37.79
CA GLU B 170 22.59 -12.00 38.95
C GLU B 170 24.05 -12.16 38.54
N VAL C 1 -0.45 8.48 -16.47
CA VAL C 1 -0.88 7.21 -15.84
C VAL C 1 -2.38 7.29 -15.58
N VAL C 2 -3.08 6.20 -15.84
CA VAL C 2 -4.49 6.05 -15.52
C VAL C 2 -4.69 5.94 -13.99
N LYS C 3 -5.53 6.80 -13.44
CA LYS C 3 -5.68 6.90 -11.98
C LYS C 3 -7.10 6.68 -11.46
N ARG C 4 -8.11 7.11 -12.21
CA ARG C 4 -9.51 6.95 -11.83
C ARG C 4 -9.83 5.47 -11.65
N THR C 5 -10.41 5.12 -10.51
CA THR C 5 -10.50 3.72 -10.08
C THR C 5 -11.16 2.79 -11.12
N MET C 6 -12.28 3.19 -11.70
CA MET C 6 -13.00 2.30 -12.63
C MET C 6 -12.21 2.06 -13.92
N THR C 7 -11.65 3.15 -14.45
CA THR C 7 -10.87 3.09 -15.69
C THR C 7 -9.62 2.26 -15.44
N LYS C 8 -9.01 2.44 -14.27
CA LYS C 8 -7.87 1.60 -13.85
C LYS C 8 -8.25 0.11 -13.82
N LYS C 9 -9.37 -0.20 -13.16
CA LYS C 9 -9.92 -1.57 -13.12
C LYS C 9 -10.10 -2.11 -14.55
N PHE C 10 -10.70 -1.30 -15.41
CA PHE C 10 -11.00 -1.69 -16.79
C PHE C 10 -9.75 -1.99 -17.61
N LEU C 11 -8.71 -1.15 -17.51
CA LEU C 11 -7.46 -1.41 -18.24
C LEU C 11 -6.72 -2.64 -17.71
N GLU C 12 -6.83 -2.88 -16.41
CA GLU C 12 -6.31 -4.13 -15.83
C GLU C 12 -7.08 -5.30 -16.47
N GLU C 13 -8.41 -5.13 -16.59
CA GLU C 13 -9.28 -6.18 -17.16
C GLU C 13 -8.93 -6.43 -18.63
N ALA C 14 -8.74 -5.34 -19.39
CA ALA C 14 -8.30 -5.40 -20.78
C ALA C 14 -6.93 -6.06 -20.93
N PHE C 15 -5.97 -5.66 -20.09
CA PHE C 15 -4.64 -6.29 -20.13
C PHE C 15 -4.71 -7.83 -19.93
N ALA C 16 -5.50 -8.26 -18.95
CA ALA C 16 -5.70 -9.67 -18.64
C ALA C 16 -6.28 -10.43 -19.85
N GLY C 17 -7.22 -9.78 -20.54
CA GLY C 17 -7.97 -10.42 -21.63
C GLY C 17 -7.18 -10.49 -22.91
N GLU C 18 -6.37 -9.44 -23.15
CA GLU C 18 -5.43 -9.40 -24.28
C GLU C 18 -4.26 -10.35 -24.07
N SER C 19 -3.80 -10.50 -22.82
CA SER C 19 -2.82 -11.55 -22.49
C SER C 19 -3.40 -12.93 -22.83
N MET C 20 -4.63 -13.17 -22.42
CA MET C 20 -5.26 -14.47 -22.66
C MET C 20 -5.52 -14.68 -24.15
N ALA C 21 -6.04 -13.67 -24.84
CA ALA C 21 -6.22 -13.75 -26.30
C ALA C 21 -4.86 -13.97 -26.98
N HIS C 22 -3.84 -13.22 -26.56
CA HIS C 22 -2.48 -13.44 -27.05
C HIS C 22 -2.01 -14.88 -26.83
N MET C 23 -2.22 -15.42 -25.63
CA MET C 23 -1.75 -16.78 -25.33
C MET C 23 -2.55 -17.83 -26.11
N ARG C 24 -3.87 -17.64 -26.23
CA ARG C 24 -4.67 -18.63 -26.96
C ARG C 24 -4.20 -18.76 -28.39
N TYR C 25 -3.87 -17.62 -28.99
CA TYR C 25 -3.45 -17.52 -30.39
C TYR C 25 -2.08 -18.16 -30.64
N LEU C 26 -1.15 -18.06 -29.69
CA LEU C 26 0.10 -18.85 -29.71
C LEU C 26 -0.12 -20.38 -29.60
N ILE C 27 -1.03 -20.78 -28.74
CA ILE C 27 -1.43 -22.18 -28.60
C ILE C 27 -2.00 -22.66 -29.93
N PHE C 28 -2.97 -21.91 -30.47
CA PHE C 28 -3.68 -22.33 -31.69
C PHE C 28 -2.75 -22.36 -32.91
N ALA C 29 -1.78 -21.44 -32.93
CA ALA C 29 -0.76 -21.42 -33.98
C ALA C 29 0.01 -22.74 -34.06
N GLU C 30 0.45 -23.22 -32.90
CA GLU C 30 1.14 -24.50 -32.76
C GLU C 30 0.29 -25.68 -33.23
N LYS C 31 -0.98 -25.69 -32.86
CA LYS C 31 -1.91 -26.75 -33.31
C LYS C 31 -2.14 -26.68 -34.82
N ALA C 32 -2.33 -25.47 -35.33
CA ALA C 32 -2.50 -25.23 -36.76
C ALA C 32 -1.28 -25.75 -37.52
N GLU C 33 -0.10 -25.43 -37.02
CA GLU C 33 1.13 -25.91 -37.62
C GLU C 33 1.18 -27.44 -37.61
N GLN C 34 0.79 -28.03 -36.47
CA GLN C 34 0.74 -29.49 -36.33
C GLN C 34 -0.23 -30.14 -37.32
N GLU C 35 -1.31 -29.44 -37.64
CA GLU C 35 -2.37 -30.02 -38.48
C GLU C 35 -2.20 -29.77 -39.99
N GLY C 36 -1.10 -29.13 -40.39
CA GLY C 36 -0.82 -28.84 -41.80
C GLY C 36 -1.37 -27.51 -42.31
N PHE C 37 -1.49 -26.54 -41.41
CA PHE C 37 -1.98 -25.22 -41.74
C PHE C 37 -0.94 -24.13 -41.37
N PRO C 38 0.20 -24.07 -42.09
CA PRO C 38 1.25 -23.05 -41.86
C PRO C 38 0.84 -21.59 -42.06
N ASN C 39 0.01 -21.29 -43.07
CA ASN C 39 -0.48 -19.92 -43.23
C ASN C 39 -1.48 -19.51 -42.14
N ILE C 40 -2.28 -20.46 -41.67
CA ILE C 40 -3.16 -20.22 -40.51
C ILE C 40 -2.34 -20.01 -39.24
N ALA C 41 -1.31 -20.82 -39.03
CA ALA C 41 -0.38 -20.62 -37.92
C ALA C 41 0.26 -19.23 -37.97
N LYS C 42 0.66 -18.80 -39.16
CA LYS C 42 1.20 -17.44 -39.36
C LYS C 42 0.20 -16.34 -39.01
N LEU C 43 -1.03 -16.51 -39.45
CA LEU C 43 -2.13 -15.60 -39.11
C LEU C 43 -2.28 -15.48 -37.59
N PHE C 44 -2.35 -16.63 -36.92
CA PHE C 44 -2.46 -16.68 -35.46
C PHE C 44 -1.34 -15.91 -34.78
N ARG C 45 -0.12 -16.10 -35.26
CA ARG C 45 1.06 -15.47 -34.65
C ARG C 45 1.15 -13.98 -34.94
N ALA C 46 0.58 -13.58 -36.06
CA ALA C 46 0.53 -12.18 -36.42
C ALA C 46 -0.52 -11.49 -35.53
N ILE C 47 -1.70 -12.09 -35.42
CA ILE C 47 -2.75 -11.53 -34.58
C ILE C 47 -2.32 -11.54 -33.10
N ALA C 48 -1.64 -12.58 -32.67
CA ALA C 48 -1.07 -12.63 -31.33
C ALA C 48 -0.20 -11.40 -31.05
N TYR C 49 0.61 -11.00 -32.02
CA TYR C 49 1.46 -9.80 -31.86
C TYR C 49 0.61 -8.52 -31.70
N ALA C 50 -0.52 -8.47 -32.39
CA ALA C 50 -1.47 -7.36 -32.29
C ALA C 50 -2.03 -7.24 -30.87
N GLU C 51 -2.36 -8.36 -30.27
CA GLU C 51 -2.89 -8.37 -28.91
C GLU C 51 -1.80 -7.94 -27.93
N PHE C 52 -0.56 -8.38 -28.17
CA PHE C 52 0.62 -7.87 -27.45
C PHE C 52 0.71 -6.33 -27.48
N VAL C 53 0.54 -5.76 -28.68
CA VAL C 53 0.49 -4.31 -28.86
C VAL C 53 -0.61 -3.65 -27.99
N HIS C 54 -1.80 -4.22 -28.03
CA HIS C 54 -2.94 -3.78 -27.21
C HIS C 54 -2.66 -3.90 -25.72
N ALA C 55 -2.15 -5.05 -25.29
CA ALA C 55 -1.80 -5.33 -23.89
C ALA C 55 -0.68 -4.39 -23.40
N LYS C 56 0.32 -4.21 -24.25
CA LYS C 56 1.41 -3.28 -23.94
C LYS C 56 0.85 -1.89 -23.71
N ASN C 57 0.00 -1.44 -24.63
CA ASN C 57 -0.62 -0.13 -24.57
C ASN C 57 -1.37 0.11 -23.26
N HIS C 58 -2.25 -0.80 -22.87
CA HIS C 58 -2.93 -0.72 -21.57
C HIS C 58 -1.94 -0.71 -20.40
N PHE C 59 -0.94 -1.61 -20.45
CA PHE C 59 0.14 -1.74 -19.45
C PHE C 59 0.85 -0.41 -19.19
N ILE C 60 1.20 0.29 -20.28
CA ILE C 60 1.87 1.58 -20.20
C ILE C 60 0.93 2.66 -19.64
N ALA C 61 -0.32 2.68 -20.13
CA ALA C 61 -1.33 3.60 -19.61
C ALA C 61 -1.42 3.48 -18.09
N LEU C 62 -1.26 2.24 -17.60
CA LEU C 62 -1.37 1.94 -16.17
C LEU C 62 -0.10 2.27 -15.38
N GLY C 63 0.97 2.66 -16.07
CA GLY C 63 2.23 3.09 -15.44
C GLY C 63 3.11 1.93 -15.04
N LYS C 64 2.81 0.76 -15.58
CA LYS C 64 3.45 -0.47 -15.12
C LYS C 64 4.78 -0.80 -15.80
N LEU C 65 5.16 -0.02 -16.80
CA LEU C 65 6.45 -0.24 -17.47
C LEU C 65 7.49 0.82 -17.07
N GLY C 66 8.56 0.37 -16.42
CA GLY C 66 9.67 1.26 -16.01
C GLY C 66 10.95 0.79 -16.68
N LYS C 67 12.11 1.13 -16.10
CA LYS C 67 13.42 0.66 -16.57
C LYS C 67 13.62 -0.83 -16.21
N THR C 68 14.67 -1.46 -16.74
CA THR C 68 14.89 -2.91 -16.59
C THR C 68 15.00 -3.40 -15.13
N PRO C 69 15.69 -2.63 -14.26
CA PRO C 69 15.67 -2.97 -12.82
C PRO C 69 14.27 -3.06 -12.15
N GLU C 70 13.37 -2.11 -12.42
CA GLU C 70 12.01 -2.14 -11.82
C GLU C 70 11.20 -3.27 -12.42
N ASN C 71 11.44 -3.55 -13.69
CA ASN C 71 10.76 -4.59 -14.44
C ASN C 71 11.11 -5.94 -13.89
N LEU C 72 12.39 -6.12 -13.58
CA LEU C 72 12.88 -7.34 -12.95
C LEU C 72 12.30 -7.56 -11.58
N GLN C 73 12.10 -6.47 -10.82
CA GLN C 73 11.54 -6.54 -9.48
C GLN C 73 10.06 -6.93 -9.50
N MET C 74 9.32 -6.48 -10.52
CA MET C 74 7.95 -6.92 -10.75
C MET C 74 7.97 -8.41 -11.02
N GLY C 75 8.94 -8.82 -11.83
CA GLY C 75 9.21 -10.23 -12.08
C GLY C 75 9.38 -11.06 -10.83
N ILE C 76 10.27 -10.64 -9.93
CA ILE C 76 10.51 -11.37 -8.68
C ILE C 76 9.25 -11.53 -7.83
N GLU C 77 8.52 -10.42 -7.66
CA GLU C 77 7.28 -10.37 -6.87
C GLU C 77 6.19 -11.31 -7.43
N GLY C 78 5.99 -11.25 -8.74
CA GLY C 78 5.05 -12.12 -9.43
C GLY C 78 5.45 -13.59 -9.32
N GLU C 79 6.72 -13.89 -9.57
CA GLU C 79 7.21 -15.26 -9.48
C GLU C 79 7.08 -15.81 -8.06
N THR C 80 7.39 -14.97 -7.06
CA THR C 80 7.32 -15.39 -5.65
C THR C 80 5.90 -15.72 -5.20
N PHE C 81 4.93 -14.92 -5.62
CA PHE C 81 3.52 -15.24 -5.41
C PHE C 81 3.12 -16.60 -6.01
N GLU C 82 3.52 -16.83 -7.26
CA GLU C 82 3.18 -18.07 -7.99
C GLU C 82 3.71 -19.35 -7.35
N VAL C 83 4.95 -19.30 -6.86
CA VAL C 83 5.58 -20.51 -6.31
C VAL C 83 5.41 -20.70 -4.79
N GLU C 84 5.32 -19.60 -4.04
CA GLU C 84 5.12 -19.70 -2.60
C GLU C 84 3.65 -19.76 -2.17
N GLU C 85 2.77 -19.08 -2.89
CA GLU C 85 1.35 -19.00 -2.55
C GLU C 85 0.44 -19.76 -3.53
N MET C 86 0.47 -19.34 -4.79
CA MET C 86 -0.53 -19.80 -5.78
C MET C 86 -0.54 -21.31 -6.08
N TYR C 87 0.54 -21.80 -6.69
CA TYR C 87 0.68 -23.23 -7.03
C TYR C 87 0.65 -24.24 -5.84
N PRO C 88 1.28 -23.91 -4.67
CA PRO C 88 1.12 -24.86 -3.55
C PRO C 88 -0.34 -25.18 -3.23
N VAL C 89 -1.17 -24.13 -3.12
CA VAL C 89 -2.57 -24.26 -2.81
C VAL C 89 -3.39 -24.91 -3.95
N TYR C 90 -3.26 -24.40 -5.18
CA TYR C 90 -3.93 -25.00 -6.35
C TYR C 90 -3.59 -26.48 -6.52
N ASN C 91 -2.32 -26.83 -6.29
CA ASN C 91 -1.87 -28.23 -6.35
C ASN C 91 -2.54 -29.07 -5.26
N LYS C 92 -2.45 -28.58 -4.03
CA LYS C 92 -3.06 -29.26 -2.89
C LYS C 92 -4.55 -29.50 -3.16
N ALA C 93 -5.22 -28.47 -3.69
CA ALA C 93 -6.66 -28.49 -3.97
C ALA C 93 -7.04 -29.51 -5.03
N ALA C 94 -6.23 -29.59 -6.09
CA ALA C 94 -6.48 -30.55 -7.20
C ALA C 94 -6.24 -32.00 -6.76
N GLU C 95 -5.26 -32.20 -5.89
CA GLU C 95 -5.03 -33.49 -5.25
C GLU C 95 -6.21 -33.85 -4.34
N PHE C 96 -6.65 -32.88 -3.54
CA PHE C 96 -7.79 -33.09 -2.65
C PHE C 96 -9.04 -33.46 -3.44
N GLN C 97 -9.24 -32.82 -4.59
CA GLN C 97 -10.43 -33.07 -5.40
C GLN C 97 -10.30 -34.24 -6.36
N GLY C 98 -9.12 -34.85 -6.43
CA GLY C 98 -8.88 -36.03 -7.27
C GLY C 98 -8.82 -35.75 -8.76
N GLU C 99 -8.34 -34.56 -9.12
CA GLU C 99 -8.16 -34.19 -10.54
C GLU C 99 -6.71 -34.39 -11.03
N LYS C 100 -6.43 -35.58 -11.57
CA LYS C 100 -5.08 -36.00 -11.94
C LYS C 100 -4.39 -35.05 -12.92
N GLU C 101 -5.10 -34.66 -13.97
CA GLU C 101 -4.55 -33.71 -14.97
C GLU C 101 -4.11 -32.39 -14.33
N ALA C 102 -4.97 -31.83 -13.48
CA ALA C 102 -4.65 -30.58 -12.78
C ALA C 102 -3.53 -30.74 -11.73
N VAL C 103 -3.45 -31.92 -11.10
CA VAL C 103 -2.34 -32.23 -10.19
C VAL C 103 -0.99 -32.16 -10.96
N ARG C 104 -0.98 -32.73 -12.15
CA ARG C 104 0.19 -32.69 -13.04
C ARG C 104 0.65 -31.30 -13.46
N THR C 105 -0.26 -30.48 -13.97
CA THR C 105 0.11 -29.16 -14.48
C THR C 105 0.57 -28.25 -13.35
N THR C 106 -0.07 -28.37 -12.17
CA THR C 106 0.33 -27.56 -11.01
C THR C 106 1.62 -28.08 -10.36
N HIS C 107 1.84 -29.39 -10.47
CA HIS C 107 3.09 -29.98 -10.04
C HIS C 107 4.24 -29.54 -10.93
N TYR C 108 4.03 -29.58 -12.25
CA TYR C 108 5.08 -29.12 -13.20
C TYR C 108 5.54 -27.70 -12.88
N ALA C 109 4.57 -26.78 -12.86
CA ALA C 109 4.78 -25.39 -12.49
C ALA C 109 5.49 -25.26 -11.14
N LEU C 110 4.95 -25.90 -10.10
CA LEU C 110 5.55 -25.90 -8.75
C LEU C 110 7.06 -26.19 -8.75
N GLU C 111 7.47 -27.20 -9.51
CA GLU C 111 8.85 -27.65 -9.54
C GLU C 111 9.72 -26.94 -10.60
N ALA C 112 9.08 -26.32 -11.58
CA ALA C 112 9.80 -25.64 -12.66
C ALA C 112 9.94 -24.13 -12.44
N GLU C 113 9.03 -23.55 -11.64
CA GLU C 113 8.98 -22.10 -11.45
C GLU C 113 10.03 -21.56 -10.49
N LYS C 114 10.54 -22.44 -9.63
CA LYS C 114 11.35 -22.06 -8.49
C LYS C 114 12.52 -21.17 -8.89
N ILE C 115 13.17 -21.52 -9.98
CA ILE C 115 14.39 -20.88 -10.46
C ILE C 115 14.19 -19.47 -11.05
N HIS C 116 12.99 -19.20 -11.58
CA HIS C 116 12.68 -17.95 -12.25
C HIS C 116 13.07 -16.72 -11.44
N ALA C 117 12.71 -16.73 -10.15
CA ALA C 117 12.98 -15.59 -9.27
C ALA C 117 14.48 -15.42 -9.06
N GLU C 118 15.16 -16.53 -8.82
CA GLU C 118 16.63 -16.57 -8.63
C GLU C 118 17.35 -15.91 -9.78
N LEU C 119 16.97 -16.27 -11.01
CA LEU C 119 17.58 -15.65 -12.19
C LEU C 119 17.30 -14.16 -12.26
N TYR C 120 16.06 -13.78 -11.98
CA TYR C 120 15.66 -12.38 -12.00
C TYR C 120 16.40 -11.58 -10.92
N ARG C 121 16.58 -12.18 -9.75
CA ARG C 121 17.31 -11.60 -8.63
C ARG C 121 18.76 -11.30 -9.05
N LYS C 122 19.41 -12.29 -9.65
CA LYS C 122 20.76 -12.17 -10.18
C LYS C 122 20.84 -11.14 -11.30
N ALA C 123 19.79 -11.09 -12.11
CA ALA C 123 19.72 -10.19 -13.25
C ALA C 123 19.61 -8.74 -12.80
N LYS C 124 18.80 -8.51 -11.77
CA LYS C 124 18.57 -7.17 -11.22
C LYS C 124 19.88 -6.59 -10.70
N GLU C 125 20.66 -7.43 -10.02
CA GLU C 125 21.99 -7.09 -9.48
C GLU C 125 22.89 -6.46 -10.54
N LYS C 126 22.94 -7.08 -11.72
CA LYS C 126 23.72 -6.55 -12.83
C LYS C 126 23.11 -5.27 -13.40
N ALA C 127 21.84 -5.34 -13.80
CA ALA C 127 21.11 -4.17 -14.34
C ALA C 127 21.23 -2.94 -13.43
N GLU C 128 21.26 -3.17 -12.13
CA GLU C 128 21.32 -2.09 -11.14
C GLU C 128 22.66 -1.39 -11.16
N LYS C 129 23.71 -2.18 -11.42
CA LYS C 129 25.07 -1.67 -11.56
C LYS C 129 25.42 -1.63 -13.05
N GLY C 130 24.41 -1.26 -13.84
CA GLY C 130 24.52 -1.05 -15.29
C GLY C 130 25.21 -2.12 -16.12
N GLU C 131 25.02 -3.38 -15.76
CA GLU C 131 25.63 -4.48 -16.51
C GLU C 131 24.56 -5.43 -17.06
N ASP C 132 24.78 -5.95 -18.26
CA ASP C 132 23.96 -7.05 -18.77
C ASP C 132 24.41 -8.31 -18.03
N ILE C 133 23.69 -9.41 -18.18
CA ILE C 133 24.14 -10.68 -17.57
C ILE C 133 25.08 -11.44 -18.49
N GLU C 134 25.72 -12.48 -17.95
CA GLU C 134 26.52 -13.41 -18.73
C GLU C 134 25.66 -14.56 -19.23
N ILE C 135 24.51 -14.23 -19.84
CA ILE C 135 23.51 -15.22 -20.27
C ILE C 135 24.08 -16.40 -21.05
N LYS C 136 24.31 -16.16 -22.34
CA LYS C 136 24.65 -17.21 -23.31
C LYS C 136 23.38 -17.95 -23.76
N LYS C 137 23.01 -19.00 -23.02
CA LYS C 137 21.91 -19.88 -23.41
C LYS C 137 20.97 -20.22 -22.25
N VAL C 138 19.67 -20.34 -22.58
CA VAL C 138 18.67 -20.83 -21.64
C VAL C 138 17.90 -21.98 -22.31
N TYR C 139 17.67 -23.04 -21.55
CA TYR C 139 16.97 -24.19 -22.06
C TYR C 139 15.64 -24.27 -21.35
N ILE C 140 14.57 -24.53 -22.11
CA ILE C 140 13.26 -24.71 -21.51
C ILE C 140 12.62 -25.98 -22.03
N CYS C 141 12.14 -26.80 -21.09
CA CYS C 141 11.45 -28.02 -21.44
C CYS C 141 10.04 -27.71 -21.96
N PRO C 142 9.71 -28.18 -23.19
CA PRO C 142 8.40 -27.91 -23.81
C PRO C 142 7.24 -28.65 -23.13
N ILE C 143 7.54 -29.62 -22.26
CA ILE C 143 6.52 -30.40 -21.57
C ILE C 143 6.05 -29.75 -20.25
N CYS C 144 7.01 -29.33 -19.43
CA CYS C 144 6.76 -28.94 -18.05
C CYS C 144 7.33 -27.57 -17.69
N GLY C 145 8.05 -26.95 -18.62
CA GLY C 145 8.61 -25.61 -18.42
C GLY C 145 9.90 -25.54 -17.63
N TYR C 146 10.50 -26.70 -17.37
CA TYR C 146 11.76 -26.77 -16.61
C TYR C 146 12.82 -25.90 -17.28
N THR C 147 13.45 -25.06 -16.47
CA THR C 147 14.31 -23.99 -16.97
C THR C 147 15.73 -24.19 -16.45
N ALA C 148 16.70 -24.24 -17.38
CA ALA C 148 18.09 -24.51 -17.03
C ALA C 148 19.07 -23.66 -17.85
N VAL C 149 19.85 -22.88 -17.10
CA VAL C 149 20.83 -21.95 -17.64
C VAL C 149 22.07 -22.67 -18.20
N ASP C 150 22.50 -22.20 -19.38
CA ASP C 150 23.77 -22.57 -20.05
C ASP C 150 23.82 -23.91 -20.78
N GLU C 151 23.38 -24.98 -20.12
CA GLU C 151 23.26 -26.29 -20.75
C GLU C 151 22.01 -27.01 -20.24
N ALA C 152 21.56 -28.00 -20.99
CA ALA C 152 20.39 -28.79 -20.62
C ALA C 152 20.84 -29.98 -19.77
N PRO C 153 20.00 -30.39 -18.80
CA PRO C 153 20.31 -31.61 -18.06
C PRO C 153 20.13 -32.85 -18.95
N GLU C 154 20.75 -33.96 -18.59
CA GLU C 154 20.70 -35.21 -19.36
C GLU C 154 19.26 -35.70 -19.56
N TYR C 155 18.43 -35.49 -18.53
CA TYR C 155 16.98 -35.60 -18.65
C TYR C 155 16.31 -34.56 -17.76
N CYS C 156 15.07 -34.20 -18.10
CA CYS C 156 14.27 -33.32 -17.26
C CYS C 156 13.93 -34.02 -15.93
N PRO C 157 14.32 -33.41 -14.79
CA PRO C 157 14.02 -33.96 -13.47
C PRO C 157 12.52 -33.99 -13.16
N VAL C 158 11.76 -33.13 -13.83
CA VAL C 158 10.35 -32.96 -13.57
C VAL C 158 9.50 -33.92 -14.42
N CYS C 159 9.73 -33.97 -15.72
CA CYS C 159 8.89 -34.78 -16.60
C CYS C 159 9.54 -36.02 -17.25
N GLY C 160 10.86 -36.18 -17.14
CA GLY C 160 11.57 -37.32 -17.77
C GLY C 160 12.11 -37.14 -19.19
N ALA C 161 11.58 -36.13 -19.90
CA ALA C 161 12.05 -35.80 -21.27
C ALA C 161 13.58 -35.77 -21.43
N PRO C 162 14.11 -36.43 -22.48
CA PRO C 162 15.55 -36.37 -22.77
C PRO C 162 16.09 -34.95 -23.03
N LYS C 163 17.38 -34.78 -22.75
CA LYS C 163 18.12 -33.55 -23.03
C LYS C 163 17.72 -32.87 -24.35
N GLU C 164 17.51 -33.70 -25.37
CA GLU C 164 17.33 -33.28 -26.76
C GLU C 164 16.00 -32.60 -27.04
N LYS C 165 15.03 -32.75 -26.13
CA LYS C 165 13.70 -32.20 -26.32
C LYS C 165 13.65 -30.72 -25.89
N PHE C 166 14.61 -30.31 -25.07
CA PHE C 166 14.65 -28.95 -24.55
C PHE C 166 14.75 -27.91 -25.66
N VAL C 167 13.96 -26.84 -25.55
CA VAL C 167 14.07 -25.71 -26.48
C VAL C 167 15.19 -24.76 -26.03
N VAL C 168 15.99 -24.26 -26.97
CA VAL C 168 17.18 -23.48 -26.62
C VAL C 168 17.03 -22.01 -26.99
N PHE C 169 17.27 -21.13 -26.02
CA PHE C 169 17.26 -19.70 -26.26
C PHE C 169 18.68 -19.13 -26.19
N GLU C 170 19.28 -18.91 -27.35
CA GLU C 170 20.66 -18.45 -27.43
C GLU C 170 20.80 -17.02 -27.97
N VAL D 1 -5.51 -12.69 13.12
CA VAL D 1 -5.90 -12.20 11.75
C VAL D 1 -5.21 -13.04 10.67
N VAL D 2 -5.98 -13.50 9.70
CA VAL D 2 -5.46 -14.28 8.57
C VAL D 2 -4.53 -13.40 7.71
N LYS D 3 -3.37 -13.96 7.34
CA LYS D 3 -2.37 -13.18 6.62
C LYS D 3 -1.86 -13.81 5.32
N ARG D 4 -1.75 -15.13 5.29
CA ARG D 4 -1.33 -15.85 4.08
C ARG D 4 -2.25 -15.45 2.90
N THR D 5 -1.64 -15.18 1.74
CA THR D 5 -2.36 -14.58 0.61
C THR D 5 -3.54 -15.42 0.09
N MET D 6 -3.34 -16.71 -0.14
CA MET D 6 -4.42 -17.54 -0.73
C MET D 6 -5.64 -17.68 0.19
N THR D 7 -5.38 -18.06 1.44
CA THR D 7 -6.41 -18.15 2.48
C THR D 7 -7.14 -16.81 2.68
N LYS D 8 -6.38 -15.72 2.76
CA LYS D 8 -6.98 -14.39 2.74
C LYS D 8 -7.90 -14.23 1.53
N LYS D 9 -7.39 -14.50 0.33
CA LYS D 9 -8.17 -14.45 -0.90
C LYS D 9 -9.44 -15.30 -0.77
N PHE D 10 -9.28 -16.50 -0.20
CA PHE D 10 -10.38 -17.46 -0.15
C PHE D 10 -11.43 -17.00 0.85
N LEU D 11 -11.01 -16.40 1.96
CA LEU D 11 -11.95 -15.86 2.93
C LEU D 11 -12.72 -14.65 2.43
N GLU D 12 -12.06 -13.78 1.65
CA GLU D 12 -12.77 -12.69 0.95
C GLU D 12 -13.83 -13.25 -0.01
N GLU D 13 -13.52 -14.38 -0.65
CA GLU D 13 -14.44 -14.99 -1.61
C GLU D 13 -15.63 -15.58 -0.89
N ALA D 14 -15.38 -16.23 0.25
CA ALA D 14 -16.45 -16.79 1.07
C ALA D 14 -17.33 -15.69 1.66
N PHE D 15 -16.72 -14.58 2.08
CA PHE D 15 -17.46 -13.40 2.56
C PHE D 15 -18.45 -12.90 1.51
N ALA D 16 -17.96 -12.73 0.29
CA ALA D 16 -18.79 -12.34 -0.83
C ALA D 16 -19.88 -13.38 -1.09
N GLY D 17 -19.49 -14.67 -1.02
CA GLY D 17 -20.41 -15.77 -1.36
C GLY D 17 -21.56 -15.82 -0.36
N GLU D 18 -21.22 -15.66 0.91
CA GLU D 18 -22.22 -15.71 1.99
C GLU D 18 -23.05 -14.45 2.06
N SER D 19 -22.47 -13.32 1.66
CA SER D 19 -23.22 -12.08 1.58
C SER D 19 -24.30 -12.21 0.51
N MET D 20 -23.94 -12.77 -0.64
CA MET D 20 -24.90 -12.93 -1.74
C MET D 20 -25.99 -13.95 -1.42
N ALA D 21 -25.62 -15.04 -0.72
CA ALA D 21 -26.60 -16.06 -0.33
C ALA D 21 -27.58 -15.47 0.67
N HIS D 22 -27.06 -14.76 1.67
CA HIS D 22 -27.87 -14.03 2.62
C HIS D 22 -28.85 -13.12 1.92
N MET D 23 -28.35 -12.37 0.94
CA MET D 23 -29.14 -11.37 0.23
C MET D 23 -30.21 -12.06 -0.65
N ARG D 24 -29.83 -13.13 -1.33
CA ARG D 24 -30.78 -13.92 -2.11
C ARG D 24 -31.89 -14.47 -1.22
N TYR D 25 -31.53 -14.87 0.01
CA TYR D 25 -32.48 -15.48 0.89
C TYR D 25 -33.47 -14.45 1.44
N LEU D 26 -33.01 -13.23 1.76
CA LEU D 26 -33.92 -12.12 2.12
C LEU D 26 -34.91 -11.80 1.01
N ILE D 27 -34.40 -11.72 -0.22
CA ILE D 27 -35.22 -11.53 -1.41
C ILE D 27 -36.25 -12.66 -1.59
N PHE D 28 -35.79 -13.91 -1.47
CA PHE D 28 -36.70 -15.07 -1.57
C PHE D 28 -37.78 -15.07 -0.47
N ALA D 29 -37.40 -14.68 0.74
CA ALA D 29 -38.34 -14.65 1.87
C ALA D 29 -39.53 -13.74 1.59
N GLU D 30 -39.22 -12.47 1.27
CA GLU D 30 -40.19 -11.52 0.74
C GLU D 30 -41.11 -12.16 -0.31
N LYS D 31 -40.51 -12.77 -1.33
CA LYS D 31 -41.31 -13.38 -2.39
C LYS D 31 -42.18 -14.52 -1.87
N ALA D 32 -41.65 -15.33 -0.95
CA ALA D 32 -42.42 -16.40 -0.32
C ALA D 32 -43.65 -15.84 0.42
N GLU D 33 -43.43 -14.76 1.15
CA GLU D 33 -44.46 -14.04 1.91
C GLU D 33 -45.55 -13.53 0.98
N GLN D 34 -45.14 -12.94 -0.15
CA GLN D 34 -46.07 -12.44 -1.16
C GLN D 34 -46.95 -13.55 -1.77
N GLU D 35 -46.36 -14.73 -1.99
CA GLU D 35 -47.07 -15.83 -2.62
C GLU D 35 -47.82 -16.72 -1.63
N GLY D 36 -47.87 -16.30 -0.37
CA GLY D 36 -48.63 -17.02 0.67
C GLY D 36 -47.93 -18.18 1.36
N PHE D 37 -46.61 -18.17 1.37
CA PHE D 37 -45.86 -19.21 2.07
C PHE D 37 -45.06 -18.57 3.21
N PRO D 38 -45.73 -18.17 4.32
CA PRO D 38 -44.99 -17.48 5.41
C PRO D 38 -44.03 -18.38 6.21
N ASN D 39 -44.29 -19.67 6.28
CA ASN D 39 -43.37 -20.60 6.98
C ASN D 39 -42.09 -20.83 6.15
N ILE D 40 -42.24 -20.96 4.83
CA ILE D 40 -41.08 -20.91 3.94
C ILE D 40 -40.33 -19.59 4.07
N ALA D 41 -41.06 -18.48 4.21
CA ALA D 41 -40.43 -17.17 4.37
C ALA D 41 -39.65 -17.09 5.69
N LYS D 42 -40.22 -17.69 6.74
CA LYS D 42 -39.52 -17.86 8.01
C LYS D 42 -38.23 -18.68 7.82
N LEU D 43 -38.32 -19.78 7.08
CA LEU D 43 -37.17 -20.62 6.81
C LEU D 43 -36.07 -19.87 6.11
N PHE D 44 -36.40 -19.20 5.00
CA PHE D 44 -35.47 -18.36 4.25
C PHE D 44 -34.74 -17.34 5.15
N ARG D 45 -35.47 -16.65 6.01
CA ARG D 45 -34.87 -15.62 6.88
C ARG D 45 -34.01 -16.21 7.98
N ALA D 46 -34.43 -17.36 8.52
CA ALA D 46 -33.64 -18.07 9.51
C ALA D 46 -32.30 -18.45 8.90
N ILE D 47 -32.38 -19.10 7.74
CA ILE D 47 -31.17 -19.51 7.02
C ILE D 47 -30.31 -18.32 6.56
N ALA D 48 -30.95 -17.20 6.20
CA ALA D 48 -30.21 -15.98 5.88
C ALA D 48 -29.40 -15.54 7.09
N TYR D 49 -29.96 -15.70 8.29
CA TYR D 49 -29.23 -15.37 9.51
C TYR D 49 -28.00 -16.25 9.70
N ALA D 50 -28.12 -17.55 9.41
CA ALA D 50 -26.98 -18.46 9.51
C ALA D 50 -25.86 -18.04 8.55
N GLU D 51 -26.24 -17.62 7.33
CA GLU D 51 -25.24 -17.12 6.36
C GLU D 51 -24.61 -15.83 6.85
N PHE D 52 -25.36 -15.01 7.58
CA PHE D 52 -24.76 -13.83 8.28
C PHE D 52 -23.74 -14.28 9.33
N VAL D 53 -24.03 -15.37 10.02
CA VAL D 53 -23.06 -15.92 10.98
C VAL D 53 -21.75 -16.28 10.29
N HIS D 54 -21.83 -17.07 9.22
CA HIS D 54 -20.65 -17.47 8.44
C HIS D 54 -19.92 -16.27 7.85
N ALA D 55 -20.67 -15.39 7.18
CA ALA D 55 -20.08 -14.14 6.67
C ALA D 55 -19.35 -13.32 7.76
N LYS D 56 -19.99 -13.15 8.90
CA LYS D 56 -19.39 -12.41 10.03
C LYS D 56 -18.10 -13.09 10.51
N ASN D 57 -18.14 -14.42 10.64
CA ASN D 57 -16.97 -15.22 11.02
C ASN D 57 -15.77 -15.03 10.08
N HIS D 58 -16.03 -15.01 8.77
CA HIS D 58 -14.95 -14.77 7.80
C HIS D 58 -14.37 -13.37 7.95
N PHE D 59 -15.28 -12.40 8.04
CA PHE D 59 -14.99 -10.98 8.12
C PHE D 59 -14.12 -10.66 9.35
N ILE D 60 -14.52 -11.19 10.51
CA ILE D 60 -13.72 -11.10 11.73
C ILE D 60 -12.34 -11.78 11.59
N ALA D 61 -12.32 -12.95 10.96
CA ALA D 61 -11.05 -13.69 10.77
C ALA D 61 -10.09 -12.90 9.87
N LEU D 62 -10.66 -12.07 9.00
CA LEU D 62 -9.88 -11.17 8.17
C LEU D 62 -9.45 -9.87 8.88
N GLY D 63 -9.87 -9.69 10.12
CA GLY D 63 -9.52 -8.50 10.91
C GLY D 63 -10.22 -7.24 10.43
N LYS D 64 -11.43 -7.39 9.88
CA LYS D 64 -12.14 -6.27 9.30
C LYS D 64 -13.14 -5.62 10.25
N LEU D 65 -13.42 -6.29 11.37
CA LEU D 65 -14.27 -5.72 12.40
C LEU D 65 -13.41 -5.08 13.49
N GLY D 66 -13.59 -3.78 13.68
CA GLY D 66 -12.94 -3.05 14.77
C GLY D 66 -13.98 -2.25 15.53
N LYS D 67 -13.57 -1.12 16.09
CA LYS D 67 -14.44 -0.23 16.86
C LYS D 67 -15.40 0.57 15.98
N THR D 68 -16.53 1.01 16.53
CA THR D 68 -17.54 1.77 15.73
C THR D 68 -16.98 2.89 14.82
N PRO D 69 -16.09 3.77 15.32
CA PRO D 69 -15.59 4.84 14.45
C PRO D 69 -14.83 4.32 13.23
N GLU D 70 -14.08 3.23 13.42
CA GLU D 70 -13.33 2.60 12.35
C GLU D 70 -14.28 1.94 11.35
N ASN D 71 -15.28 1.24 11.89
CA ASN D 71 -16.34 0.63 11.11
C ASN D 71 -17.07 1.67 10.27
N LEU D 72 -17.39 2.81 10.90
CA LEU D 72 -17.94 3.97 10.21
C LEU D 72 -17.06 4.45 9.07
N GLN D 73 -15.75 4.60 9.31
CA GLN D 73 -14.80 4.99 8.27
C GLN D 73 -14.80 4.04 7.05
N MET D 74 -14.92 2.75 7.31
CA MET D 74 -15.00 1.72 6.28
C MET D 74 -16.31 1.88 5.51
N GLY D 75 -17.38 2.21 6.23
CA GLY D 75 -18.66 2.60 5.64
C GLY D 75 -18.60 3.84 4.75
N ILE D 76 -17.77 4.82 5.12
CA ILE D 76 -17.59 6.03 4.34
C ILE D 76 -16.86 5.76 3.02
N GLU D 77 -15.78 4.98 3.09
CA GLU D 77 -14.95 4.64 1.93
C GLU D 77 -15.73 3.80 0.94
N GLY D 78 -16.41 2.77 1.44
CA GLY D 78 -17.27 1.93 0.61
C GLY D 78 -18.27 2.78 -0.16
N GLU D 79 -19.03 3.61 0.55
CA GLU D 79 -20.07 4.47 -0.04
C GLU D 79 -19.50 5.45 -1.07
N THR D 80 -18.34 6.02 -0.76
CA THR D 80 -17.70 7.01 -1.63
C THR D 80 -17.30 6.38 -2.98
N PHE D 81 -16.68 5.21 -2.94
CA PHE D 81 -16.42 4.45 -4.14
C PHE D 81 -17.70 4.14 -4.95
N GLU D 82 -18.78 3.77 -4.27
CA GLU D 82 -20.01 3.39 -4.96
C GLU D 82 -20.63 4.58 -5.68
N VAL D 83 -20.76 5.70 -4.99
CA VAL D 83 -21.48 6.85 -5.55
C VAL D 83 -20.64 7.72 -6.53
N GLU D 84 -19.33 7.77 -6.34
CA GLU D 84 -18.44 8.59 -7.17
C GLU D 84 -17.71 7.80 -8.27
N GLU D 85 -17.61 6.49 -8.08
CA GLU D 85 -16.89 5.63 -9.05
C GLU D 85 -17.78 4.57 -9.74
N MET D 86 -18.40 3.69 -8.95
CA MET D 86 -19.02 2.50 -9.51
C MET D 86 -20.32 2.82 -10.27
N TYR D 87 -21.26 3.47 -9.59
CA TYR D 87 -22.57 3.80 -10.15
C TYR D 87 -22.57 4.83 -11.30
N PRO D 88 -21.73 5.88 -11.24
CA PRO D 88 -21.59 6.74 -12.44
C PRO D 88 -21.24 5.96 -13.69
N VAL D 89 -20.21 5.12 -13.60
CA VAL D 89 -19.71 4.38 -14.76
C VAL D 89 -20.73 3.31 -15.22
N TYR D 90 -21.32 2.57 -14.28
CA TYR D 90 -22.26 1.50 -14.64
C TYR D 90 -23.51 2.07 -15.28
N ASN D 91 -24.01 3.17 -14.72
CA ASN D 91 -25.21 3.85 -15.25
C ASN D 91 -24.92 4.35 -16.67
N LYS D 92 -23.77 5.01 -16.83
CA LYS D 92 -23.31 5.44 -18.14
C LYS D 92 -23.20 4.25 -19.09
N ALA D 93 -22.69 3.12 -18.59
CA ALA D 93 -22.54 1.91 -19.41
C ALA D 93 -23.88 1.33 -19.88
N ALA D 94 -24.82 1.19 -18.94
CA ALA D 94 -26.17 0.70 -19.25
C ALA D 94 -26.93 1.62 -20.22
N GLU D 95 -26.69 2.92 -20.14
CA GLU D 95 -27.32 3.88 -21.04
C GLU D 95 -26.88 3.62 -22.48
N PHE D 96 -25.55 3.55 -22.60
CA PHE D 96 -24.82 3.32 -23.84
C PHE D 96 -25.24 2.02 -24.51
N GLN D 97 -25.46 0.97 -23.72
CA GLN D 97 -25.90 -0.31 -24.28
C GLN D 97 -27.42 -0.42 -24.34
N GLY D 98 -28.10 0.66 -23.94
CA GLY D 98 -29.56 0.76 -24.07
C GLY D 98 -30.32 -0.22 -23.20
N GLU D 99 -29.81 -0.44 -21.99
CA GLU D 99 -30.43 -1.38 -21.06
C GLU D 99 -31.29 -0.66 -20.02
N LYS D 100 -32.56 -0.40 -20.37
CA LYS D 100 -33.42 0.50 -19.56
C LYS D 100 -33.55 0.10 -18.10
N GLU D 101 -33.77 -1.19 -17.86
CA GLU D 101 -33.93 -1.68 -16.49
C GLU D 101 -32.68 -1.38 -15.67
N ALA D 102 -31.50 -1.59 -16.27
CA ALA D 102 -30.22 -1.31 -15.59
C ALA D 102 -29.91 0.17 -15.48
N VAL D 103 -30.41 0.97 -16.42
CA VAL D 103 -30.32 2.44 -16.28
C VAL D 103 -31.11 2.89 -15.04
N ARG D 104 -32.33 2.38 -14.88
CA ARG D 104 -33.17 2.65 -13.71
C ARG D 104 -32.49 2.25 -12.37
N THR D 105 -32.08 0.99 -12.26
CA THR D 105 -31.52 0.52 -10.97
C THR D 105 -30.26 1.29 -10.55
N THR D 106 -29.39 1.60 -11.52
CA THR D 106 -28.15 2.36 -11.24
C THR D 106 -28.40 3.87 -11.10
N HIS D 107 -29.44 4.38 -11.73
CA HIS D 107 -29.87 5.75 -11.49
C HIS D 107 -30.46 5.89 -10.08
N TYR D 108 -31.35 4.96 -9.72
CA TYR D 108 -31.92 4.92 -8.36
C TYR D 108 -30.81 4.99 -7.32
N ALA D 109 -29.86 4.05 -7.43
CA ALA D 109 -28.71 3.97 -6.54
C ALA D 109 -27.87 5.24 -6.58
N LEU D 110 -27.53 5.66 -7.80
CA LEU D 110 -26.68 6.83 -7.98
C LEU D 110 -27.27 8.09 -7.31
N GLU D 111 -28.60 8.22 -7.31
CA GLU D 111 -29.24 9.32 -6.59
C GLU D 111 -29.45 9.06 -5.08
N ALA D 112 -29.80 7.81 -4.72
CA ALA D 112 -30.14 7.47 -3.32
C ALA D 112 -28.94 7.17 -2.39
N GLU D 113 -27.78 6.93 -2.97
CA GLU D 113 -26.58 6.57 -2.21
C GLU D 113 -25.87 7.77 -1.59
N LYS D 114 -26.20 8.96 -2.08
CA LYS D 114 -25.42 10.17 -1.80
C LYS D 114 -25.38 10.52 -0.32
N ILE D 115 -26.54 10.49 0.32
CA ILE D 115 -26.69 10.84 1.74
C ILE D 115 -25.91 9.92 2.68
N HIS D 116 -25.68 8.68 2.25
CA HIS D 116 -25.12 7.64 3.11
C HIS D 116 -23.77 7.97 3.75
N ALA D 117 -22.77 8.34 2.93
CA ALA D 117 -21.45 8.68 3.45
C ALA D 117 -21.49 9.85 4.44
N GLU D 118 -22.34 10.82 4.17
CA GLU D 118 -22.47 12.01 5.01
C GLU D 118 -23.07 11.67 6.38
N LEU D 119 -24.04 10.74 6.39
CA LEU D 119 -24.63 10.25 7.64
C LEU D 119 -23.60 9.50 8.47
N TYR D 120 -22.79 8.69 7.79
CA TYR D 120 -21.69 7.99 8.44
C TYR D 120 -20.63 8.99 8.90
N ARG D 121 -20.44 10.05 8.12
CA ARG D 121 -19.47 11.11 8.42
C ARG D 121 -19.79 11.77 9.78
N LYS D 122 -21.03 12.23 9.92
CA LYS D 122 -21.50 12.84 11.17
C LYS D 122 -21.50 11.84 12.33
N ALA D 123 -21.93 10.61 12.04
CA ALA D 123 -21.86 9.53 13.00
C ALA D 123 -20.46 9.29 13.53
N LYS D 124 -19.46 9.47 12.67
CA LYS D 124 -18.06 9.24 13.04
C LYS D 124 -17.51 10.25 14.08
N GLU D 125 -17.86 11.52 13.94
CA GLU D 125 -17.42 12.54 14.90
C GLU D 125 -17.93 12.18 16.30
N LYS D 126 -19.21 11.84 16.40
CA LYS D 126 -19.82 11.40 17.65
C LYS D 126 -19.04 10.28 18.33
N ALA D 127 -18.76 9.22 17.56
CA ALA D 127 -18.09 8.03 18.08
C ALA D 127 -16.62 8.23 18.49
N GLU D 128 -15.98 9.22 17.88
CA GLU D 128 -14.60 9.56 18.22
C GLU D 128 -14.54 10.40 19.49
N LYS D 129 -15.70 10.91 19.90
CA LYS D 129 -15.88 11.64 21.16
C LYS D 129 -16.31 10.66 22.26
N GLY D 130 -17.20 9.73 21.90
CA GLY D 130 -17.77 8.77 22.85
C GLY D 130 -19.28 8.90 22.96
N GLU D 131 -19.87 9.67 22.06
CA GLU D 131 -21.29 9.98 22.07
C GLU D 131 -22.04 9.20 20.98
N ASP D 132 -23.29 8.85 21.28
CA ASP D 132 -24.18 8.26 20.28
C ASP D 132 -24.81 9.39 19.46
N ILE D 133 -25.35 9.06 18.29
CA ILE D 133 -26.01 10.09 17.47
C ILE D 133 -27.42 10.37 17.99
N GLU D 134 -28.00 11.49 17.55
CA GLU D 134 -29.29 11.96 18.07
C GLU D 134 -30.40 11.80 17.03
N ILE D 135 -30.15 11.00 16.00
CA ILE D 135 -31.17 10.65 15.01
C ILE D 135 -32.07 9.59 15.61
N LYS D 136 -33.38 9.82 15.53
CA LYS D 136 -34.36 8.95 16.17
C LYS D 136 -35.15 8.08 15.18
N LYS D 137 -35.23 8.56 13.94
CA LYS D 137 -35.94 7.89 12.86
C LYS D 137 -35.15 7.96 11.56
N VAL D 138 -35.16 6.86 10.80
CA VAL D 138 -34.62 6.83 9.44
C VAL D 138 -35.66 6.27 8.48
N TYR D 139 -35.84 6.95 7.35
CA TYR D 139 -36.85 6.61 6.37
C TYR D 139 -36.18 6.12 5.10
N ILE D 140 -36.65 4.98 4.60
CA ILE D 140 -36.06 4.36 3.42
C ILE D 140 -37.16 4.01 2.46
N CYS D 141 -37.04 4.53 1.25
CA CYS D 141 -37.96 4.19 0.20
C CYS D 141 -37.74 2.74 -0.28
N PRO D 142 -38.81 1.92 -0.23
CA PRO D 142 -38.72 0.52 -0.67
C PRO D 142 -38.45 0.35 -2.17
N ILE D 143 -38.74 1.39 -2.96
CA ILE D 143 -38.61 1.32 -4.42
C ILE D 143 -37.16 1.48 -4.89
N CYS D 144 -36.48 2.46 -4.33
CA CYS D 144 -35.28 3.03 -4.91
C CYS D 144 -34.25 3.28 -3.83
N GLY D 145 -34.62 3.00 -2.58
CA GLY D 145 -33.69 3.14 -1.47
C GLY D 145 -33.40 4.56 -1.01
N TYR D 146 -34.22 5.52 -1.48
CA TYR D 146 -34.03 6.90 -1.00
C TYR D 146 -34.10 6.94 0.53
N THR D 147 -33.16 7.68 1.11
CA THR D 147 -32.88 7.63 2.53
C THR D 147 -33.07 9.00 3.18
N ALA D 148 -33.95 9.06 4.18
CA ALA D 148 -34.31 10.33 4.84
C ALA D 148 -34.21 10.24 6.37
N VAL D 149 -33.66 11.29 6.98
CA VAL D 149 -33.40 11.30 8.41
C VAL D 149 -34.48 12.10 9.14
N ASP D 150 -35.05 11.49 10.18
CA ASP D 150 -36.01 12.13 11.10
C ASP D 150 -37.43 12.28 10.56
N GLU D 151 -37.58 12.67 9.30
CA GLU D 151 -38.90 12.72 8.63
C GLU D 151 -38.85 12.40 7.12
N ALA D 152 -39.90 11.76 6.63
CA ALA D 152 -39.99 11.39 5.22
C ALA D 152 -40.48 12.56 4.36
N PRO D 153 -39.90 12.73 3.15
CA PRO D 153 -40.40 13.77 2.25
C PRO D 153 -41.84 13.47 1.81
N GLU D 154 -42.57 14.51 1.40
CA GLU D 154 -43.96 14.40 0.92
C GLU D 154 -44.08 13.35 -0.16
N TYR D 155 -43.09 13.31 -1.05
CA TYR D 155 -42.92 12.24 -2.03
C TYR D 155 -41.44 11.92 -2.21
N CYS D 156 -41.12 10.68 -2.53
CA CYS D 156 -39.73 10.33 -2.87
C CYS D 156 -39.33 11.05 -4.17
N PRO D 157 -38.30 11.91 -4.12
CA PRO D 157 -37.87 12.64 -5.31
C PRO D 157 -37.24 11.77 -6.42
N VAL D 158 -36.91 10.52 -6.09
CA VAL D 158 -36.22 9.61 -7.02
C VAL D 158 -37.18 8.69 -7.78
N CYS D 159 -38.14 8.08 -7.09
CA CYS D 159 -39.14 7.23 -7.77
C CYS D 159 -40.58 7.77 -7.72
N GLY D 160 -40.81 8.82 -6.92
CA GLY D 160 -42.14 9.44 -6.87
C GLY D 160 -43.11 8.83 -5.89
N ALA D 161 -42.68 7.81 -5.15
CA ALA D 161 -43.51 7.15 -4.15
C ALA D 161 -43.96 8.14 -3.07
N PRO D 162 -45.23 8.03 -2.63
CA PRO D 162 -45.78 8.79 -1.52
C PRO D 162 -45.09 8.53 -0.17
N LYS D 163 -45.00 9.60 0.62
CA LYS D 163 -44.47 9.61 1.98
C LYS D 163 -44.77 8.34 2.79
N GLU D 164 -45.96 7.78 2.59
CA GLU D 164 -46.39 6.64 3.40
C GLU D 164 -45.84 5.28 2.99
N LYS D 165 -45.28 5.21 1.78
CA LYS D 165 -44.62 3.98 1.29
C LYS D 165 -43.29 3.71 1.98
N PHE D 166 -42.72 4.74 2.58
CA PHE D 166 -41.43 4.67 3.26
C PHE D 166 -41.42 3.73 4.46
N VAL D 167 -40.36 2.94 4.56
CA VAL D 167 -40.11 2.02 5.67
C VAL D 167 -39.35 2.79 6.76
N VAL D 168 -39.87 2.78 7.99
CA VAL D 168 -39.29 3.54 9.11
C VAL D 168 -38.33 2.71 9.97
N PHE D 169 -37.20 3.31 10.34
CA PHE D 169 -36.30 2.72 11.32
C PHE D 169 -36.20 3.61 12.56
N GLU D 170 -36.68 3.07 13.68
CA GLU D 170 -36.85 3.82 14.91
C GLU D 170 -36.32 3.01 16.09
N VAL E 1 10.49 8.49 -13.57
CA VAL E 1 10.21 8.36 -12.11
C VAL E 1 11.36 7.65 -11.42
N VAL E 2 11.87 8.30 -10.38
CA VAL E 2 12.93 7.79 -9.54
C VAL E 2 12.40 6.67 -8.64
N LYS E 3 13.09 5.53 -8.62
CA LYS E 3 12.55 4.35 -7.95
C LYS E 3 13.47 3.62 -6.97
N ARG E 4 14.78 3.81 -7.09
CA ARG E 4 15.67 3.19 -6.13
C ARG E 4 15.38 3.84 -4.78
N THR E 5 15.24 3.00 -3.75
CA THR E 5 14.80 3.40 -2.43
C THR E 5 15.62 4.58 -1.87
N MET E 6 16.96 4.48 -1.90
CA MET E 6 17.84 5.53 -1.34
C MET E 6 17.72 6.86 -2.05
N THR E 7 17.86 6.85 -3.38
CA THR E 7 17.73 8.07 -4.15
C THR E 7 16.34 8.69 -3.95
N LYS E 8 15.30 7.86 -3.97
CA LYS E 8 13.93 8.31 -3.71
C LYS E 8 13.80 9.05 -2.39
N LYS E 9 14.42 8.52 -1.33
CA LYS E 9 14.40 9.12 0.00
C LYS E 9 15.19 10.42 0.00
N PHE E 10 16.30 10.46 -0.72
CA PHE E 10 17.08 11.68 -0.82
C PHE E 10 16.28 12.79 -1.51
N LEU E 11 15.60 12.45 -2.61
CA LEU E 11 14.78 13.41 -3.34
C LEU E 11 13.61 13.93 -2.53
N GLU E 12 13.04 13.08 -1.68
CA GLU E 12 11.98 13.47 -0.74
C GLU E 12 12.52 14.42 0.31
N GLU E 13 13.76 14.18 0.76
CA GLU E 13 14.42 15.04 1.77
C GLU E 13 14.80 16.39 1.19
N ALA E 14 15.31 16.36 -0.04
CA ALA E 14 15.68 17.55 -0.78
C ALA E 14 14.43 18.38 -1.06
N PHE E 15 13.31 17.69 -1.33
CA PHE E 15 12.04 18.38 -1.60
C PHE E 15 11.57 19.09 -0.35
N ALA E 16 11.66 18.40 0.79
CA ALA E 16 11.29 18.96 2.08
C ALA E 16 12.20 20.16 2.40
N GLY E 17 13.48 19.99 2.16
CA GLY E 17 14.49 21.01 2.51
C GLY E 17 14.39 22.25 1.63
N GLU E 18 14.01 22.07 0.36
CA GLU E 18 13.87 23.21 -0.57
C GLU E 18 12.54 23.92 -0.34
N SER E 19 11.55 23.16 0.13
CA SER E 19 10.28 23.76 0.55
C SER E 19 10.45 24.65 1.79
N MET E 20 11.18 24.15 2.79
CA MET E 20 11.46 24.95 4.00
C MET E 20 12.31 26.18 3.71
N ALA E 21 13.27 26.04 2.80
CA ALA E 21 14.11 27.16 2.34
C ALA E 21 13.27 28.20 1.63
N HIS E 22 12.45 27.75 0.69
CA HIS E 22 11.58 28.63 -0.06
C HIS E 22 10.71 29.42 0.91
N MET E 23 10.15 28.71 1.90
CA MET E 23 9.30 29.32 2.94
C MET E 23 10.08 30.29 3.84
N ARG E 24 11.27 29.87 4.29
CA ARG E 24 12.16 30.76 5.11
C ARG E 24 12.30 32.08 4.38
N TYR E 25 12.49 31.98 3.08
CA TYR E 25 12.85 33.11 2.24
C TYR E 25 11.68 34.03 1.97
N LEU E 26 10.46 33.47 1.84
CA LEU E 26 9.26 34.32 1.79
C LEU E 26 9.02 35.04 3.13
N ILE E 27 9.23 34.33 4.24
CA ILE E 27 9.09 34.91 5.60
C ILE E 27 10.11 36.05 5.81
N PHE E 28 11.38 35.79 5.49
CA PHE E 28 12.43 36.82 5.59
C PHE E 28 12.17 38.01 4.65
N ALA E 29 11.61 37.76 3.46
CA ALA E 29 11.31 38.83 2.49
C ALA E 29 10.34 39.87 3.05
N GLU E 30 9.27 39.37 3.64
CA GLU E 30 8.29 40.19 4.34
C GLU E 30 8.98 40.98 5.47
N LYS E 31 9.90 40.34 6.18
CA LYS E 31 10.57 41.00 7.31
C LYS E 31 11.52 42.09 6.81
N ALA E 32 12.14 41.83 5.67
CA ALA E 32 13.06 42.78 5.06
C ALA E 32 12.32 44.03 4.62
N GLU E 33 11.17 43.83 3.98
CA GLU E 33 10.30 44.92 3.50
C GLU E 33 9.76 45.76 4.69
N GLN E 34 9.36 45.08 5.75
CA GLN E 34 8.90 45.74 6.96
C GLN E 34 10.01 46.55 7.67
N GLU E 35 11.27 46.13 7.48
CA GLU E 35 12.41 46.83 8.07
C GLU E 35 13.01 47.91 7.17
N GLY E 36 12.44 48.08 5.98
CA GLY E 36 12.86 49.13 5.06
C GLY E 36 13.98 48.72 4.14
N PHE E 37 14.08 47.43 3.83
CA PHE E 37 15.06 46.94 2.86
C PHE E 37 14.30 46.34 1.66
N PRO E 38 13.71 47.19 0.79
CA PRO E 38 12.92 46.68 -0.36
C PRO E 38 13.73 45.84 -1.37
N ASN E 39 14.98 46.18 -1.60
CA ASN E 39 15.80 45.42 -2.55
C ASN E 39 16.22 44.06 -1.99
N ILE E 40 16.61 44.02 -0.71
CA ILE E 40 16.90 42.74 -0.04
C ILE E 40 15.67 41.80 -0.08
N ALA E 41 14.47 42.37 0.08
CA ALA E 41 13.22 41.61 0.00
C ALA E 41 12.95 41.05 -1.40
N LYS E 42 13.25 41.84 -2.42
CA LYS E 42 13.20 41.43 -3.81
C LYS E 42 14.17 40.25 -4.02
N LEU E 43 15.37 40.38 -3.45
CA LEU E 43 16.38 39.30 -3.48
C LEU E 43 15.87 38.00 -2.87
N PHE E 44 15.30 38.10 -1.67
CA PHE E 44 14.74 36.95 -0.94
C PHE E 44 13.68 36.24 -1.78
N ARG E 45 12.77 37.00 -2.37
CA ARG E 45 11.66 36.45 -3.17
C ARG E 45 12.15 35.82 -4.48
N ALA E 46 13.20 36.40 -5.04
CA ALA E 46 13.84 35.87 -6.24
C ALA E 46 14.45 34.51 -5.92
N ILE E 47 15.29 34.44 -4.90
CA ILE E 47 15.88 33.16 -4.45
C ILE E 47 14.82 32.13 -4.08
N ALA E 48 13.74 32.58 -3.41
CA ALA E 48 12.66 31.72 -3.03
C ALA E 48 12.07 31.02 -4.25
N TYR E 49 11.94 31.75 -5.35
CA TYR E 49 11.55 31.16 -6.64
C TYR E 49 12.56 30.14 -7.17
N ALA E 50 13.85 30.43 -7.01
CA ALA E 50 14.91 29.48 -7.38
C ALA E 50 14.73 28.15 -6.65
N GLU E 51 14.42 28.22 -5.36
CA GLU E 51 14.17 27.01 -4.54
C GLU E 51 12.88 26.30 -4.94
N PHE E 52 11.86 27.07 -5.37
CA PHE E 52 10.64 26.49 -6.00
C PHE E 52 10.98 25.64 -7.22
N VAL E 53 11.93 26.11 -8.03
CA VAL E 53 12.33 25.34 -9.20
C VAL E 53 12.99 24.02 -8.78
N HIS E 54 13.91 24.10 -7.82
CA HIS E 54 14.54 22.87 -7.30
C HIS E 54 13.51 21.90 -6.69
N ALA E 55 12.70 22.38 -5.74
CA ALA E 55 11.67 21.52 -5.12
C ALA E 55 10.78 20.90 -6.20
N LYS E 56 10.24 21.73 -7.11
CA LYS E 56 9.47 21.22 -8.27
C LYS E 56 10.20 20.18 -9.13
N ASN E 57 11.49 20.41 -9.40
CA ASN E 57 12.29 19.44 -10.14
C ASN E 57 12.42 18.08 -9.45
N HIS E 58 12.62 18.10 -8.12
CA HIS E 58 12.65 16.85 -7.32
C HIS E 58 11.28 16.17 -7.29
N PHE E 59 10.22 16.96 -7.04
CA PHE E 59 8.81 16.52 -6.99
C PHE E 59 8.40 15.79 -8.29
N ILE E 60 8.72 16.40 -9.44
CA ILE E 60 8.50 15.78 -10.76
C ILE E 60 9.39 14.53 -10.98
N ALA E 61 10.64 14.61 -10.55
CA ALA E 61 11.54 13.46 -10.63
C ALA E 61 10.95 12.30 -9.85
N LEU E 62 10.33 12.61 -8.71
CA LEU E 62 9.65 11.62 -7.89
C LEU E 62 8.37 11.07 -8.51
N GLY E 63 7.89 11.70 -9.58
CA GLY E 63 6.61 11.30 -10.23
C GLY E 63 5.34 11.72 -9.49
N LYS E 64 5.42 12.80 -8.71
CA LYS E 64 4.30 13.22 -7.85
C LYS E 64 3.37 14.27 -8.51
N LEU E 65 3.76 14.76 -9.68
CA LEU E 65 2.91 15.68 -10.43
C LEU E 65 2.06 14.94 -11.45
N GLY E 66 0.75 15.17 -11.40
CA GLY E 66 -0.15 14.60 -12.38
C GLY E 66 -0.99 15.69 -13.00
N LYS E 67 -2.07 15.30 -13.66
CA LYS E 67 -3.10 16.23 -14.08
C LYS E 67 -3.78 16.83 -12.84
N THR E 68 -4.48 17.95 -13.04
CA THR E 68 -5.18 18.65 -11.96
C THR E 68 -6.09 17.78 -11.04
N PRO E 69 -6.90 16.87 -11.62
CA PRO E 69 -7.80 16.10 -10.74
C PRO E 69 -7.06 15.24 -9.75
N GLU E 70 -5.92 14.70 -10.18
CA GLU E 70 -5.09 13.83 -9.37
C GLU E 70 -4.25 14.64 -8.37
N ASN E 71 -3.79 15.80 -8.82
CA ASN E 71 -3.19 16.80 -7.93
C ASN E 71 -4.12 17.28 -6.79
N LEU E 72 -5.37 17.62 -7.11
CA LEU E 72 -6.35 17.97 -6.07
C LEU E 72 -6.58 16.83 -5.07
N GLN E 73 -6.59 15.59 -5.56
CA GLN E 73 -6.75 14.44 -4.67
C GLN E 73 -5.64 14.29 -3.63
N MET E 74 -4.40 14.52 -4.07
CA MET E 74 -3.24 14.52 -3.19
C MET E 74 -3.40 15.63 -2.15
N GLY E 75 -4.02 16.73 -2.56
CA GLY E 75 -4.29 17.87 -1.71
C GLY E 75 -5.35 17.52 -0.70
N ILE E 76 -6.40 16.81 -1.15
CA ILE E 76 -7.48 16.36 -0.26
C ILE E 76 -6.89 15.46 0.83
N GLU E 77 -5.91 14.64 0.44
CA GLU E 77 -5.28 13.69 1.34
C GLU E 77 -4.37 14.40 2.36
N GLY E 78 -3.57 15.33 1.86
CA GLY E 78 -2.74 16.19 2.70
C GLY E 78 -3.55 16.92 3.73
N GLU E 79 -4.59 17.64 3.26
CA GLU E 79 -5.46 18.44 4.13
C GLU E 79 -6.17 17.61 5.21
N THR E 80 -6.72 16.46 4.81
CA THR E 80 -7.40 15.56 5.74
C THR E 80 -6.48 15.07 6.86
N PHE E 81 -5.28 14.60 6.49
CA PHE E 81 -4.29 14.21 7.48
C PHE E 81 -3.99 15.32 8.48
N GLU E 82 -3.77 16.53 7.99
CA GLU E 82 -3.36 17.67 8.83
C GLU E 82 -4.41 18.10 9.84
N VAL E 83 -5.68 18.10 9.43
CA VAL E 83 -6.77 18.58 10.29
C VAL E 83 -7.40 17.47 11.15
N GLU E 84 -7.37 16.23 10.66
CA GLU E 84 -7.92 15.09 11.43
C GLU E 84 -6.91 14.43 12.36
N GLU E 85 -5.63 14.46 11.97
CA GLU E 85 -4.59 13.73 12.69
C GLU E 85 -3.55 14.66 13.33
N MET E 86 -2.82 15.36 12.48
CA MET E 86 -1.63 16.08 12.89
C MET E 86 -1.92 17.19 13.89
N TYR E 87 -2.79 18.13 13.50
CA TYR E 87 -3.07 19.31 14.33
C TYR E 87 -3.85 19.02 15.63
N PRO E 88 -4.87 18.14 15.59
CA PRO E 88 -5.54 17.78 16.85
C PRO E 88 -4.57 17.23 17.87
N VAL E 89 -3.68 16.31 17.45
CA VAL E 89 -2.67 15.76 18.33
C VAL E 89 -1.61 16.81 18.73
N TYR E 90 -1.13 17.62 17.78
CA TYR E 90 -0.10 18.62 18.13
C TYR E 90 -0.64 19.66 19.10
N ASN E 91 -1.86 20.13 18.88
CA ASN E 91 -2.56 21.03 19.82
C ASN E 91 -2.74 20.46 21.24
N LYS E 92 -3.25 19.24 21.36
CA LYS E 92 -3.42 18.64 22.68
C LYS E 92 -2.07 18.53 23.42
N ALA E 93 -1.00 18.17 22.69
CA ALA E 93 0.33 18.00 23.29
C ALA E 93 0.84 19.33 23.80
N ALA E 94 0.66 20.37 22.99
CA ALA E 94 1.03 21.75 23.37
C ALA E 94 0.29 22.23 24.61
N GLU E 95 -0.99 21.89 24.69
CA GLU E 95 -1.82 22.19 25.86
C GLU E 95 -1.31 21.42 27.09
N PHE E 96 -0.97 20.15 26.88
CA PHE E 96 -0.44 19.28 27.94
C PHE E 96 0.87 19.83 28.46
N GLN E 97 1.72 20.35 27.56
CA GLN E 97 3.05 20.88 27.90
C GLN E 97 3.07 22.36 28.28
N GLY E 98 1.88 22.97 28.41
CA GLY E 98 1.74 24.40 28.73
C GLY E 98 2.45 25.37 27.80
N GLU E 99 2.62 24.98 26.54
CA GLU E 99 3.28 25.83 25.55
C GLU E 99 2.24 26.70 24.82
N LYS E 100 1.96 27.87 25.41
CA LYS E 100 0.82 28.70 25.00
C LYS E 100 0.91 29.21 23.56
N GLU E 101 2.11 29.56 23.12
CA GLU E 101 2.34 30.00 21.75
C GLU E 101 1.94 28.91 20.76
N ALA E 102 2.39 27.67 21.00
CA ALA E 102 2.05 26.51 20.16
C ALA E 102 0.58 26.06 20.29
N VAL E 103 -0.04 26.34 21.43
CA VAL E 103 -1.48 26.13 21.56
C VAL E 103 -2.17 27.09 20.58
N ARG E 104 -1.72 28.36 20.58
CA ARG E 104 -2.23 29.36 19.65
C ARG E 104 -2.04 29.03 18.16
N THR E 105 -0.82 28.72 17.73
CA THR E 105 -0.62 28.46 16.29
C THR E 105 -1.37 27.21 15.78
N THR E 106 -1.44 26.16 16.60
CA THR E 106 -2.12 24.93 16.22
C THR E 106 -3.64 25.08 16.31
N HIS E 107 -4.11 25.96 17.21
CA HIS E 107 -5.55 26.28 17.31
C HIS E 107 -6.02 26.94 16.03
N TYR E 108 -5.25 27.94 15.58
CA TYR E 108 -5.53 28.64 14.33
C TYR E 108 -5.64 27.69 13.15
N ALA E 109 -4.68 26.76 13.06
CA ALA E 109 -4.63 25.76 12.01
C ALA E 109 -5.84 24.85 12.08
N LEU E 110 -6.15 24.40 13.30
CA LEU E 110 -7.27 23.52 13.56
C LEU E 110 -8.58 24.12 13.07
N GLU E 111 -8.75 25.43 13.25
CA GLU E 111 -9.97 26.09 12.83
C GLU E 111 -9.94 26.44 11.35
N ALA E 112 -8.81 27.00 10.90
CA ALA E 112 -8.68 27.53 9.54
C ALA E 112 -8.46 26.50 8.43
N GLU E 113 -8.04 25.28 8.80
CA GLU E 113 -7.70 24.23 7.83
C GLU E 113 -8.90 23.48 7.28
N LYS E 114 -9.98 23.47 8.04
CA LYS E 114 -11.09 22.55 7.79
C LYS E 114 -11.73 22.70 6.40
N ILE E 115 -11.94 23.93 5.92
CA ILE E 115 -12.57 24.10 4.57
C ILE E 115 -11.70 23.66 3.42
N HIS E 116 -10.38 23.74 3.57
CA HIS E 116 -9.47 23.40 2.47
C HIS E 116 -9.80 22.12 1.73
N ALA E 117 -9.98 21.02 2.46
CA ALA E 117 -10.27 19.72 1.86
C ALA E 117 -11.58 19.75 1.07
N GLU E 118 -12.53 20.55 1.57
CA GLU E 118 -13.84 20.75 0.91
C GLU E 118 -13.76 21.50 -0.40
N LEU E 119 -12.96 22.56 -0.42
CA LEU E 119 -12.81 23.40 -1.60
C LEU E 119 -12.07 22.63 -2.69
N TYR E 120 -11.14 21.79 -2.26
CA TYR E 120 -10.45 20.87 -3.16
C TYR E 120 -11.38 19.75 -3.65
N ARG E 121 -12.25 19.26 -2.76
CA ARG E 121 -13.26 18.27 -3.08
C ARG E 121 -14.14 18.80 -4.22
N LYS E 122 -14.74 19.96 -3.99
CA LYS E 122 -15.60 20.61 -4.99
C LYS E 122 -14.87 20.85 -6.32
N ALA E 123 -13.62 21.32 -6.24
CA ALA E 123 -12.79 21.59 -7.42
C ALA E 123 -12.51 20.36 -8.26
N LYS E 124 -12.18 19.25 -7.60
CA LYS E 124 -11.91 17.97 -8.26
C LYS E 124 -13.12 17.59 -9.10
N GLU E 125 -14.30 17.65 -8.47
CA GLU E 125 -15.55 17.33 -9.12
C GLU E 125 -15.73 18.01 -10.48
N LYS E 126 -15.40 19.29 -10.54
CA LYS E 126 -15.43 20.03 -11.79
C LYS E 126 -14.30 19.64 -12.73
N ALA E 127 -13.07 19.58 -12.22
CA ALA E 127 -11.87 19.31 -13.04
C ALA E 127 -11.89 17.99 -13.84
N GLU E 128 -12.44 16.94 -13.24
CA GLU E 128 -12.49 15.62 -13.89
C GLU E 128 -13.66 15.51 -14.88
N LYS E 129 -14.50 16.55 -14.91
CA LYS E 129 -15.48 16.78 -15.98
C LYS E 129 -14.84 17.59 -17.11
N GLY E 130 -13.68 18.19 -16.85
CA GLY E 130 -13.01 19.07 -17.80
C GLY E 130 -13.53 20.50 -17.70
N GLU E 131 -13.97 20.89 -16.51
CA GLU E 131 -14.48 22.24 -16.26
C GLU E 131 -13.69 22.93 -15.14
N ASP E 132 -13.57 24.25 -15.23
CA ASP E 132 -12.93 25.03 -14.17
C ASP E 132 -13.94 25.31 -13.06
N ILE E 133 -13.46 25.76 -11.92
CA ILE E 133 -14.37 26.19 -10.86
C ILE E 133 -14.89 27.58 -11.19
N GLU E 134 -16.06 27.88 -10.64
CA GLU E 134 -16.62 29.20 -10.67
C GLU E 134 -16.44 29.81 -9.30
N ILE E 135 -15.32 30.50 -9.13
CA ILE E 135 -15.09 31.37 -7.99
C ILE E 135 -14.50 32.68 -8.50
N LYS E 136 -14.82 33.78 -7.82
CA LYS E 136 -14.32 35.09 -8.23
C LYS E 136 -13.19 35.62 -7.34
N LYS E 137 -13.24 35.25 -6.07
CA LYS E 137 -12.50 35.94 -5.01
C LYS E 137 -12.17 34.91 -3.93
N VAL E 138 -10.94 34.93 -3.42
CA VAL E 138 -10.58 34.16 -2.22
C VAL E 138 -9.95 35.09 -1.18
N TYR E 139 -10.50 35.08 0.03
CA TYR E 139 -9.97 35.85 1.15
C TYR E 139 -9.14 34.92 2.04
N ILE E 140 -7.95 35.38 2.42
CA ILE E 140 -7.16 34.72 3.45
C ILE E 140 -6.78 35.73 4.55
N CYS E 141 -7.06 35.36 5.79
CA CYS E 141 -6.65 36.13 6.95
C CYS E 141 -5.14 35.92 7.16
N PRO E 142 -4.36 37.03 7.19
CA PRO E 142 -2.89 37.03 7.35
C PRO E 142 -2.41 36.68 8.76
N ILE E 143 -3.36 36.62 9.71
CA ILE E 143 -3.08 36.33 11.10
C ILE E 143 -3.15 34.84 11.39
N CYS E 144 -4.22 34.19 10.92
CA CYS E 144 -4.58 32.85 11.33
C CYS E 144 -4.93 31.92 10.18
N GLY E 145 -4.86 32.44 8.95
CA GLY E 145 -5.02 31.60 7.75
C GLY E 145 -6.44 31.24 7.40
N TYR E 146 -7.40 31.72 8.19
CA TYR E 146 -8.82 31.57 7.85
C TYR E 146 -9.07 31.88 6.36
N THR E 147 -9.87 31.02 5.72
CA THR E 147 -10.01 30.94 4.28
C THR E 147 -11.49 31.03 3.91
N ALA E 148 -11.83 32.05 3.12
CA ALA E 148 -13.20 32.17 2.62
C ALA E 148 -13.24 32.38 1.09
N VAL E 149 -14.12 31.65 0.41
CA VAL E 149 -14.27 31.78 -1.04
C VAL E 149 -15.47 32.69 -1.36
N ASP E 150 -15.24 33.69 -2.23
CA ASP E 150 -16.32 34.56 -2.79
C ASP E 150 -16.96 35.54 -1.78
N GLU E 151 -17.46 35.02 -0.66
CA GLU E 151 -17.99 35.86 0.43
C GLU E 151 -17.22 35.56 1.70
N ALA E 152 -17.05 36.58 2.54
CA ALA E 152 -16.36 36.42 3.82
C ALA E 152 -17.08 37.23 4.92
N PRO E 153 -16.99 36.78 6.20
CA PRO E 153 -17.59 37.52 7.31
C PRO E 153 -16.86 38.83 7.61
N GLU E 154 -17.59 39.76 8.23
CA GLU E 154 -17.07 41.08 8.57
C GLU E 154 -15.85 41.00 9.49
N TYR E 155 -15.80 39.96 10.32
CA TYR E 155 -14.62 39.67 11.15
C TYR E 155 -14.24 38.20 11.00
N CYS E 156 -12.94 37.92 11.09
CA CYS E 156 -12.42 36.55 11.07
C CYS E 156 -12.97 35.78 12.27
N PRO E 157 -13.59 34.60 12.02
CA PRO E 157 -14.19 33.82 13.12
C PRO E 157 -13.15 33.24 14.09
N VAL E 158 -11.90 33.14 13.63
CA VAL E 158 -10.86 32.45 14.37
C VAL E 158 -10.11 33.47 15.23
N CYS E 159 -9.65 34.56 14.63
CA CYS E 159 -8.79 35.52 15.34
C CYS E 159 -9.46 36.87 15.55
N GLY E 160 -10.61 37.09 14.91
CA GLY E 160 -11.34 38.36 15.06
C GLY E 160 -10.83 39.55 14.27
N ALA E 161 -9.79 39.35 13.44
CA ALA E 161 -9.35 40.40 12.50
C ALA E 161 -10.50 40.90 11.61
N PRO E 162 -10.60 42.24 11.40
CA PRO E 162 -11.51 42.84 10.43
C PRO E 162 -11.26 42.32 9.00
N LYS E 163 -12.33 42.21 8.22
CA LYS E 163 -12.26 41.71 6.85
C LYS E 163 -11.36 42.60 5.97
N GLU E 164 -11.17 43.85 6.37
CA GLU E 164 -10.36 44.80 5.59
C GLU E 164 -8.88 44.40 5.59
N LYS E 165 -8.49 43.65 6.63
CA LYS E 165 -7.14 43.05 6.75
C LYS E 165 -6.88 41.80 5.89
N PHE E 166 -7.95 41.10 5.50
CA PHE E 166 -7.81 39.88 4.71
C PHE E 166 -7.08 40.12 3.40
N VAL E 167 -6.22 39.17 3.05
CA VAL E 167 -5.51 39.14 1.76
C VAL E 167 -6.40 38.49 0.70
N VAL E 168 -6.59 39.19 -0.42
CA VAL E 168 -7.59 38.79 -1.42
C VAL E 168 -6.97 38.32 -2.74
N PHE E 169 -7.40 37.15 -3.19
CA PHE E 169 -6.92 36.56 -4.45
C PHE E 169 -8.04 36.68 -5.49
N GLU E 170 -7.82 37.47 -6.53
CA GLU E 170 -8.88 37.63 -7.56
C GLU E 170 -8.39 37.60 -9.00
N VAL F 1 9.13 32.09 23.05
CA VAL F 1 9.76 31.00 22.25
C VAL F 1 9.35 29.66 22.86
N VAL F 2 8.93 28.72 22.01
CA VAL F 2 8.54 27.37 22.46
C VAL F 2 9.80 26.66 22.93
N LYS F 3 9.73 26.08 24.13
CA LYS F 3 10.92 25.53 24.82
C LYS F 3 10.87 24.03 25.16
N ARG F 4 9.68 23.49 25.41
CA ARG F 4 9.54 22.08 25.76
C ARG F 4 9.79 21.21 24.53
N THR F 5 10.59 20.17 24.73
CA THR F 5 11.18 19.36 23.66
C THR F 5 10.14 18.74 22.70
N MET F 6 9.07 18.16 23.23
CA MET F 6 8.08 17.51 22.36
C MET F 6 7.34 18.52 21.47
N THR F 7 6.87 19.61 22.07
CA THR F 7 6.10 20.62 21.34
C THR F 7 7.00 21.35 20.32
N LYS F 8 8.24 21.61 20.72
CA LYS F 8 9.25 22.14 19.82
C LYS F 8 9.43 21.24 18.59
N LYS F 9 9.56 19.94 18.81
CA LYS F 9 9.72 19.00 17.69
C LYS F 9 8.47 18.96 16.82
N PHE F 10 7.30 19.05 17.47
CA PHE F 10 6.03 19.01 16.73
C PHE F 10 5.86 20.25 15.85
N LEU F 11 6.27 21.41 16.35
CA LEU F 11 6.16 22.64 15.57
C LEU F 11 7.15 22.64 14.41
N GLU F 12 8.30 21.99 14.62
CA GLU F 12 9.30 21.86 13.56
C GLU F 12 8.78 21.00 12.45
N GLU F 13 8.08 19.95 12.84
CA GLU F 13 7.41 19.04 11.92
C GLU F 13 6.27 19.72 11.16
N ALA F 14 5.46 20.51 11.87
CA ALA F 14 4.37 21.27 11.24
C ALA F 14 4.92 22.31 10.26
N PHE F 15 6.05 22.93 10.59
CA PHE F 15 6.67 23.89 9.71
C PHE F 15 7.11 23.19 8.41
N ALA F 16 7.74 22.03 8.54
CA ALA F 16 8.12 21.21 7.41
C ALA F 16 6.90 20.80 6.59
N GLY F 17 5.85 20.37 7.29
CA GLY F 17 4.59 19.94 6.66
C GLY F 17 3.91 21.08 5.89
N GLU F 18 3.86 22.26 6.50
CA GLU F 18 3.24 23.44 5.83
C GLU F 18 4.09 24.00 4.70
N SER F 19 5.42 23.98 4.86
CA SER F 19 6.31 24.35 3.76
C SER F 19 6.00 23.49 2.52
N MET F 20 5.90 22.19 2.72
CA MET F 20 5.69 21.21 1.63
C MET F 20 4.33 21.32 0.98
N ALA F 21 3.29 21.51 1.80
CA ALA F 21 1.94 21.78 1.29
C ALA F 21 1.88 23.09 0.47
N HIS F 22 2.35 24.21 1.03
CA HIS F 22 2.54 25.45 0.28
C HIS F 22 3.21 25.22 -1.07
N MET F 23 4.29 24.45 -1.06
CA MET F 23 5.08 24.20 -2.27
C MET F 23 4.32 23.33 -3.27
N ARG F 24 3.65 22.29 -2.79
CA ARG F 24 2.84 21.44 -3.64
C ARG F 24 1.78 22.29 -4.36
N TYR F 25 1.15 23.20 -3.62
CA TYR F 25 0.09 24.03 -4.17
C TYR F 25 0.58 25.08 -5.19
N LEU F 26 1.72 25.71 -4.94
CA LEU F 26 2.36 26.51 -5.99
C LEU F 26 2.61 25.68 -7.25
N ILE F 27 3.17 24.49 -7.08
CA ILE F 27 3.43 23.59 -8.18
C ILE F 27 2.10 23.22 -8.90
N PHE F 28 1.09 22.87 -8.11
CA PHE F 28 -0.22 22.47 -8.65
C PHE F 28 -0.93 23.62 -9.39
N ALA F 29 -0.79 24.85 -8.89
CA ALA F 29 -1.38 26.04 -9.53
C ALA F 29 -0.85 26.20 -10.96
N GLU F 30 0.48 26.13 -11.08
CA GLU F 30 1.17 26.22 -12.35
C GLU F 30 0.64 25.18 -13.34
N LYS F 31 0.43 23.96 -12.87
CA LYS F 31 -0.19 22.90 -13.68
C LYS F 31 -1.68 23.14 -13.98
N ALA F 32 -2.43 23.66 -13.01
CA ALA F 32 -3.83 24.02 -13.26
C ALA F 32 -3.94 25.08 -14.37
N GLU F 33 -3.12 26.12 -14.29
CA GLU F 33 -3.12 27.16 -15.32
C GLU F 33 -2.71 26.66 -16.71
N GLN F 34 -1.73 25.77 -16.76
CA GLN F 34 -1.26 25.16 -18.02
C GLN F 34 -2.30 24.20 -18.62
N GLU F 35 -3.19 23.71 -17.76
CA GLU F 35 -4.29 22.83 -18.17
C GLU F 35 -5.60 23.58 -18.41
N GLY F 36 -5.54 24.91 -18.34
CA GLY F 36 -6.70 25.76 -18.60
C GLY F 36 -7.71 25.82 -17.46
N PHE F 37 -7.23 25.65 -16.23
CA PHE F 37 -8.03 25.78 -15.01
C PHE F 37 -7.53 26.96 -14.17
N PRO F 38 -7.82 28.21 -14.61
CA PRO F 38 -7.28 29.38 -13.93
C PRO F 38 -7.94 29.73 -12.59
N ASN F 39 -9.20 29.33 -12.40
CA ASN F 39 -9.84 29.54 -11.10
C ASN F 39 -9.38 28.52 -10.07
N ILE F 40 -9.14 27.29 -10.52
CA ILE F 40 -8.48 26.28 -9.68
C ILE F 40 -7.03 26.71 -9.42
N ALA F 41 -6.36 27.30 -10.42
CA ALA F 41 -5.02 27.88 -10.18
C ALA F 41 -5.06 28.96 -9.09
N LYS F 42 -6.04 29.86 -9.19
CA LYS F 42 -6.27 30.92 -8.18
C LYS F 42 -6.56 30.37 -6.78
N LEU F 43 -7.33 29.29 -6.70
CA LEU F 43 -7.60 28.59 -5.44
C LEU F 43 -6.34 27.95 -4.82
N PHE F 44 -5.55 27.26 -5.63
CA PHE F 44 -4.27 26.73 -5.15
C PHE F 44 -3.38 27.82 -4.57
N ARG F 45 -3.22 28.94 -5.29
CA ARG F 45 -2.30 30.01 -4.86
C ARG F 45 -2.78 30.66 -3.57
N ALA F 46 -4.10 30.82 -3.44
CA ALA F 46 -4.71 31.42 -2.25
C ALA F 46 -4.43 30.54 -1.04
N ILE F 47 -4.82 29.28 -1.15
CA ILE F 47 -4.60 28.30 -0.08
C ILE F 47 -3.12 28.14 0.25
N ALA F 48 -2.25 28.15 -0.76
CA ALA F 48 -0.80 28.12 -0.56
C ALA F 48 -0.35 29.26 0.34
N TYR F 49 -0.99 30.44 0.19
CA TYR F 49 -0.73 31.58 1.08
C TYR F 49 -1.20 31.30 2.50
N ALA F 50 -2.35 30.66 2.66
CA ALA F 50 -2.79 30.23 3.98
C ALA F 50 -1.77 29.31 4.68
N GLU F 51 -1.17 28.39 3.94
CA GLU F 51 -0.12 27.51 4.51
C GLU F 51 1.14 28.30 4.86
N PHE F 52 1.54 29.26 4.04
CA PHE F 52 2.58 30.25 4.43
C PHE F 52 2.25 30.93 5.76
N VAL F 53 0.99 31.30 5.95
CA VAL F 53 0.58 31.88 7.23
C VAL F 53 0.88 30.93 8.39
N HIS F 54 0.45 29.67 8.24
CA HIS F 54 0.63 28.63 9.28
C HIS F 54 2.09 28.30 9.53
N ALA F 55 2.84 28.15 8.43
CA ALA F 55 4.28 27.92 8.50
C ALA F 55 4.93 29.06 9.25
N LYS F 56 4.58 30.29 8.87
CA LYS F 56 5.14 31.50 9.48
C LYS F 56 4.86 31.56 10.97
N ASN F 57 3.64 31.20 11.33
CA ASN F 57 3.21 31.22 12.73
C ASN F 57 4.02 30.24 13.55
N HIS F 58 4.25 29.03 13.02
CA HIS F 58 5.09 28.03 13.71
C HIS F 58 6.56 28.46 13.82
N PHE F 59 7.10 29.03 12.73
CA PHE F 59 8.49 29.48 12.63
C PHE F 59 8.78 30.57 13.66
N ILE F 60 7.81 31.46 13.83
CA ILE F 60 7.84 32.58 14.77
C ILE F 60 7.75 32.08 16.21
N ALA F 61 6.79 31.19 16.48
CA ALA F 61 6.62 30.59 17.82
C ALA F 61 7.88 29.85 18.27
N LEU F 62 8.62 29.28 17.31
CA LEU F 62 9.90 28.65 17.58
C LEU F 62 11.05 29.62 17.83
N GLY F 63 10.88 30.89 17.46
CA GLY F 63 11.91 31.90 17.73
C GLY F 63 12.91 32.09 16.61
N LYS F 64 12.54 31.68 15.41
CA LYS F 64 13.47 31.57 14.29
C LYS F 64 13.54 32.78 13.34
N LEU F 65 12.62 33.72 13.51
CA LEU F 65 12.67 34.97 12.74
C LEU F 65 13.34 36.07 13.59
N GLY F 66 14.39 36.68 13.05
CA GLY F 66 15.05 37.81 13.72
C GLY F 66 15.04 39.02 12.80
N LYS F 67 16.04 39.88 12.96
CA LYS F 67 16.23 41.02 12.09
C LYS F 67 16.93 40.56 10.80
N THR F 68 16.84 41.38 9.76
CA THR F 68 17.29 41.00 8.41
C THR F 68 18.74 40.46 8.32
N PRO F 69 19.70 41.11 9.02
CA PRO F 69 21.07 40.57 8.96
C PRO F 69 21.21 39.16 9.56
N GLU F 70 20.42 38.88 10.60
CA GLU F 70 20.38 37.55 11.23
C GLU F 70 19.69 36.56 10.31
N ASN F 71 18.61 37.01 9.67
CA ASN F 71 17.85 36.17 8.73
C ASN F 71 18.72 35.83 7.51
N LEU F 72 19.50 36.82 7.07
CA LEU F 72 20.50 36.63 6.00
C LEU F 72 21.53 35.57 6.39
N GLN F 73 22.03 35.65 7.62
CA GLN F 73 22.95 34.63 8.15
C GLN F 73 22.36 33.20 8.13
N MET F 74 21.11 33.06 8.53
CA MET F 74 20.45 31.75 8.52
C MET F 74 20.40 31.22 7.08
N GLY F 75 20.07 32.12 6.15
CA GLY F 75 20.23 31.88 4.72
C GLY F 75 21.65 31.46 4.31
N ILE F 76 22.67 32.20 4.73
CA ILE F 76 24.08 31.83 4.42
C ILE F 76 24.33 30.39 4.81
N GLU F 77 23.92 30.04 6.03
CA GLU F 77 24.21 28.74 6.61
C GLU F 77 23.45 27.60 5.92
N GLY F 78 22.17 27.80 5.64
CA GLY F 78 21.36 26.80 4.92
C GLY F 78 21.85 26.57 3.49
N GLU F 79 22.24 27.64 2.83
CA GLU F 79 22.76 27.59 1.47
C GLU F 79 24.09 26.84 1.46
N THR F 80 24.95 27.17 2.43
CA THR F 80 26.21 26.49 2.62
C THR F 80 26.06 24.98 2.83
N PHE F 81 25.14 24.59 3.71
CA PHE F 81 24.82 23.17 3.89
C PHE F 81 24.42 22.48 2.58
N GLU F 82 23.47 23.06 1.85
CA GLU F 82 22.95 22.42 0.63
C GLU F 82 24.00 22.21 -0.44
N VAL F 83 24.84 23.20 -0.66
CA VAL F 83 25.84 23.13 -1.72
C VAL F 83 27.13 22.40 -1.28
N GLU F 84 27.50 22.46 0.00
CA GLU F 84 28.74 21.79 0.45
C GLU F 84 28.49 20.35 0.93
N GLU F 85 27.30 20.11 1.48
CA GLU F 85 26.98 18.82 2.11
C GLU F 85 25.90 18.03 1.38
N MET F 86 24.69 18.59 1.35
CA MET F 86 23.51 17.82 0.95
C MET F 86 23.55 17.37 -0.51
N TYR F 87 23.61 18.35 -1.41
CA TYR F 87 23.54 18.09 -2.84
C TYR F 87 24.71 17.29 -3.41
N PRO F 88 25.96 17.62 -3.02
CA PRO F 88 27.07 16.79 -3.51
C PRO F 88 26.90 15.29 -3.22
N VAL F 89 26.38 14.97 -2.04
CA VAL F 89 26.21 13.59 -1.61
C VAL F 89 25.01 12.97 -2.32
N TYR F 90 23.92 13.73 -2.41
CA TYR F 90 22.70 13.30 -3.08
C TYR F 90 22.97 13.08 -4.58
N ASN F 91 23.71 14.00 -5.20
CA ASN F 91 24.18 13.81 -6.58
C ASN F 91 25.06 12.57 -6.76
N LYS F 92 26.08 12.40 -5.91
CA LYS F 92 26.93 11.20 -5.95
C LYS F 92 26.15 9.89 -5.83
N ALA F 93 25.26 9.84 -4.84
CA ALA F 93 24.37 8.71 -4.60
C ALA F 93 23.51 8.35 -5.82
N ALA F 94 22.92 9.37 -6.44
CA ALA F 94 22.02 9.16 -7.56
C ALA F 94 22.78 8.64 -8.80
N GLU F 95 23.99 9.17 -9.01
CA GLU F 95 24.96 8.66 -9.99
C GLU F 95 25.28 7.17 -9.73
N PHE F 96 25.48 6.82 -8.45
CA PHE F 96 25.81 5.45 -8.06
C PHE F 96 24.64 4.51 -8.36
N GLN F 97 23.43 5.04 -8.26
CA GLN F 97 22.25 4.20 -8.37
C GLN F 97 21.63 4.23 -9.76
N GLY F 98 22.25 5.01 -10.65
CA GLY F 98 21.84 5.09 -12.06
C GLY F 98 20.49 5.75 -12.29
N GLU F 99 20.11 6.64 -11.37
CA GLU F 99 18.82 7.32 -11.47
C GLU F 99 18.99 8.64 -12.20
N LYS F 100 18.78 8.60 -13.52
CA LYS F 100 19.20 9.70 -14.40
C LYS F 100 18.53 11.03 -14.08
N GLU F 101 17.24 10.98 -13.77
CA GLU F 101 16.50 12.19 -13.40
C GLU F 101 17.04 12.83 -12.12
N ALA F 102 17.47 11.99 -11.17
CA ALA F 102 17.97 12.50 -9.90
C ALA F 102 19.34 13.10 -10.08
N VAL F 103 20.13 12.50 -10.95
CA VAL F 103 21.42 13.08 -11.30
C VAL F 103 21.20 14.52 -11.84
N ARG F 104 20.24 14.68 -12.74
CA ARG F 104 19.91 16.01 -13.28
C ARG F 104 19.48 17.03 -12.21
N THR F 105 18.39 16.73 -11.51
CA THR F 105 17.81 17.70 -10.60
C THR F 105 18.84 18.12 -9.53
N THR F 106 19.68 17.18 -9.11
CA THR F 106 20.75 17.49 -8.15
C THR F 106 21.97 18.14 -8.83
N HIS F 107 22.27 17.80 -10.09
CA HIS F 107 23.34 18.52 -10.82
C HIS F 107 22.95 19.99 -11.03
N TYR F 108 21.69 20.20 -11.38
CA TYR F 108 21.10 21.54 -11.55
C TYR F 108 21.29 22.38 -10.29
N ALA F 109 20.86 21.85 -9.15
CA ALA F 109 20.97 22.56 -7.87
C ALA F 109 22.44 22.79 -7.51
N LEU F 110 23.27 21.74 -7.58
CA LEU F 110 24.70 21.87 -7.33
C LEU F 110 25.27 23.07 -8.02
N GLU F 111 25.03 23.12 -9.33
CA GLU F 111 25.54 24.19 -10.16
C GLU F 111 24.85 25.54 -9.84
N ALA F 112 23.53 25.53 -9.73
CA ALA F 112 22.75 26.77 -9.59
C ALA F 112 22.62 27.38 -8.18
N GLU F 113 22.95 26.61 -7.13
CA GLU F 113 22.87 27.10 -5.74
C GLU F 113 24.07 27.96 -5.31
N LYS F 114 25.17 27.83 -6.05
CA LYS F 114 26.46 28.33 -5.59
C LYS F 114 26.46 29.82 -5.24
N ILE F 115 25.83 30.63 -6.08
CA ILE F 115 25.78 32.08 -5.87
C ILE F 115 24.91 32.56 -4.70
N HIS F 116 23.89 31.79 -4.31
CA HIS F 116 22.95 32.23 -3.25
C HIS F 116 23.65 32.76 -2.01
N ALA F 117 24.56 31.99 -1.42
CA ALA F 117 25.22 32.40 -0.19
C ALA F 117 26.06 33.66 -0.37
N GLU F 118 26.65 33.87 -1.55
CA GLU F 118 27.51 35.04 -1.77
C GLU F 118 26.63 36.29 -1.90
N LEU F 119 25.46 36.10 -2.52
CA LEU F 119 24.46 37.15 -2.61
C LEU F 119 23.91 37.54 -1.25
N TYR F 120 23.68 36.57 -0.37
CA TYR F 120 23.17 36.91 0.98
C TYR F 120 24.27 37.56 1.83
N ARG F 121 25.52 37.17 1.59
CA ARG F 121 26.69 37.74 2.26
C ARG F 121 26.81 39.23 1.96
N LYS F 122 26.77 39.58 0.68
CA LYS F 122 26.81 40.97 0.24
C LYS F 122 25.60 41.73 0.79
N ALA F 123 24.43 41.11 0.72
CA ALA F 123 23.23 41.68 1.31
C ALA F 123 23.38 41.98 2.81
N LYS F 124 24.10 41.10 3.52
CA LYS F 124 24.31 41.22 4.96
C LYS F 124 25.27 42.35 5.32
N GLU F 125 26.29 42.53 4.47
CA GLU F 125 27.28 43.59 4.67
C GLU F 125 26.59 44.95 4.58
N LYS F 126 25.58 45.01 3.71
CA LYS F 126 24.78 46.21 3.53
C LYS F 126 23.78 46.40 4.68
N ALA F 127 23.01 45.36 4.99
CA ALA F 127 21.92 45.47 5.99
C ALA F 127 22.38 45.77 7.42
N GLU F 128 23.57 45.29 7.77
CA GLU F 128 24.15 45.51 9.12
C GLU F 128 24.78 46.90 9.24
N LYS F 129 24.79 47.64 8.14
CA LYS F 129 25.16 49.05 8.16
C LYS F 129 23.94 49.95 7.95
N GLY F 130 22.76 49.33 7.99
CA GLY F 130 21.50 50.06 7.84
C GLY F 130 21.19 50.43 6.41
N GLU F 131 21.86 49.76 5.46
CA GLU F 131 21.73 50.05 4.04
C GLU F 131 21.07 48.90 3.27
N ASP F 132 20.18 49.24 2.35
CA ASP F 132 19.60 48.24 1.44
C ASP F 132 20.62 47.92 0.35
N ILE F 133 20.51 46.75 -0.26
CA ILE F 133 21.36 46.44 -1.38
C ILE F 133 20.96 47.28 -2.60
N GLU F 134 21.89 47.46 -3.53
CA GLU F 134 21.59 48.17 -4.75
C GLU F 134 21.63 47.14 -5.87
N ILE F 135 20.53 46.39 -5.99
CA ILE F 135 20.31 45.43 -7.04
C ILE F 135 19.02 45.83 -7.75
N LYS F 136 19.12 46.08 -9.07
CA LYS F 136 17.95 46.46 -9.85
C LYS F 136 17.13 45.23 -10.26
N LYS F 137 17.79 44.25 -10.88
CA LYS F 137 17.10 43.07 -11.40
C LYS F 137 17.73 41.74 -10.95
N VAL F 138 16.89 40.78 -10.53
CA VAL F 138 17.34 39.41 -10.28
C VAL F 138 16.68 38.45 -11.27
N TYR F 139 17.51 37.65 -11.94
CA TYR F 139 17.07 36.78 -13.01
C TYR F 139 17.16 35.32 -12.60
N ILE F 140 16.04 34.60 -12.67
CA ILE F 140 16.03 33.17 -12.35
C ILE F 140 15.55 32.30 -13.52
N CYS F 141 16.32 31.27 -13.82
CA CYS F 141 15.96 30.26 -14.81
C CYS F 141 14.87 29.30 -14.29
N PRO F 142 13.72 29.21 -15.01
CA PRO F 142 12.60 28.34 -14.56
C PRO F 142 12.84 26.84 -14.77
N ILE F 143 13.89 26.47 -15.50
CA ILE F 143 14.23 25.07 -15.74
C ILE F 143 15.12 24.50 -14.64
N CYS F 144 16.16 25.25 -14.26
CA CYS F 144 17.21 24.74 -13.37
C CYS F 144 17.47 25.63 -12.16
N GLY F 145 16.82 26.79 -12.11
CA GLY F 145 17.00 27.75 -11.02
C GLY F 145 18.25 28.62 -11.06
N TYR F 146 18.99 28.60 -12.18
CA TYR F 146 20.17 29.46 -12.31
C TYR F 146 19.79 30.90 -12.00
N THR F 147 20.69 31.60 -11.31
CA THR F 147 20.42 32.90 -10.68
C THR F 147 21.45 33.93 -11.11
N ALA F 148 21.00 34.99 -11.76
CA ALA F 148 21.92 36.06 -12.17
C ALA F 148 21.40 37.42 -11.75
N VAL F 149 22.32 38.27 -11.31
CA VAL F 149 21.99 39.61 -10.83
C VAL F 149 22.03 40.60 -12.01
N ASP F 150 20.97 41.40 -12.11
CA ASP F 150 20.93 42.60 -12.95
C ASP F 150 20.72 42.37 -14.44
N GLU F 151 21.37 41.34 -14.98
CA GLU F 151 21.30 40.98 -16.40
C GLU F 151 21.32 39.46 -16.54
N ALA F 152 20.53 38.93 -17.48
CA ALA F 152 20.55 37.49 -17.76
C ALA F 152 21.72 37.16 -18.69
N PRO F 153 22.25 35.92 -18.61
CA PRO F 153 23.23 35.52 -19.63
C PRO F 153 22.54 35.21 -20.97
N GLU F 154 23.30 35.25 -22.06
CA GLU F 154 22.74 34.98 -23.38
C GLU F 154 22.08 33.59 -23.46
N TYR F 155 22.66 32.61 -22.77
CA TYR F 155 21.96 31.34 -22.52
C TYR F 155 22.30 30.86 -21.12
N CYS F 156 21.43 30.04 -20.54
CA CYS F 156 21.68 29.47 -19.21
C CYS F 156 22.74 28.40 -19.31
N PRO F 157 23.88 28.62 -18.63
CA PRO F 157 25.04 27.73 -18.67
C PRO F 157 24.74 26.32 -18.13
N VAL F 158 23.71 26.22 -17.30
CA VAL F 158 23.46 24.97 -16.62
C VAL F 158 22.56 24.05 -17.45
N CYS F 159 21.52 24.63 -18.06
CA CYS F 159 20.52 23.84 -18.75
C CYS F 159 20.35 24.16 -20.25
N GLY F 160 20.95 25.26 -20.70
CA GLY F 160 20.84 25.71 -22.09
C GLY F 160 19.70 26.65 -22.44
N ALA F 161 18.83 26.97 -21.47
CA ALA F 161 17.72 27.89 -21.69
C ALA F 161 18.18 29.21 -22.33
N PRO F 162 17.37 29.75 -23.28
CA PRO F 162 17.72 31.04 -23.89
C PRO F 162 17.47 32.17 -22.91
N LYS F 163 18.23 33.24 -23.08
CA LYS F 163 18.07 34.48 -22.31
C LYS F 163 16.63 34.81 -21.94
N GLU F 164 15.74 34.76 -22.93
CA GLU F 164 14.34 35.20 -22.77
C GLU F 164 13.49 34.33 -21.84
N LYS F 165 13.93 33.09 -21.57
CA LYS F 165 13.19 32.21 -20.66
C LYS F 165 13.39 32.55 -19.17
N PHE F 166 14.40 33.34 -18.84
CA PHE F 166 14.64 33.74 -17.44
C PHE F 166 13.45 34.54 -16.87
N VAL F 167 13.14 34.29 -15.60
CA VAL F 167 12.08 34.99 -14.87
C VAL F 167 12.70 36.20 -14.16
N VAL F 168 12.19 37.41 -14.44
CA VAL F 168 12.76 38.64 -13.85
C VAL F 168 12.05 39.02 -12.55
N PHE F 169 12.84 39.50 -11.58
CA PHE F 169 12.31 40.04 -10.32
C PHE F 169 12.81 41.45 -10.20
N GLU F 170 11.90 42.41 -10.38
CA GLU F 170 12.23 43.83 -10.45
C GLU F 170 11.27 44.69 -9.59
N VAL G 1 -10.15 -34.18 -19.12
CA VAL G 1 -10.68 -32.80 -18.89
C VAL G 1 -11.00 -32.64 -17.40
N VAL G 2 -10.61 -31.50 -16.84
CA VAL G 2 -10.89 -31.14 -15.44
C VAL G 2 -12.38 -30.83 -15.27
N LYS G 3 -13.03 -31.50 -14.32
CA LYS G 3 -14.48 -31.39 -14.15
C LYS G 3 -14.90 -30.70 -12.85
N ARG G 4 -14.16 -30.93 -11.78
CA ARG G 4 -14.50 -30.39 -10.46
C ARG G 4 -14.38 -28.88 -10.39
N THR G 5 -15.44 -28.24 -9.92
CA THR G 5 -15.64 -26.80 -10.12
C THR G 5 -14.51 -25.94 -9.57
N MET G 6 -14.01 -26.27 -8.38
CA MET G 6 -12.93 -25.47 -7.76
C MET G 6 -11.60 -25.63 -8.50
N THR G 7 -11.20 -26.87 -8.78
CA THR G 7 -10.00 -27.11 -9.56
C THR G 7 -10.13 -26.43 -10.94
N LYS G 8 -11.35 -26.45 -11.51
CA LYS G 8 -11.64 -25.74 -12.76
C LYS G 8 -11.47 -24.22 -12.65
N LYS G 9 -12.08 -23.64 -11.62
CA LYS G 9 -11.85 -22.25 -11.22
C LYS G 9 -10.35 -21.90 -11.10
N PHE G 10 -9.59 -22.76 -10.42
CA PHE G 10 -8.18 -22.51 -10.16
C PHE G 10 -7.31 -22.57 -11.42
N LEU G 11 -7.61 -23.53 -12.32
CA LEU G 11 -6.87 -23.62 -13.58
C LEU G 11 -7.16 -22.47 -14.53
N GLU G 12 -8.37 -21.93 -14.47
CA GLU G 12 -8.75 -20.72 -15.21
C GLU G 12 -8.03 -19.47 -14.67
N GLU G 13 -7.90 -19.36 -13.35
CA GLU G 13 -7.10 -18.29 -12.75
C GLU G 13 -5.59 -18.46 -13.05
N ALA G 14 -5.10 -19.70 -12.98
CA ALA G 14 -3.70 -19.98 -13.36
C ALA G 14 -3.42 -19.73 -14.85
N PHE G 15 -4.37 -20.05 -15.72
CA PHE G 15 -4.22 -19.69 -17.12
C PHE G 15 -4.15 -18.17 -17.29
N ALA G 16 -5.04 -17.43 -16.60
CA ALA G 16 -5.05 -15.97 -16.65
C ALA G 16 -3.72 -15.38 -16.14
N GLY G 17 -3.24 -15.92 -15.03
CA GLY G 17 -2.03 -15.44 -14.35
C GLY G 17 -0.74 -15.67 -15.13
N GLU G 18 -0.67 -16.82 -15.82
CA GLU G 18 0.47 -17.17 -16.67
C GLU G 18 0.47 -16.47 -18.03
N SER G 19 -0.72 -16.20 -18.56
CA SER G 19 -0.82 -15.37 -19.75
C SER G 19 -0.24 -13.99 -19.43
N MET G 20 -0.66 -13.39 -18.31
CA MET G 20 -0.17 -12.06 -17.90
C MET G 20 1.34 -12.04 -17.65
N ALA G 21 1.87 -13.03 -16.92
CA ALA G 21 3.32 -13.19 -16.74
C ALA G 21 4.10 -13.31 -18.06
N HIS G 22 3.61 -14.17 -18.95
CA HIS G 22 4.11 -14.26 -20.33
C HIS G 22 4.11 -12.91 -21.02
N MET G 23 2.98 -12.22 -21.00
CA MET G 23 2.84 -10.91 -21.62
C MET G 23 3.79 -9.89 -21.00
N ARG G 24 3.86 -9.83 -19.67
CA ARG G 24 4.75 -8.89 -18.98
C ARG G 24 6.21 -9.09 -19.39
N TYR G 25 6.59 -10.34 -19.60
CA TYR G 25 7.98 -10.70 -19.92
C TYR G 25 8.36 -10.40 -21.36
N LEU G 26 7.40 -10.49 -22.26
CA LEU G 26 7.62 -10.05 -23.63
C LEU G 26 7.74 -8.52 -23.67
N ILE G 27 7.00 -7.84 -22.79
CA ILE G 27 7.07 -6.37 -22.68
C ILE G 27 8.43 -5.94 -22.15
N PHE G 28 8.87 -6.66 -21.12
CA PHE G 28 10.14 -6.41 -20.43
C PHE G 28 11.36 -6.78 -21.31
N ALA G 29 11.23 -7.80 -22.16
CA ALA G 29 12.30 -8.20 -23.09
C ALA G 29 12.63 -7.13 -24.15
N GLU G 30 11.59 -6.58 -24.77
CA GLU G 30 11.70 -5.46 -25.71
C GLU G 30 12.36 -4.24 -25.04
N LYS G 31 11.94 -3.94 -23.81
CA LYS G 31 12.47 -2.80 -23.04
C LYS G 31 13.92 -2.98 -22.65
N ALA G 32 14.28 -4.21 -22.28
CA ALA G 32 15.65 -4.58 -21.92
C ALA G 32 16.58 -4.47 -23.11
N GLU G 33 16.09 -4.96 -24.25
CA GLU G 33 16.79 -4.88 -25.53
C GLU G 33 17.01 -3.43 -25.94
N GLN G 34 15.95 -2.61 -25.83
CA GLN G 34 16.01 -1.17 -26.11
C GLN G 34 16.99 -0.45 -25.17
N GLU G 35 17.01 -0.88 -23.91
CA GLU G 35 17.88 -0.30 -22.88
C GLU G 35 19.32 -0.83 -22.97
N GLY G 36 19.54 -1.81 -23.86
CA GLY G 36 20.89 -2.34 -24.09
C GLY G 36 21.35 -3.46 -23.17
N PHE G 37 20.42 -4.34 -22.80
CA PHE G 37 20.74 -5.58 -22.09
C PHE G 37 20.19 -6.74 -22.92
N PRO G 38 20.93 -7.20 -23.95
CA PRO G 38 20.42 -8.33 -24.77
C PRO G 38 20.30 -9.69 -24.05
N ASN G 39 21.15 -9.96 -23.06
CA ASN G 39 21.09 -11.23 -22.32
C ASN G 39 19.94 -11.29 -21.30
N ILE G 40 19.67 -10.17 -20.62
CA ILE G 40 18.47 -10.01 -19.79
C ILE G 40 17.23 -10.20 -20.66
N ALA G 41 17.24 -9.63 -21.86
CA ALA G 41 16.11 -9.70 -22.78
C ALA G 41 15.82 -11.12 -23.25
N LYS G 42 16.89 -11.89 -23.46
CA LYS G 42 16.83 -13.30 -23.84
C LYS G 42 16.31 -14.13 -22.69
N LEU G 43 16.70 -13.73 -21.49
CA LEU G 43 16.21 -14.32 -20.26
C LEU G 43 14.70 -14.17 -20.12
N PHE G 44 14.22 -12.96 -20.41
CA PHE G 44 12.81 -12.64 -20.34
C PHE G 44 11.99 -13.47 -21.32
N ARG G 45 12.45 -13.60 -22.56
CA ARG G 45 11.68 -14.34 -23.59
C ARG G 45 11.75 -15.85 -23.39
N ALA G 46 12.85 -16.34 -22.82
CA ALA G 46 13.00 -17.75 -22.49
C ALA G 46 11.99 -18.14 -21.41
N ILE G 47 11.97 -17.37 -20.34
CA ILE G 47 11.01 -17.57 -19.25
C ILE G 47 9.57 -17.28 -19.70
N ALA G 48 9.38 -16.28 -20.57
CA ALA G 48 8.08 -16.08 -21.24
C ALA G 48 7.60 -17.35 -21.92
N TYR G 49 8.54 -18.11 -22.47
CA TYR G 49 8.19 -19.35 -23.15
C TYR G 49 7.81 -20.42 -22.13
N ALA G 50 8.47 -20.38 -20.96
CA ALA G 50 8.13 -21.25 -19.83
C ALA G 50 6.71 -21.01 -19.34
N GLU G 51 6.29 -19.75 -19.30
CA GLU G 51 4.93 -19.40 -18.89
C GLU G 51 3.88 -19.75 -19.96
N PHE G 52 4.31 -19.77 -21.22
CA PHE G 52 3.49 -20.29 -22.33
C PHE G 52 3.23 -21.81 -22.17
N VAL G 53 4.25 -22.55 -21.76
CA VAL G 53 4.07 -23.97 -21.47
C VAL G 53 3.08 -24.19 -20.31
N HIS G 54 3.25 -23.43 -19.23
CA HIS G 54 2.35 -23.53 -18.08
C HIS G 54 0.89 -23.18 -18.43
N ALA G 55 0.69 -22.04 -19.08
CA ALA G 55 -0.64 -21.68 -19.56
C ALA G 55 -1.20 -22.77 -20.49
N LYS G 56 -0.43 -23.19 -21.48
CA LYS G 56 -0.90 -24.22 -22.44
C LYS G 56 -1.30 -25.50 -21.74
N ASN G 57 -0.47 -25.96 -20.80
CA ASN G 57 -0.79 -27.12 -19.98
C ASN G 57 -2.13 -26.98 -19.27
N HIS G 58 -2.29 -25.85 -18.57
CA HIS G 58 -3.57 -25.51 -17.93
C HIS G 58 -4.75 -25.54 -18.92
N PHE G 59 -4.60 -24.82 -20.05
CA PHE G 59 -5.63 -24.66 -21.10
C PHE G 59 -6.08 -26.02 -21.64
N ILE G 60 -5.09 -26.87 -21.94
CA ILE G 60 -5.28 -28.26 -22.34
C ILE G 60 -5.98 -29.13 -21.27
N ALA G 61 -5.61 -28.96 -20.00
CA ALA G 61 -6.33 -29.67 -18.90
C ALA G 61 -7.79 -29.23 -18.78
N LEU G 62 -8.04 -27.96 -19.07
CA LEU G 62 -9.40 -27.44 -19.08
C LEU G 62 -10.20 -27.93 -20.30
N GLY G 63 -9.52 -28.59 -21.24
CA GLY G 63 -10.14 -29.14 -22.44
C GLY G 63 -10.45 -28.08 -23.49
N LYS G 64 -9.70 -26.99 -23.46
CA LYS G 64 -10.05 -25.81 -24.26
C LYS G 64 -9.40 -25.85 -25.65
N LEU G 65 -8.59 -26.87 -25.91
CA LEU G 65 -7.90 -26.97 -27.18
C LEU G 65 -8.61 -27.97 -28.08
N GLY G 66 -8.98 -27.53 -29.28
CA GLY G 66 -9.64 -28.41 -30.26
C GLY G 66 -8.88 -28.41 -31.57
N LYS G 67 -9.55 -28.77 -32.66
CA LYS G 67 -8.97 -28.74 -33.99
C LYS G 67 -8.93 -27.30 -34.51
N THR G 68 -8.12 -27.04 -35.54
CA THR G 68 -7.98 -25.67 -36.08
C THR G 68 -9.32 -24.95 -36.42
N PRO G 69 -10.29 -25.62 -37.09
CA PRO G 69 -11.57 -24.92 -37.30
C PRO G 69 -12.22 -24.43 -36.01
N GLU G 70 -12.28 -25.32 -35.00
CA GLU G 70 -12.86 -25.04 -33.68
C GLU G 70 -12.09 -23.97 -32.90
N ASN G 71 -10.77 -23.97 -33.05
CA ASN G 71 -9.90 -22.97 -32.44
C ASN G 71 -10.18 -21.61 -33.08
N LEU G 72 -10.34 -21.60 -34.40
CA LEU G 72 -10.73 -20.41 -35.15
C LEU G 72 -12.10 -19.83 -34.70
N GLN G 73 -13.08 -20.70 -34.49
CA GLN G 73 -14.38 -20.30 -33.88
C GLN G 73 -14.21 -19.59 -32.53
N MET G 74 -13.40 -20.14 -31.64
CA MET G 74 -13.07 -19.52 -30.35
C MET G 74 -12.54 -18.08 -30.54
N GLY G 75 -11.54 -17.91 -31.39
CA GLY G 75 -11.01 -16.59 -31.73
C GLY G 75 -12.07 -15.64 -32.26
N ILE G 76 -12.96 -16.15 -33.11
CA ILE G 76 -14.06 -15.35 -33.66
C ILE G 76 -14.98 -14.77 -32.55
N GLU G 77 -15.32 -15.64 -31.57
CA GLU G 77 -16.19 -15.29 -30.45
C GLU G 77 -15.49 -14.31 -29.50
N GLY G 78 -14.25 -14.59 -29.16
CA GLY G 78 -13.47 -13.67 -28.33
C GLY G 78 -13.30 -12.31 -28.97
N GLU G 79 -12.86 -12.29 -30.24
CA GLU G 79 -12.72 -11.03 -30.99
C GLU G 79 -14.05 -10.31 -31.03
N THR G 80 -15.12 -11.03 -31.36
CA THR G 80 -16.46 -10.42 -31.35
C THR G 80 -16.81 -9.75 -30.01
N PHE G 81 -16.67 -10.48 -28.91
CA PHE G 81 -16.81 -9.91 -27.58
C PHE G 81 -15.98 -8.63 -27.38
N GLU G 82 -14.69 -8.69 -27.68
CA GLU G 82 -13.80 -7.56 -27.44
C GLU G 82 -14.20 -6.31 -28.20
N VAL G 83 -14.59 -6.48 -29.45
CA VAL G 83 -14.94 -5.35 -30.33
C VAL G 83 -16.41 -4.87 -30.18
N GLU G 84 -17.32 -5.76 -29.76
CA GLU G 84 -18.73 -5.42 -29.69
C GLU G 84 -19.21 -5.04 -28.30
N GLU G 85 -18.63 -5.67 -27.28
CA GLU G 85 -18.99 -5.46 -25.88
C GLU G 85 -17.89 -4.75 -25.09
N MET G 86 -16.71 -5.37 -25.01
CA MET G 86 -15.69 -4.95 -24.07
C MET G 86 -15.17 -3.53 -24.31
N TYR G 87 -14.55 -3.31 -25.47
CA TYR G 87 -13.91 -2.02 -25.76
C TYR G 87 -14.90 -0.86 -25.91
N PRO G 88 -16.06 -1.06 -26.58
CA PRO G 88 -16.96 0.09 -26.68
C PRO G 88 -17.35 0.65 -25.30
N VAL G 89 -17.58 -0.27 -24.36
CA VAL G 89 -17.97 0.08 -23.00
C VAL G 89 -16.79 0.73 -22.28
N TYR G 90 -15.62 0.08 -22.36
CA TYR G 90 -14.39 0.58 -21.74
C TYR G 90 -13.99 1.96 -22.27
N ASN G 91 -14.08 2.12 -23.59
CA ASN G 91 -13.84 3.42 -24.26
C ASN G 91 -14.76 4.53 -23.78
N LYS G 92 -16.07 4.26 -23.71
CA LYS G 92 -17.04 5.21 -23.17
C LYS G 92 -16.78 5.57 -21.69
N ALA G 93 -16.33 4.60 -20.88
CA ALA G 93 -16.03 4.85 -19.47
C ALA G 93 -14.80 5.73 -19.29
N ALA G 94 -13.74 5.38 -20.04
CA ALA G 94 -12.50 6.15 -20.08
C ALA G 94 -12.75 7.57 -20.54
N GLU G 95 -13.69 7.73 -21.47
CA GLU G 95 -14.12 9.02 -21.98
C GLU G 95 -14.85 9.78 -20.86
N PHE G 96 -15.90 9.16 -20.34
CA PHE G 96 -16.72 9.73 -19.27
C PHE G 96 -15.89 10.13 -18.04
N GLN G 97 -14.85 9.34 -17.74
CA GLN G 97 -13.98 9.59 -16.60
C GLN G 97 -12.82 10.52 -16.90
N GLY G 98 -12.64 10.87 -18.18
CA GLY G 98 -11.67 11.88 -18.58
C GLY G 98 -10.24 11.39 -18.68
N GLU G 99 -10.08 10.08 -18.77
CA GLU G 99 -8.77 9.43 -18.80
C GLU G 99 -8.27 9.28 -20.23
N LYS G 100 -7.51 10.27 -20.71
CA LYS G 100 -7.16 10.39 -22.13
C LYS G 100 -6.28 9.25 -22.68
N GLU G 101 -5.45 8.69 -21.80
CA GLU G 101 -4.55 7.60 -22.16
C GLU G 101 -5.35 6.32 -22.38
N ALA G 102 -6.32 6.09 -21.49
CA ALA G 102 -7.29 5.02 -21.65
C ALA G 102 -8.16 5.22 -22.89
N VAL G 103 -8.68 6.44 -23.09
CA VAL G 103 -9.46 6.68 -24.32
C VAL G 103 -8.61 6.29 -25.55
N ARG G 104 -7.35 6.69 -25.55
CA ARG G 104 -6.43 6.36 -26.64
C ARG G 104 -6.28 4.85 -26.89
N THR G 105 -5.87 4.12 -25.87
CA THR G 105 -5.52 2.70 -26.05
C THR G 105 -6.73 1.87 -26.45
N THR G 106 -7.91 2.25 -25.95
CA THR G 106 -9.15 1.59 -26.34
C THR G 106 -9.67 2.06 -27.71
N HIS G 107 -9.40 3.31 -28.09
CA HIS G 107 -9.74 3.82 -29.43
C HIS G 107 -8.92 3.07 -30.49
N TYR G 108 -7.63 2.88 -30.20
CA TYR G 108 -6.74 2.10 -31.02
C TYR G 108 -7.25 0.69 -31.24
N ALA G 109 -7.71 0.04 -30.18
CA ALA G 109 -8.24 -1.32 -30.30
C ALA G 109 -9.60 -1.32 -30.97
N LEU G 110 -10.45 -0.38 -30.60
CA LEU G 110 -11.73 -0.24 -31.26
C LEU G 110 -11.52 -0.28 -32.77
N GLU G 111 -10.55 0.51 -33.21
CA GLU G 111 -10.29 0.68 -34.64
C GLU G 111 -9.47 -0.43 -35.30
N ALA G 112 -8.67 -1.14 -34.53
CA ALA G 112 -7.72 -2.14 -35.09
C ALA G 112 -8.17 -3.58 -34.90
N GLU G 113 -9.19 -3.77 -34.06
CA GLU G 113 -9.68 -5.11 -33.69
C GLU G 113 -10.69 -5.67 -34.68
N LYS G 114 -11.42 -4.79 -35.35
CA LYS G 114 -12.60 -5.19 -36.14
C LYS G 114 -12.19 -6.23 -37.16
N ILE G 115 -11.02 -5.97 -37.75
CA ILE G 115 -10.28 -6.85 -38.64
C ILE G 115 -10.27 -8.36 -38.31
N HIS G 116 -9.86 -8.68 -37.08
CA HIS G 116 -9.48 -10.03 -36.66
C HIS G 116 -10.56 -11.10 -36.90
N ALA G 117 -11.78 -10.83 -36.46
CA ALA G 117 -12.91 -11.74 -36.65
C ALA G 117 -13.07 -12.14 -38.12
N GLU G 118 -13.18 -11.16 -39.01
CA GLU G 118 -13.30 -11.42 -40.47
C GLU G 118 -12.17 -12.32 -41.00
N LEU G 119 -10.95 -12.00 -40.59
CA LEU G 119 -9.77 -12.80 -40.94
C LEU G 119 -9.86 -14.26 -40.48
N TYR G 120 -10.28 -14.45 -39.24
CA TYR G 120 -10.47 -15.79 -38.72
C TYR G 120 -11.63 -16.53 -39.40
N ARG G 121 -12.68 -15.78 -39.77
CA ARG G 121 -13.81 -16.37 -40.50
C ARG G 121 -13.38 -16.92 -41.84
N LYS G 122 -12.59 -16.13 -42.57
CA LYS G 122 -12.07 -16.56 -43.87
C LYS G 122 -11.10 -17.74 -43.78
N ALA G 123 -10.30 -17.80 -42.71
CA ALA G 123 -9.47 -18.99 -42.42
C ALA G 123 -10.30 -20.23 -42.02
N LYS G 124 -11.40 -20.02 -41.31
CA LYS G 124 -12.21 -21.15 -40.91
C LYS G 124 -12.88 -21.81 -42.12
N GLU G 125 -13.35 -20.99 -43.06
CA GLU G 125 -13.94 -21.47 -44.33
C GLU G 125 -13.01 -22.52 -44.99
N LYS G 126 -11.74 -22.16 -45.10
CA LYS G 126 -10.70 -22.99 -45.74
C LYS G 126 -10.35 -24.23 -44.91
N ALA G 127 -10.13 -24.04 -43.60
CA ALA G 127 -9.71 -25.13 -42.73
C ALA G 127 -10.78 -26.21 -42.60
N GLU G 128 -12.04 -25.79 -42.62
CA GLU G 128 -13.16 -26.72 -42.59
C GLU G 128 -13.08 -27.69 -43.79
N LYS G 129 -12.84 -27.15 -44.99
CA LYS G 129 -12.67 -27.95 -46.21
C LYS G 129 -11.30 -28.66 -46.25
N GLY G 130 -10.57 -28.66 -45.13
CA GLY G 130 -9.21 -29.20 -45.08
C GLY G 130 -8.18 -28.43 -45.92
N GLU G 131 -8.42 -27.13 -46.10
CA GLU G 131 -7.50 -26.29 -46.87
C GLU G 131 -6.81 -25.25 -46.00
N ASP G 132 -5.56 -24.92 -46.36
CA ASP G 132 -4.86 -23.85 -45.69
C ASP G 132 -5.27 -22.59 -46.40
N ILE G 133 -5.17 -21.47 -45.70
CA ILE G 133 -5.40 -20.18 -46.33
C ILE G 133 -4.23 -19.83 -47.26
N GLU G 134 -4.49 -18.88 -48.15
CA GLU G 134 -3.49 -18.39 -49.07
C GLU G 134 -3.12 -16.98 -48.67
N ILE G 135 -2.13 -16.88 -47.78
CA ILE G 135 -1.57 -15.59 -47.40
C ILE G 135 -0.04 -15.63 -47.48
N LYS G 136 0.56 -14.45 -47.67
CA LYS G 136 2.01 -14.33 -47.86
C LYS G 136 2.69 -13.56 -46.72
N LYS G 137 2.19 -12.35 -46.43
CA LYS G 137 2.69 -11.50 -45.32
C LYS G 137 1.49 -10.94 -44.55
N VAL G 138 1.69 -10.76 -43.24
CA VAL G 138 0.75 -10.01 -42.41
C VAL G 138 1.54 -8.89 -41.73
N TYR G 139 1.01 -7.67 -41.85
CA TYR G 139 1.61 -6.48 -41.25
C TYR G 139 0.85 -6.14 -39.96
N ILE G 140 1.57 -5.73 -38.92
CA ILE G 140 0.92 -5.17 -37.72
C ILE G 140 1.64 -3.89 -37.35
N CYS G 141 0.85 -2.86 -37.07
CA CYS G 141 1.36 -1.58 -36.65
C CYS G 141 1.77 -1.73 -35.19
N PRO G 142 3.05 -1.49 -34.88
CA PRO G 142 3.57 -1.66 -33.52
C PRO G 142 3.03 -0.64 -32.53
N ILE G 143 2.36 0.39 -33.03
CA ILE G 143 1.85 1.45 -32.19
C ILE G 143 0.41 1.18 -31.76
N CYS G 144 -0.43 0.83 -32.73
CA CYS G 144 -1.87 0.76 -32.47
C CYS G 144 -2.46 -0.64 -32.70
N GLY G 145 -1.72 -1.48 -33.40
CA GLY G 145 -2.11 -2.86 -33.58
C GLY G 145 -2.87 -3.07 -34.87
N TYR G 146 -2.92 -2.03 -35.70
CA TYR G 146 -3.56 -2.13 -37.01
C TYR G 146 -3.01 -3.33 -37.77
N THR G 147 -3.92 -4.11 -38.37
CA THR G 147 -3.63 -5.41 -38.95
C THR G 147 -4.04 -5.44 -40.41
N ALA G 148 -3.11 -5.84 -41.28
CA ALA G 148 -3.38 -6.00 -42.71
C ALA G 148 -2.71 -7.23 -43.33
N VAL G 149 -3.49 -7.96 -44.13
CA VAL G 149 -3.01 -9.14 -44.83
C VAL G 149 -2.64 -8.79 -46.29
N ASP G 150 -1.43 -9.18 -46.70
CA ASP G 150 -0.96 -9.12 -48.12
C ASP G 150 -0.71 -7.71 -48.72
N GLU G 151 -1.66 -6.80 -48.54
CA GLU G 151 -1.50 -5.40 -48.95
C GLU G 151 -1.71 -4.53 -47.70
N ALA G 152 -0.96 -3.44 -47.59
CA ALA G 152 -1.14 -2.51 -46.46
C ALA G 152 -0.92 -1.07 -46.92
N PRO G 153 -1.73 -0.13 -46.39
CA PRO G 153 -1.58 1.30 -46.69
C PRO G 153 -0.18 1.83 -46.37
N GLU G 154 0.19 2.93 -47.03
CA GLU G 154 1.50 3.58 -46.85
C GLU G 154 1.66 4.13 -45.46
N TYR G 155 0.54 4.47 -44.85
CA TYR G 155 0.54 4.99 -43.52
C TYR G 155 -0.60 4.31 -42.78
N CYS G 156 -0.40 4.06 -41.49
CA CYS G 156 -1.46 3.48 -40.67
C CYS G 156 -2.68 4.40 -40.64
N PRO G 157 -3.86 3.86 -41.02
CA PRO G 157 -5.09 4.65 -40.99
C PRO G 157 -5.52 5.04 -39.57
N VAL G 158 -4.95 4.36 -38.58
CA VAL G 158 -5.40 4.55 -37.20
C VAL G 158 -4.54 5.58 -36.48
N CYS G 159 -3.22 5.44 -36.57
CA CYS G 159 -2.27 6.32 -35.86
C CYS G 159 -1.33 7.11 -36.81
N GLY G 160 -1.43 6.83 -38.11
CA GLY G 160 -0.62 7.48 -39.12
C GLY G 160 0.85 7.06 -39.20
N ALA G 161 1.23 6.04 -38.44
CA ALA G 161 2.60 5.54 -38.51
C ALA G 161 2.91 5.03 -39.91
N PRO G 162 4.14 5.29 -40.40
CA PRO G 162 4.60 4.78 -41.68
C PRO G 162 4.65 3.25 -41.76
N LYS G 163 4.34 2.73 -42.95
CA LYS G 163 4.34 1.29 -43.23
C LYS G 163 5.71 0.63 -43.00
N GLU G 164 6.76 1.42 -43.17
CA GLU G 164 8.14 0.99 -42.88
C GLU G 164 8.25 0.44 -41.44
N LYS G 165 7.46 1.02 -40.54
CA LYS G 165 7.43 0.66 -39.11
C LYS G 165 6.59 -0.57 -38.78
N PHE G 166 5.69 -0.96 -39.69
CA PHE G 166 4.90 -2.19 -39.54
C PHE G 166 5.78 -3.42 -39.32
N VAL G 167 5.34 -4.33 -38.44
CA VAL G 167 6.01 -5.62 -38.22
C VAL G 167 5.45 -6.70 -39.15
N VAL G 168 6.35 -7.37 -39.89
CA VAL G 168 5.93 -8.33 -40.93
C VAL G 168 6.15 -9.76 -40.49
N PHE G 169 5.11 -10.57 -40.65
CA PHE G 169 5.14 -12.01 -40.42
C PHE G 169 4.97 -12.66 -41.79
N GLU G 170 5.97 -13.43 -42.21
CA GLU G 170 5.99 -13.99 -43.56
C GLU G 170 6.78 -15.29 -43.67
N VAL H 1 -35.52 -8.24 -18.79
CA VAL H 1 -34.25 -8.82 -18.28
C VAL H 1 -33.08 -8.21 -19.07
N VAL H 2 -31.99 -7.92 -18.36
CA VAL H 2 -30.80 -7.35 -18.97
C VAL H 2 -30.12 -8.38 -19.85
N LYS H 3 -29.93 -8.04 -21.13
CA LYS H 3 -29.39 -9.00 -22.10
C LYS H 3 -27.91 -8.74 -22.43
N ARG H 4 -27.53 -7.47 -22.51
CA ARG H 4 -26.17 -7.10 -22.99
C ARG H 4 -25.06 -7.46 -22.02
N THR H 5 -24.01 -8.12 -22.52
CA THR H 5 -22.99 -8.79 -21.71
C THR H 5 -22.29 -7.89 -20.68
N MET H 6 -21.80 -6.73 -21.10
CA MET H 6 -21.09 -5.84 -20.17
C MET H 6 -22.02 -5.32 -19.05
N THR H 7 -23.20 -4.83 -19.41
CA THR H 7 -24.17 -4.39 -18.41
C THR H 7 -24.56 -5.52 -17.45
N LYS H 8 -24.78 -6.72 -17.99
CA LYS H 8 -25.01 -7.92 -17.17
C LYS H 8 -23.90 -8.18 -16.10
N LYS H 9 -22.65 -8.20 -16.54
CA LYS H 9 -21.49 -8.29 -15.65
C LYS H 9 -21.49 -7.18 -14.59
N PHE H 10 -21.80 -5.95 -14.99
CA PHE H 10 -21.76 -4.82 -14.07
C PHE H 10 -22.84 -4.93 -13.01
N LEU H 11 -24.04 -5.39 -13.39
CA LEU H 11 -25.09 -5.62 -12.41
C LEU H 11 -24.82 -6.84 -11.54
N GLU H 12 -24.09 -7.82 -12.09
CA GLU H 12 -23.58 -8.94 -11.30
C GLU H 12 -22.58 -8.45 -10.25
N GLU H 13 -21.68 -7.56 -10.66
CA GLU H 13 -20.73 -6.91 -9.75
C GLU H 13 -21.43 -6.03 -8.70
N ALA H 14 -22.42 -5.25 -9.13
CA ALA H 14 -23.15 -4.38 -8.20
C ALA H 14 -23.98 -5.18 -7.19
N PHE H 15 -24.59 -6.29 -7.63
CA PHE H 15 -25.31 -7.16 -6.70
C PHE H 15 -24.37 -7.66 -5.60
N ALA H 16 -23.17 -8.06 -6.00
CA ALA H 16 -22.18 -8.59 -5.08
C ALA H 16 -21.76 -7.49 -4.09
N GLY H 17 -21.51 -6.29 -4.63
CA GLY H 17 -21.06 -5.15 -3.82
C GLY H 17 -22.09 -4.64 -2.84
N GLU H 18 -23.36 -4.65 -3.23
CA GLU H 18 -24.43 -4.22 -2.31
C GLU H 18 -24.71 -5.28 -1.25
N SER H 19 -24.53 -6.56 -1.63
CA SER H 19 -24.74 -7.70 -0.73
C SER H 19 -23.72 -7.62 0.39
N MET H 20 -22.48 -7.27 0.02
CA MET H 20 -21.39 -7.10 0.95
C MET H 20 -21.56 -5.85 1.81
N ALA H 21 -21.90 -4.72 1.20
CA ALA H 21 -22.20 -3.50 1.97
C ALA H 21 -23.33 -3.75 2.99
N HIS H 22 -24.41 -4.40 2.54
CA HIS H 22 -25.51 -4.78 3.43
C HIS H 22 -25.05 -5.61 4.64
N MET H 23 -24.28 -6.67 4.36
CA MET H 23 -23.71 -7.61 5.33
C MET H 23 -22.84 -6.85 6.30
N ARG H 24 -21.99 -6.00 5.76
CA ARG H 24 -21.09 -5.22 6.60
C ARG H 24 -21.86 -4.36 7.59
N TYR H 25 -22.95 -3.75 7.13
CA TYR H 25 -23.66 -2.80 7.98
C TYR H 25 -24.48 -3.54 9.04
N LEU H 26 -24.95 -4.75 8.71
CA LEU H 26 -25.55 -5.61 9.73
C LEU H 26 -24.53 -6.00 10.83
N ILE H 27 -23.30 -6.30 10.40
CA ILE H 27 -22.19 -6.64 11.29
C ILE H 27 -21.83 -5.45 12.19
N PHE H 28 -21.71 -4.27 11.59
CA PHE H 28 -21.44 -3.01 12.32
C PHE H 28 -22.58 -2.55 13.23
N ALA H 29 -23.82 -2.83 12.83
CA ALA H 29 -24.98 -2.51 13.65
C ALA H 29 -24.91 -3.26 14.97
N GLU H 30 -24.69 -4.58 14.90
CA GLU H 30 -24.49 -5.39 16.10
C GLU H 30 -23.40 -4.80 17.00
N LYS H 31 -22.27 -4.45 16.39
CA LYS H 31 -21.14 -3.85 17.10
C LYS H 31 -21.47 -2.53 17.79
N ALA H 32 -22.11 -1.62 17.07
CA ALA H 32 -22.54 -0.33 17.62
C ALA H 32 -23.48 -0.51 18.83
N GLU H 33 -24.47 -1.39 18.71
CA GLU H 33 -25.32 -1.74 19.86
C GLU H 33 -24.49 -2.27 21.02
N GLN H 34 -23.53 -3.17 20.73
CA GLN H 34 -22.67 -3.76 21.77
C GLN H 34 -21.79 -2.69 22.42
N GLU H 35 -21.45 -1.67 21.64
CA GLU H 35 -20.59 -0.59 22.12
C GLU H 35 -21.40 0.54 22.77
N GLY H 36 -22.71 0.43 22.77
CA GLY H 36 -23.58 1.42 23.42
C GLY H 36 -23.80 2.67 22.59
N PHE H 37 -23.75 2.51 21.27
CA PHE H 37 -24.18 3.55 20.35
C PHE H 37 -25.47 3.10 19.65
N PRO H 38 -26.62 3.04 20.37
CA PRO H 38 -27.83 2.41 19.81
C PRO H 38 -28.50 3.14 18.63
N ASN H 39 -28.35 4.46 18.54
CA ASN H 39 -28.88 5.22 17.43
C ASN H 39 -28.05 5.02 16.15
N ILE H 40 -26.73 4.89 16.32
CA ILE H 40 -25.82 4.54 15.21
C ILE H 40 -26.20 3.17 14.66
N ALA H 41 -26.48 2.23 15.56
CA ALA H 41 -26.88 0.87 15.18
C ALA H 41 -28.16 0.87 14.33
N LYS H 42 -29.14 1.67 14.77
CA LYS H 42 -30.35 1.95 14.02
C LYS H 42 -30.03 2.53 12.64
N LEU H 43 -29.02 3.39 12.59
CA LEU H 43 -28.54 3.96 11.33
C LEU H 43 -28.03 2.87 10.39
N PHE H 44 -27.16 2.02 10.91
CA PHE H 44 -26.50 0.95 10.16
C PHE H 44 -27.51 -0.06 9.62
N ARG H 45 -28.53 -0.37 10.41
CA ARG H 45 -29.58 -1.33 10.03
C ARG H 45 -30.48 -0.73 8.95
N ALA H 46 -30.71 0.58 9.08
CA ALA H 46 -31.52 1.33 8.13
C ALA H 46 -30.82 1.46 6.78
N ILE H 47 -29.54 1.84 6.79
CA ILE H 47 -28.77 1.88 5.54
C ILE H 47 -28.65 0.47 4.94
N ALA H 48 -28.48 -0.54 5.79
CA ALA H 48 -28.39 -1.92 5.33
C ALA H 48 -29.63 -2.37 4.56
N TYR H 49 -30.80 -1.88 4.95
CA TYR H 49 -32.03 -2.14 4.18
C TYR H 49 -32.09 -1.37 2.86
N ALA H 50 -31.57 -0.14 2.84
CA ALA H 50 -31.44 0.60 1.57
C ALA H 50 -30.61 -0.22 0.57
N GLU H 51 -29.59 -0.89 1.08
CA GLU H 51 -28.69 -1.68 0.23
C GLU H 51 -29.31 -3.00 -0.20
N PHE H 52 -30.20 -3.56 0.63
CA PHE H 52 -31.06 -4.67 0.20
C PHE H 52 -31.97 -4.21 -0.95
N VAL H 53 -32.50 -2.98 -0.85
CA VAL H 53 -33.29 -2.39 -1.95
C VAL H 53 -32.50 -2.36 -3.26
N HIS H 54 -31.28 -1.83 -3.20
CA HIS H 54 -30.38 -1.81 -4.38
C HIS H 54 -30.04 -3.19 -4.92
N ALA H 55 -29.52 -4.08 -4.07
CA ALA H 55 -29.18 -5.44 -4.52
C ALA H 55 -30.38 -6.16 -5.12
N LYS H 56 -31.56 -5.99 -4.53
CA LYS H 56 -32.79 -6.63 -5.03
C LYS H 56 -33.23 -6.08 -6.39
N ASN H 57 -33.08 -4.78 -6.56
CA ASN H 57 -33.36 -4.15 -7.84
C ASN H 57 -32.47 -4.72 -8.95
N HIS H 58 -31.19 -4.83 -8.65
CA HIS H 58 -30.21 -5.41 -9.58
C HIS H 58 -30.52 -6.88 -9.86
N PHE H 59 -30.87 -7.62 -8.80
CA PHE H 59 -31.19 -9.06 -8.86
C PHE H 59 -32.36 -9.32 -9.80
N ILE H 60 -33.40 -8.49 -9.67
CA ILE H 60 -34.61 -8.56 -10.50
C ILE H 60 -34.31 -8.16 -11.96
N ALA H 61 -33.47 -7.14 -12.15
CA ALA H 61 -33.10 -6.70 -13.51
C ALA H 61 -32.31 -7.77 -14.25
N LEU H 62 -31.47 -8.50 -13.51
CA LEU H 62 -30.80 -9.66 -14.04
C LEU H 62 -31.75 -10.84 -14.28
N GLY H 63 -32.99 -10.73 -13.80
CA GLY H 63 -34.01 -11.76 -14.03
C GLY H 63 -33.82 -13.02 -13.18
N LYS H 64 -33.26 -12.84 -11.98
CA LYS H 64 -32.90 -13.97 -11.12
C LYS H 64 -33.99 -14.33 -10.09
N LEU H 65 -34.99 -13.45 -9.95
CA LEU H 65 -36.14 -13.74 -9.07
C LEU H 65 -37.27 -14.46 -9.82
N GLY H 66 -37.69 -15.62 -9.29
CA GLY H 66 -38.81 -16.38 -9.88
C GLY H 66 -39.85 -16.69 -8.81
N LYS H 67 -40.65 -17.73 -9.04
CA LYS H 67 -41.58 -18.22 -8.01
C LYS H 67 -40.81 -18.97 -6.92
N THR H 68 -41.46 -19.16 -5.77
CA THR H 68 -40.85 -19.84 -4.63
C THR H 68 -40.25 -21.24 -4.90
N PRO H 69 -40.94 -22.11 -5.69
CA PRO H 69 -40.29 -23.40 -5.92
C PRO H 69 -38.95 -23.28 -6.66
N GLU H 70 -38.93 -22.35 -7.63
CA GLU H 70 -37.74 -22.04 -8.39
C GLU H 70 -36.66 -21.35 -7.53
N ASN H 71 -37.08 -20.40 -6.70
CA ASN H 71 -36.16 -19.79 -5.72
C ASN H 71 -35.50 -20.81 -4.80
N LEU H 72 -36.29 -21.77 -4.32
CA LEU H 72 -35.78 -22.85 -3.48
C LEU H 72 -34.74 -23.72 -4.21
N GLN H 73 -35.00 -23.99 -5.50
CA GLN H 73 -34.04 -24.71 -6.33
C GLN H 73 -32.66 -24.01 -6.40
N MET H 74 -32.66 -22.71 -6.64
CA MET H 74 -31.46 -21.86 -6.63
C MET H 74 -30.75 -21.96 -5.28
N GLY H 75 -31.53 -21.99 -4.21
CA GLY H 75 -31.03 -22.22 -2.85
C GLY H 75 -30.35 -23.57 -2.79
N ILE H 76 -31.09 -24.61 -3.19
CA ILE H 76 -30.55 -25.98 -3.24
C ILE H 76 -29.19 -26.03 -3.98
N GLU H 77 -29.09 -25.34 -5.12
CA GLU H 77 -27.87 -25.31 -5.93
C GLU H 77 -26.70 -24.56 -5.26
N GLY H 78 -26.96 -23.35 -4.79
CA GLY H 78 -25.95 -22.57 -4.08
C GLY H 78 -25.39 -23.25 -2.84
N GLU H 79 -26.29 -23.80 -2.02
CA GLU H 79 -25.94 -24.60 -0.85
C GLU H 79 -25.12 -25.85 -1.23
N THR H 80 -25.54 -26.57 -2.27
CA THR H 80 -24.76 -27.72 -2.71
C THR H 80 -23.31 -27.35 -3.07
N PHE H 81 -23.13 -26.29 -3.87
CA PHE H 81 -21.80 -25.77 -4.22
C PHE H 81 -20.95 -25.48 -2.98
N GLU H 82 -21.48 -24.68 -2.06
CA GLU H 82 -20.67 -24.19 -0.93
C GLU H 82 -20.20 -25.36 -0.05
N VAL H 83 -21.04 -26.39 0.07
CA VAL H 83 -20.72 -27.49 0.98
C VAL H 83 -19.97 -28.66 0.34
N GLU H 84 -20.18 -28.88 -0.97
CA GLU H 84 -19.51 -29.96 -1.71
C GLU H 84 -18.23 -29.52 -2.43
N GLU H 85 -18.15 -28.25 -2.82
CA GLU H 85 -17.02 -27.72 -3.59
C GLU H 85 -16.26 -26.63 -2.83
N MET H 86 -16.92 -25.51 -2.53
CA MET H 86 -16.21 -24.34 -1.98
C MET H 86 -15.52 -24.58 -0.64
N TYR H 87 -16.31 -24.93 0.38
CA TYR H 87 -15.79 -25.03 1.76
C TYR H 87 -14.79 -26.19 1.96
N PRO H 88 -15.03 -27.38 1.36
CA PRO H 88 -13.99 -28.42 1.48
C PRO H 88 -12.58 -27.99 1.02
N VAL H 89 -12.51 -27.32 -0.13
CA VAL H 89 -11.28 -26.79 -0.70
C VAL H 89 -10.71 -25.61 0.12
N TYR H 90 -11.54 -24.63 0.45
CA TYR H 90 -11.08 -23.53 1.33
C TYR H 90 -10.60 -24.05 2.71
N ASN H 91 -11.35 -24.96 3.33
CA ASN H 91 -10.92 -25.61 4.58
C ASN H 91 -9.57 -26.31 4.42
N LYS H 92 -9.41 -27.09 3.36
CA LYS H 92 -8.14 -27.78 3.11
C LYS H 92 -6.97 -26.84 2.88
N ALA H 93 -7.22 -25.77 2.12
CA ALA H 93 -6.22 -24.74 1.84
C ALA H 93 -5.77 -24.00 3.10
N ALA H 94 -6.74 -23.64 3.96
CA ALA H 94 -6.46 -22.97 5.25
C ALA H 94 -5.65 -23.85 6.19
N GLU H 95 -5.93 -25.14 6.11
CA GLU H 95 -5.28 -26.17 6.89
C GLU H 95 -3.83 -26.24 6.43
N PHE H 96 -3.67 -26.39 5.12
CA PHE H 96 -2.38 -26.47 4.46
C PHE H 96 -1.48 -25.27 4.75
N GLN H 97 -2.06 -24.07 4.78
CA GLN H 97 -1.31 -22.85 5.03
C GLN H 97 -1.26 -22.44 6.50
N GLY H 98 -1.71 -23.35 7.36
CA GLY H 98 -1.71 -23.17 8.81
C GLY H 98 -2.46 -21.97 9.39
N GLU H 99 -3.59 -21.61 8.78
CA GLU H 99 -4.35 -20.45 9.24
C GLU H 99 -5.55 -20.89 10.07
N LYS H 100 -5.34 -20.92 11.39
CA LYS H 100 -6.22 -21.63 12.30
C LYS H 100 -7.61 -20.99 12.37
N GLU H 101 -7.66 -19.68 12.16
CA GLU H 101 -8.93 -18.94 12.17
C GLU H 101 -9.83 -19.31 11.01
N ALA H 102 -9.24 -19.41 9.83
CA ALA H 102 -9.96 -19.82 8.64
C ALA H 102 -10.29 -21.31 8.68
N VAL H 103 -9.39 -22.12 9.26
CA VAL H 103 -9.76 -23.52 9.53
C VAL H 103 -11.03 -23.56 10.37
N ARG H 104 -11.06 -22.84 11.49
CA ARG H 104 -12.27 -22.79 12.32
C ARG H 104 -13.53 -22.31 11.57
N THR H 105 -13.46 -21.14 10.91
CA THR H 105 -14.65 -20.60 10.24
C THR H 105 -15.16 -21.51 9.12
N THR H 106 -14.25 -22.13 8.39
CA THR H 106 -14.63 -23.06 7.31
C THR H 106 -15.07 -24.40 7.89
N HIS H 107 -14.50 -24.77 9.05
CA HIS H 107 -14.94 -26.00 9.72
C HIS H 107 -16.38 -25.87 10.19
N TYR H 108 -16.71 -24.72 10.77
CA TYR H 108 -18.07 -24.45 11.22
C TYR H 108 -19.05 -24.54 10.05
N ALA H 109 -18.76 -23.82 8.98
CA ALA H 109 -19.62 -23.83 7.79
C ALA H 109 -19.70 -25.22 7.13
N LEU H 110 -18.59 -25.93 7.06
CA LEU H 110 -18.58 -27.31 6.56
C LEU H 110 -19.56 -28.21 7.31
N GLU H 111 -19.65 -28.01 8.63
CA GLU H 111 -20.47 -28.84 9.51
C GLU H 111 -21.92 -28.35 9.62
N ALA H 112 -22.13 -27.05 9.45
CA ALA H 112 -23.45 -26.43 9.66
C ALA H 112 -24.23 -26.14 8.37
N GLU H 113 -23.58 -26.26 7.22
CA GLU H 113 -24.17 -25.90 5.94
C GLU H 113 -24.98 -27.11 5.39
N LYS H 114 -24.58 -28.31 5.79
CA LYS H 114 -25.10 -29.56 5.24
C LYS H 114 -26.62 -29.53 5.30
N ILE H 115 -27.10 -29.11 6.48
CA ILE H 115 -28.51 -28.98 6.85
C ILE H 115 -29.38 -28.29 5.77
N HIS H 116 -28.91 -27.16 5.29
CA HIS H 116 -29.73 -26.22 4.50
C HIS H 116 -30.30 -26.74 3.18
N ALA H 117 -29.50 -27.47 2.42
CA ALA H 117 -29.94 -28.05 1.15
C ALA H 117 -31.12 -28.98 1.36
N GLU H 118 -31.09 -29.73 2.46
CA GLU H 118 -32.15 -30.69 2.75
C GLU H 118 -33.44 -29.97 3.13
N LEU H 119 -33.31 -28.92 3.94
CA LEU H 119 -34.44 -28.10 4.36
C LEU H 119 -35.15 -27.46 3.16
N TYR H 120 -34.37 -26.91 2.23
CA TYR H 120 -34.92 -26.27 1.03
C TYR H 120 -35.60 -27.28 0.10
N ARG H 121 -35.00 -28.46 -0.03
CA ARG H 121 -35.62 -29.56 -0.76
C ARG H 121 -36.94 -29.99 -0.10
N LYS H 122 -36.94 -30.12 1.23
CA LYS H 122 -38.19 -30.41 1.96
C LYS H 122 -39.22 -29.32 1.71
N ALA H 123 -38.78 -28.06 1.69
CA ALA H 123 -39.65 -26.93 1.41
C ALA H 123 -40.19 -26.93 -0.03
N LYS H 124 -39.34 -27.27 -1.01
CA LYS H 124 -39.75 -27.27 -2.42
C LYS H 124 -40.89 -28.25 -2.74
N GLU H 125 -40.81 -29.46 -2.19
CA GLU H 125 -41.86 -30.46 -2.47
C GLU H 125 -43.24 -30.05 -1.95
N LYS H 126 -43.24 -29.22 -0.89
CA LYS H 126 -44.45 -28.60 -0.37
C LYS H 126 -44.91 -27.48 -1.31
N ALA H 127 -44.02 -26.53 -1.57
CA ALA H 127 -44.23 -25.39 -2.47
C ALA H 127 -44.75 -25.78 -3.86
N GLU H 128 -44.19 -26.88 -4.39
CA GLU H 128 -44.52 -27.44 -5.70
C GLU H 128 -45.99 -27.91 -5.80
N LYS H 129 -46.62 -28.10 -4.64
CA LYS H 129 -47.98 -28.62 -4.52
C LYS H 129 -48.92 -27.50 -4.06
N GLY H 130 -48.42 -26.27 -4.08
CA GLY H 130 -49.15 -25.13 -3.54
C GLY H 130 -49.34 -25.19 -2.04
N GLU H 131 -48.44 -25.90 -1.34
CA GLU H 131 -48.48 -25.95 0.12
C GLU H 131 -47.28 -25.25 0.76
N ASP H 132 -47.54 -24.54 1.85
CA ASP H 132 -46.50 -24.03 2.73
C ASP H 132 -45.99 -25.20 3.55
N ILE H 133 -44.77 -25.09 4.07
CA ILE H 133 -44.29 -26.03 5.07
C ILE H 133 -44.95 -25.73 6.41
N GLU H 134 -45.04 -26.73 7.27
CA GLU H 134 -45.54 -26.48 8.61
C GLU H 134 -44.40 -26.58 9.59
N ILE H 135 -43.74 -25.45 9.83
CA ILE H 135 -42.76 -25.38 10.91
C ILE H 135 -43.09 -24.26 11.90
N LYS H 136 -42.79 -24.50 13.18
CA LYS H 136 -43.14 -23.56 14.23
C LYS H 136 -42.02 -22.54 14.41
N LYS H 137 -40.79 -23.04 14.48
CA LYS H 137 -39.62 -22.18 14.66
C LYS H 137 -38.33 -22.78 14.14
N VAL H 138 -37.33 -21.93 13.99
CA VAL H 138 -35.99 -22.34 13.55
C VAL H 138 -34.96 -21.74 14.53
N TYR H 139 -34.04 -22.58 15.02
CA TYR H 139 -32.95 -22.13 15.89
C TYR H 139 -31.69 -22.01 15.06
N ILE H 140 -30.91 -20.94 15.27
CA ILE H 140 -29.57 -20.82 14.68
C ILE H 140 -28.58 -20.41 15.76
N CYS H 141 -27.48 -21.17 15.81
CA CYS H 141 -26.36 -20.89 16.68
C CYS H 141 -25.62 -19.66 16.18
N PRO H 142 -25.42 -18.65 17.05
CA PRO H 142 -24.81 -17.38 16.66
C PRO H 142 -23.28 -17.43 16.55
N ILE H 143 -22.69 -18.56 16.94
CA ILE H 143 -21.24 -18.74 16.90
C ILE H 143 -20.82 -19.46 15.61
N CYS H 144 -21.57 -20.50 15.25
CA CYS H 144 -21.19 -21.39 14.14
C CYS H 144 -22.26 -21.55 13.07
N GLY H 145 -23.45 -21.00 13.32
CA GLY H 145 -24.55 -21.02 12.35
C GLY H 145 -25.32 -22.32 12.28
N TYR H 146 -25.06 -23.22 13.23
CA TYR H 146 -25.77 -24.50 13.31
C TYR H 146 -27.28 -24.26 13.20
N THR H 147 -27.94 -25.05 12.36
CA THR H 147 -29.34 -24.80 12.01
C THR H 147 -30.27 -25.97 12.39
N ALA H 148 -31.28 -25.68 13.22
CA ALA H 148 -32.25 -26.68 13.68
C ALA H 148 -33.71 -26.22 13.56
N VAL H 149 -34.53 -27.04 12.90
CA VAL H 149 -35.95 -26.76 12.75
C VAL H 149 -36.73 -27.45 13.87
N ASP H 150 -37.57 -26.69 14.59
CA ASP H 150 -38.41 -27.16 15.71
C ASP H 150 -37.66 -27.81 16.91
N GLU H 151 -36.35 -28.04 16.74
CA GLU H 151 -35.52 -29.03 17.44
C GLU H 151 -34.58 -28.60 18.57
N ALA H 152 -33.46 -28.02 18.15
CA ALA H 152 -32.31 -27.72 18.98
C ALA H 152 -31.90 -28.80 20.01
N PRO H 153 -30.65 -29.31 19.89
CA PRO H 153 -30.08 -30.05 21.00
C PRO H 153 -29.83 -29.04 22.12
N GLU H 154 -29.66 -29.53 23.35
CA GLU H 154 -29.35 -28.67 24.50
C GLU H 154 -28.03 -27.90 24.36
N TYR H 155 -27.07 -28.48 23.67
CA TYR H 155 -25.83 -27.79 23.35
C TYR H 155 -25.60 -27.94 21.86
N CYS H 156 -24.89 -26.99 21.26
CA CYS H 156 -24.63 -27.04 19.81
C CYS H 156 -23.68 -28.21 19.51
N PRO H 157 -24.04 -29.08 18.54
CA PRO H 157 -23.20 -30.24 18.21
C PRO H 157 -21.89 -29.86 17.50
N VAL H 158 -21.83 -28.62 17.02
CA VAL H 158 -20.66 -28.10 16.31
C VAL H 158 -19.70 -27.36 17.25
N CYS H 159 -20.19 -26.35 17.96
CA CYS H 159 -19.32 -25.52 18.81
C CYS H 159 -19.56 -25.69 20.31
N GLY H 160 -20.63 -26.40 20.67
CA GLY H 160 -20.96 -26.62 22.08
C GLY H 160 -21.66 -25.49 22.84
N ALA H 161 -22.06 -24.43 22.11
CA ALA H 161 -22.76 -23.29 22.70
C ALA H 161 -24.11 -23.71 23.26
N PRO H 162 -24.51 -23.11 24.41
CA PRO H 162 -25.80 -23.47 25.01
C PRO H 162 -26.99 -23.06 24.16
N LYS H 163 -28.00 -23.92 24.14
CA LYS H 163 -29.28 -23.66 23.49
C LYS H 163 -29.83 -22.27 23.84
N GLU H 164 -29.66 -21.87 25.11
CA GLU H 164 -30.08 -20.54 25.59
C GLU H 164 -29.68 -19.42 24.63
N LYS H 165 -28.53 -19.60 23.98
CA LYS H 165 -27.97 -18.57 23.09
C LYS H 165 -28.44 -18.68 21.64
N PHE H 166 -29.19 -19.73 21.31
CA PHE H 166 -29.66 -19.90 19.94
C PHE H 166 -30.62 -18.77 19.56
N VAL H 167 -30.44 -18.26 18.35
CA VAL H 167 -31.33 -17.24 17.77
C VAL H 167 -32.58 -17.89 17.19
N VAL H 168 -33.74 -17.52 17.72
CA VAL H 168 -35.00 -18.13 17.31
C VAL H 168 -35.85 -17.25 16.39
N PHE H 169 -36.20 -17.81 15.23
CA PHE H 169 -37.21 -17.28 14.34
C PHE H 169 -38.45 -18.12 14.50
N GLU H 170 -39.54 -17.48 14.91
CA GLU H 170 -40.78 -18.18 15.19
C GLU H 170 -41.96 -17.40 14.61
FE FE I . 35.88 -10.11 11.07
FE1 FEO J . 21.91 -8.34 9.10
FE2 FEO J . 22.19 -5.05 9.81
O FEO J . 20.90 -6.50 8.92
FE FE K . 4.85 -5.84 35.40
FE1 FEO L . 13.09 3.39 27.63
FE2 FEO L . 14.80 3.18 30.63
O FEO L . 14.59 4.06 28.88
FE FE M . 4.41 -18.71 -13.98
FE FE N . 7.72 -18.14 -13.81
FE FE O . 10.20 -31.44 -18.47
O1 PEO P . -23.68 1.83 -0.51
O2 PEO P . -23.26 2.94 -1.40
FE FE Q . -38.26 6.00 -3.94
FE FE R . -24.71 0.70 -1.89
FE FE S . -25.02 3.01 0.48
FE FE T . 18.16 25.20 -2.17
FE FE U . -7.99 35.42 11.34
FE FE V . -4.49 23.55 4.38
FE FE W . -1.69 23.15 6.34
FE FE X . 18.80 26.99 -16.66
FE FE Y . 19.64 28.23 -2.54
FE FE Z . -1.07 2.39 -36.26
FE1 FEO AA . -7.80 -8.11 -28.45
FE2 FEO AA . -7.98 -9.14 -31.73
O FEO AA . -8.45 -9.48 -29.66
FE FE BA . -22.60 -23.64 17.41
FE1 FEO CA . -23.35 -20.45 3.10
FE2 FEO CA . -26.21 -22.24 3.71
O FEO CA . -25.15 -21.28 2.28
#